data_5K78
#
_entry.id   5K78
#
_cell.length_a   73.893
_cell.length_b   142.673
_cell.length_c   215.131
_cell.angle_alpha   90.00
_cell.angle_beta   90.00
_cell.angle_gamma   90.00
#
_symmetry.space_group_name_H-M   'P 21 21 21'
#
loop_
_entity.id
_entity.type
_entity.pdbx_description
1 polymer 'RNA lariat debranching enzyme, putative'
2 polymer "branch 1 of branched RNA 5'-UACUAA(2'-GUAUGU)CAAGU-3'"
3 polymer "branch 2 of branched RNA 5'-UACUAA(2'-GUAUGU)CAAGU-3'"
4 non-polymer 'FE (II) ION'
5 non-polymer 'ZINC ION'
6 non-polymer 'SULFATE ION'
7 water water
#
loop_
_entity_poly.entity_id
_entity_poly.type
_entity_poly.pdbx_seq_one_letter_code
_entity_poly.pdbx_strand_id
1 'polypeptide(L)'
;MATEQIQHIAIVGCVHGKYREMYRQLSEYEKSTGKEISFVICTGDMQTLRYEADLVYLKVPPKYKQMGDFHLYYEGKEKA
PYLTLFIGGNAESSNVLLHLYNGGFVCFNMYYLGVCSCININGLRIVGVSGIYKSFDEKKPYTYPPSPNDVVSLFHTRNY
VIQMLSNLSQSSQIDISLSHDWPQGIVMKGNYKQLYRFQPGFKKDGASLGSPINKVILNTLKPKYWISGHMHCEYHAEEG
PTHFIALGKIGYKNAISYLDLPLKQKTDLEYDKDWVCNLIMTWPAFSNKAQFPDLSYSISELLSKRTKELDKKIIELWEK
YIGLKIIYDSDTFDIQFTSRRFYIEKIYNELNINHHHHHH
;
A,B,C,D,E
2 'polyribonucleotide' UACUAACAAGU X,Y
3 'polyribonucleotide' GUAUGU x,y
#
# COMPACT_ATOMS: atom_id res chain seq x y z
N GLN A 5 32.51 32.46 28.07
CA GLN A 5 32.12 31.21 27.43
C GLN A 5 33.30 30.61 26.66
N ILE A 6 34.00 29.67 27.29
CA ILE A 6 35.23 29.12 26.76
C ILE A 6 35.10 27.60 26.65
N GLN A 7 35.65 27.05 25.57
CA GLN A 7 35.76 25.62 25.37
C GLN A 7 37.23 25.19 25.47
N HIS A 8 37.45 24.02 26.07
CA HIS A 8 38.79 23.47 26.27
C HIS A 8 38.94 22.29 25.32
N ILE A 9 39.82 22.42 24.34
CA ILE A 9 40.04 21.42 23.31
C ILE A 9 41.35 20.71 23.58
N ALA A 10 41.29 19.38 23.73
CA ALA A 10 42.47 18.57 23.93
C ALA A 10 43.08 18.22 22.58
N ILE A 11 44.35 18.58 22.38
CA ILE A 11 45.09 18.25 21.17
C ILE A 11 46.11 17.18 21.52
N VAL A 12 46.16 16.12 20.72
CA VAL A 12 46.99 14.96 21.01
C VAL A 12 47.87 14.67 19.80
N GLY A 13 49.13 14.33 20.06
CA GLY A 13 50.05 13.96 19.01
C GLY A 13 49.88 12.53 18.54
N CYS A 14 50.96 11.77 18.55
CA CYS A 14 50.91 10.37 18.13
C CYS A 14 50.35 9.51 19.25
N VAL A 15 49.39 8.65 18.92
CA VAL A 15 48.79 7.73 19.88
C VAL A 15 49.47 6.37 19.85
N HIS A 16 49.71 5.83 18.64
CA HIS A 16 50.40 4.55 18.47
C HIS A 16 49.72 3.44 19.25
N GLY A 17 48.39 3.41 19.20
CA GLY A 17 47.63 2.32 19.78
C GLY A 17 47.52 2.33 21.29
N LYS A 18 48.03 3.36 21.96
CA LYS A 18 47.93 3.46 23.42
C LYS A 18 46.76 4.36 23.83
N TYR A 19 45.56 3.89 23.47
CA TYR A 19 44.35 4.67 23.71
C TYR A 19 44.03 4.79 25.19
N ARG A 20 44.08 3.67 25.91
CA ARG A 20 43.74 3.69 27.34
C ARG A 20 44.66 4.64 28.11
N GLU A 21 45.93 4.72 27.72
CA GLU A 21 46.83 5.66 28.38
C GLU A 21 46.46 7.10 28.05
N MET A 22 46.04 7.36 26.81
CA MET A 22 45.64 8.71 26.42
C MET A 22 44.42 9.18 27.20
N TYR A 23 43.35 8.38 27.18
CA TYR A 23 42.14 8.77 27.88
C TYR A 23 42.35 8.79 29.39
N ARG A 24 43.24 7.96 29.91
CA ARG A 24 43.59 8.03 31.32
C ARG A 24 44.20 9.38 31.66
N GLN A 25 45.04 9.92 30.78
CA GLN A 25 45.63 11.24 31.01
C GLN A 25 44.58 12.33 30.83
N LEU A 26 43.74 12.21 29.80
CA LEU A 26 42.70 13.22 29.58
C LEU A 26 41.71 13.24 30.74
N SER A 27 41.31 12.08 31.24
CA SER A 27 40.40 12.03 32.37
C SER A 27 41.05 12.59 33.63
N GLU A 28 42.36 12.37 33.78
CA GLU A 28 43.06 12.94 34.94
C GLU A 28 43.07 14.46 34.89
N TYR A 29 43.27 15.03 33.69
CA TYR A 29 43.40 16.48 33.57
C TYR A 29 42.11 17.21 33.90
N GLU A 30 40.99 16.75 33.34
CA GLU A 30 39.74 17.48 33.55
C GLU A 30 39.27 17.37 34.99
N LYS A 31 39.54 16.25 35.67
CA LYS A 31 39.29 16.18 37.10
C LYS A 31 40.45 16.76 37.90
N SER A 32 41.61 16.96 37.27
CA SER A 32 42.64 17.74 37.93
C SER A 32 42.22 19.20 37.91
N THR A 33 42.18 19.82 36.75
CA THR A 33 42.02 21.27 36.69
C THR A 33 40.57 21.71 36.88
N GLY A 34 39.61 20.79 36.87
CA GLY A 34 38.23 21.18 36.95
C GLY A 34 37.65 21.64 35.63
N LYS A 35 38.48 21.87 34.63
CA LYS A 35 38.02 22.27 33.31
C LYS A 35 37.36 21.09 32.62
N GLU A 36 36.52 21.40 31.63
CA GLU A 36 35.82 20.37 30.88
C GLU A 36 36.37 20.31 29.47
N ILE A 37 36.66 19.09 29.01
CA ILE A 37 37.17 18.91 27.65
C ILE A 37 35.98 18.85 26.71
N SER A 38 35.98 19.72 25.70
CA SER A 38 34.89 19.70 24.71
C SER A 38 35.03 18.51 23.78
N PHE A 39 36.18 18.40 23.11
CA PHE A 39 36.47 17.25 22.25
C PHE A 39 37.98 17.12 22.13
N VAL A 40 38.41 16.02 21.54
CA VAL A 40 39.82 15.67 21.43
C VAL A 40 40.21 15.62 19.97
N ILE A 41 41.42 16.10 19.66
CA ILE A 41 41.97 16.11 18.31
C ILE A 41 43.30 15.37 18.32
N CYS A 42 43.45 14.40 17.42
CA CYS A 42 44.66 13.62 17.30
C CYS A 42 45.28 13.82 15.92
N THR A 43 46.61 13.77 15.86
CA THR A 43 47.36 14.12 14.66
C THR A 43 47.85 12.91 13.87
N GLY A 44 47.33 11.72 14.15
CA GLY A 44 47.62 10.55 13.35
C GLY A 44 48.37 9.49 14.14
N ASP A 45 48.77 8.44 13.41
CA ASP A 45 49.38 7.25 14.00
C ASP A 45 48.45 6.63 15.05
N MET A 46 47.24 6.29 14.60
CA MET A 46 46.20 5.79 15.51
C MET A 46 46.21 4.28 15.63
N GLN A 47 46.63 3.56 14.59
CA GLN A 47 46.70 2.10 14.60
C GLN A 47 45.35 1.49 14.97
N THR A 48 44.33 1.86 14.17
CA THR A 48 42.96 1.42 14.41
C THR A 48 42.79 -0.01 13.86
N LEU A 49 43.48 -0.95 14.49
CA LEU A 49 43.41 -2.35 14.12
C LEU A 49 42.22 -3.00 14.81
N ARG A 50 41.30 -3.55 14.01
CA ARG A 50 40.12 -4.20 14.57
C ARG A 50 40.44 -5.59 15.07
N TYR A 51 41.12 -6.39 14.26
CA TYR A 51 41.45 -7.77 14.60
C TYR A 51 42.87 -8.07 14.11
N GLU A 52 43.35 -9.27 14.44
CA GLU A 52 44.73 -9.65 14.12
C GLU A 52 45.03 -9.54 12.64
N ALA A 53 44.05 -9.81 11.78
CA ALA A 53 44.29 -9.77 10.34
C ALA A 53 44.65 -8.38 9.84
N ASP A 54 44.28 -7.33 10.58
CA ASP A 54 44.61 -5.97 10.17
C ASP A 54 46.08 -5.62 10.36
N LEU A 55 46.83 -6.44 11.10
CA LEU A 55 48.27 -6.18 11.27
C LEU A 55 49.02 -6.13 9.94
N VAL A 56 48.48 -6.76 8.89
CA VAL A 56 49.13 -6.74 7.59
C VAL A 56 49.29 -5.33 7.06
N TYR A 57 48.34 -4.45 7.35
CA TYR A 57 48.32 -3.11 6.77
C TYR A 57 49.04 -2.07 7.62
N LEU A 58 49.68 -2.48 8.72
CA LEU A 58 50.38 -1.56 9.60
C LEU A 58 51.86 -1.51 9.21
N LYS A 59 52.26 -0.45 8.52
CA LYS A 59 53.65 -0.30 8.07
C LYS A 59 54.50 0.18 9.23
N VAL A 60 55.05 -0.78 9.97
CA VAL A 60 55.94 -0.51 11.10
C VAL A 60 57.06 -1.54 11.09
N PRO A 61 58.17 -1.24 11.76
CA PRO A 61 59.22 -2.25 11.92
C PRO A 61 58.71 -3.45 12.70
N PRO A 62 59.35 -4.61 12.59
CA PRO A 62 58.83 -5.82 13.26
C PRO A 62 58.61 -5.65 14.75
N LYS A 63 59.44 -4.84 15.41
CA LYS A 63 59.34 -4.66 16.85
C LYS A 63 58.10 -3.89 17.26
N TYR A 64 57.34 -3.34 16.31
CA TYR A 64 56.13 -2.59 16.61
C TYR A 64 54.88 -3.20 15.98
N LYS A 65 54.97 -4.43 15.46
CA LYS A 65 53.82 -5.14 14.91
C LYS A 65 52.93 -5.60 16.07
N GLN A 66 52.16 -4.66 16.62
CA GLN A 66 51.34 -4.91 17.79
C GLN A 66 49.92 -4.41 17.55
N MET A 67 48.98 -5.02 18.27
CA MET A 67 47.57 -4.68 18.10
C MET A 67 47.26 -3.31 18.69
N GLY A 68 47.67 -3.07 19.93
CA GLY A 68 47.31 -1.85 20.61
C GLY A 68 46.00 -1.97 21.36
N ASP A 69 45.47 -0.81 21.75
CA ASP A 69 44.25 -0.74 22.54
C ASP A 69 42.99 -0.61 21.70
N PHE A 70 43.10 -0.31 20.40
CA PHE A 70 41.93 0.05 19.62
C PHE A 70 40.91 -1.07 19.57
N HIS A 71 41.38 -2.32 19.46
CA HIS A 71 40.45 -3.44 19.34
C HIS A 71 39.50 -3.52 20.53
N LEU A 72 39.93 -3.05 21.70
CA LEU A 72 39.04 -3.00 22.85
C LEU A 72 37.89 -2.03 22.61
N TYR A 73 38.18 -0.89 21.97
CA TYR A 73 37.12 0.09 21.70
C TYR A 73 36.24 -0.37 20.54
N TYR A 74 36.82 -0.99 19.52
CA TYR A 74 36.03 -1.52 18.41
C TYR A 74 35.11 -2.64 18.89
N GLU A 75 35.62 -3.55 19.72
CA GLU A 75 34.79 -4.61 20.29
C GLU A 75 33.75 -4.08 21.27
N GLY A 76 33.87 -2.82 21.70
CA GLY A 76 32.91 -2.23 22.61
C GLY A 76 33.20 -2.44 24.08
N LYS A 77 34.27 -3.16 24.42
CA LYS A 77 34.61 -3.40 25.82
C LYS A 77 35.28 -2.19 26.46
N GLU A 78 35.66 -1.19 25.68
CA GLU A 78 36.07 0.12 26.18
C GLU A 78 35.29 1.18 25.41
N LYS A 79 35.06 2.31 26.08
CA LYS A 79 34.27 3.40 25.51
C LYS A 79 35.03 4.71 25.63
N ALA A 80 35.30 5.34 24.50
CA ALA A 80 36.02 6.61 24.49
C ALA A 80 35.20 7.66 25.23
N PRO A 81 35.72 8.26 26.30
CA PRO A 81 34.91 9.21 27.08
C PRO A 81 34.74 10.57 26.43
N TYR A 82 35.49 10.89 25.38
CA TYR A 82 35.39 12.17 24.70
C TYR A 82 35.28 11.94 23.20
N LEU A 83 34.56 12.84 22.53
CA LEU A 83 34.52 12.81 21.08
C LEU A 83 35.92 13.10 20.53
N THR A 84 36.45 12.15 19.77
CA THR A 84 37.83 12.23 19.29
C THR A 84 37.83 12.30 17.76
N LEU A 85 38.24 13.44 17.22
CA LEU A 85 38.44 13.61 15.79
C LEU A 85 39.92 13.43 15.49
N PHE A 86 40.21 12.65 14.44
CA PHE A 86 41.61 12.32 14.16
C PHE A 86 41.81 12.21 12.66
N ILE A 87 43.07 12.33 12.25
CA ILE A 87 43.50 12.09 10.87
C ILE A 87 44.39 10.87 10.87
N GLY A 88 44.89 10.50 9.70
CA GLY A 88 45.76 9.35 9.54
C GLY A 88 47.22 9.76 9.47
N GLY A 89 48.09 8.92 10.01
CA GLY A 89 49.52 9.14 9.94
C GLY A 89 50.21 8.14 9.02
N ASN A 90 51.33 7.58 9.49
CA ASN A 90 52.03 6.54 8.75
C ASN A 90 51.91 5.16 9.39
N ALA A 91 51.67 5.10 10.70
CA ALA A 91 51.43 3.84 11.39
C ALA A 91 49.91 3.71 11.56
N GLU A 92 49.26 3.16 10.55
CA GLU A 92 47.80 3.08 10.53
C GLU A 92 47.37 1.73 10.00
N SER A 93 46.13 1.37 10.31
CA SER A 93 45.45 0.27 9.62
C SER A 93 44.93 0.82 8.31
N SER A 94 45.83 0.88 7.32
CA SER A 94 45.56 1.60 6.09
C SER A 94 44.35 1.05 5.34
N ASN A 95 44.06 -0.25 5.51
CA ASN A 95 42.87 -0.81 4.88
C ASN A 95 41.61 -0.17 5.46
N VAL A 96 41.56 0.03 6.77
CA VAL A 96 40.41 0.65 7.41
C VAL A 96 40.23 2.08 6.92
N LEU A 97 41.32 2.86 6.92
CA LEU A 97 41.22 4.26 6.55
C LEU A 97 40.91 4.46 5.07
N LEU A 98 41.19 3.46 4.23
CA LEU A 98 40.83 3.58 2.82
C LEU A 98 39.34 3.36 2.63
N HIS A 99 38.75 2.40 3.35
CA HIS A 99 37.30 2.25 3.35
C HIS A 99 36.62 3.56 3.73
N LEU A 100 37.19 4.27 4.70
CA LEU A 100 36.64 5.52 5.21
C LEU A 100 37.37 6.73 4.66
N TYR A 101 37.76 6.71 3.39
CA TYR A 101 38.48 7.84 2.82
C TYR A 101 37.61 9.11 2.75
N ASN A 102 36.29 8.95 2.77
CA ASN A 102 35.36 10.07 2.92
C ASN A 102 35.00 10.34 4.38
N GLY A 103 35.79 9.82 5.31
CA GLY A 103 35.51 9.98 6.72
C GLY A 103 34.58 8.89 7.23
N GLY A 104 34.47 8.82 8.54
CA GLY A 104 33.58 7.87 9.17
C GLY A 104 34.03 7.54 10.58
N PHE A 105 33.08 7.03 11.35
CA PHE A 105 33.35 6.57 12.71
C PHE A 105 33.95 5.16 12.67
N VAL A 106 35.18 5.02 13.16
CA VAL A 106 35.75 3.68 13.34
C VAL A 106 35.18 2.99 14.57
N CYS A 107 34.66 3.75 15.53
CA CYS A 107 33.93 3.25 16.69
C CYS A 107 33.29 4.45 17.37
N PHE A 108 32.56 4.20 18.45
CA PHE A 108 31.86 5.27 19.15
C PHE A 108 32.83 6.34 19.63
N ASN A 109 32.54 7.59 19.27
CA ASN A 109 33.27 8.80 19.67
C ASN A 109 34.66 8.89 19.04
N MET A 110 34.95 8.11 18.00
CA MET A 110 36.22 8.20 17.28
C MET A 110 35.90 8.37 15.80
N TYR A 111 35.99 9.61 15.31
CA TYR A 111 35.65 9.95 13.94
C TYR A 111 36.91 10.20 13.14
N TYR A 112 37.07 9.48 12.04
CA TYR A 112 38.16 9.69 11.10
C TYR A 112 37.77 10.76 10.09
N LEU A 113 38.69 11.70 9.84
CA LEU A 113 38.39 12.83 8.97
C LEU A 113 38.53 12.51 7.49
N GLY A 114 38.94 11.29 7.14
CA GLY A 114 39.11 10.93 5.75
C GLY A 114 40.51 11.27 5.26
N VAL A 115 40.70 11.09 3.95
CA VAL A 115 41.95 11.53 3.33
C VAL A 115 42.17 13.01 3.59
N CYS A 116 41.11 13.80 3.47
CA CYS A 116 41.08 15.21 3.83
C CYS A 116 39.62 15.63 3.84
N SER A 117 39.28 16.60 4.69
CA SER A 117 37.93 17.12 4.77
C SER A 117 37.94 18.34 5.68
N CYS A 118 36.77 18.94 5.84
CA CYS A 118 36.52 20.00 6.80
C CYS A 118 35.25 19.68 7.56
N ILE A 119 35.26 19.91 8.87
CA ILE A 119 34.12 19.61 9.72
C ILE A 119 33.75 20.86 10.50
N ASN A 120 32.53 20.83 11.06
CA ASN A 120 32.03 21.91 11.91
C ASN A 120 31.73 21.37 13.30
N ILE A 121 32.16 22.12 14.31
CA ILE A 121 31.85 21.78 15.71
C ILE A 121 32.06 23.01 16.58
N ASN A 122 31.06 23.32 17.41
CA ASN A 122 31.12 24.44 18.36
C ASN A 122 31.49 25.75 17.66
N GLY A 123 30.96 25.93 16.44
CA GLY A 123 31.24 27.12 15.68
C GLY A 123 32.61 27.19 15.05
N LEU A 124 33.39 26.11 15.14
CA LEU A 124 34.73 26.06 14.56
C LEU A 124 34.73 25.29 13.25
N ARG A 125 35.67 25.63 12.40
CA ARG A 125 35.93 24.90 11.16
C ARG A 125 37.31 24.25 11.28
N ILE A 126 37.34 22.92 11.16
CA ILE A 126 38.55 22.15 11.39
C ILE A 126 38.87 21.37 10.12
N VAL A 127 40.09 21.55 9.61
CA VAL A 127 40.56 20.89 8.39
C VAL A 127 41.59 19.83 8.76
N GLY A 128 41.53 18.69 8.09
CA GLY A 128 42.48 17.62 8.32
C GLY A 128 43.15 17.18 7.04
N VAL A 129 44.44 16.86 7.14
CA VAL A 129 45.23 16.35 6.01
C VAL A 129 45.97 15.12 6.53
N SER A 130 45.63 13.95 5.99
CA SER A 130 46.17 12.68 6.48
C SER A 130 47.44 12.30 5.72
N GLY A 131 48.25 11.46 6.37
CA GLY A 131 49.41 10.87 5.74
C GLY A 131 50.69 11.67 5.90
N ILE A 132 51.75 11.10 5.35
CA ILE A 132 53.05 11.76 5.28
C ILE A 132 53.46 11.85 3.81
N TYR A 133 54.35 12.79 3.52
CA TYR A 133 54.69 13.10 2.14
C TYR A 133 55.84 12.22 1.65
N LYS A 134 55.66 11.64 0.46
CA LYS A 134 56.72 10.96 -0.27
C LYS A 134 56.56 11.32 -1.74
N SER A 135 57.62 11.91 -2.32
CA SER A 135 57.49 12.51 -3.65
C SER A 135 57.05 11.50 -4.69
N PHE A 136 57.56 10.28 -4.62
CA PHE A 136 57.29 9.30 -5.66
C PHE A 136 55.86 8.75 -5.63
N ASP A 137 55.05 9.14 -4.65
CA ASP A 137 53.67 8.66 -4.56
C ASP A 137 52.65 9.79 -4.52
N GLU A 138 53.05 11.05 -4.65
CA GLU A 138 52.10 12.14 -4.48
C GLU A 138 51.09 12.23 -5.60
N LYS A 139 51.40 11.68 -6.78
CA LYS A 139 50.47 11.66 -7.91
C LYS A 139 49.92 10.26 -8.17
N LYS A 140 50.04 9.36 -7.19
CA LYS A 140 49.60 7.98 -7.37
C LYS A 140 48.18 7.81 -6.86
N PRO A 141 47.28 7.22 -7.64
CA PRO A 141 45.89 7.05 -7.20
C PRO A 141 45.76 5.92 -6.19
N TYR A 142 44.59 5.88 -5.56
CA TYR A 142 44.23 4.80 -4.66
C TYR A 142 43.57 3.66 -5.45
N THR A 143 43.81 2.43 -5.00
CA THR A 143 43.21 1.25 -5.59
C THR A 143 42.31 0.59 -4.54
N TYR A 144 41.08 0.26 -4.94
CA TYR A 144 40.11 -0.31 -4.01
C TYR A 144 39.51 -1.59 -4.62
N PRO A 145 39.31 -2.64 -3.80
CA PRO A 145 39.55 -2.73 -2.35
C PRO A 145 41.04 -2.76 -1.98
N PRO A 146 41.36 -2.41 -0.74
CA PRO A 146 42.77 -2.35 -0.33
C PRO A 146 43.45 -3.70 -0.45
N SER A 147 44.69 -3.68 -0.95
CA SER A 147 45.49 -4.88 -1.14
C SER A 147 46.73 -4.83 -0.25
N PRO A 148 47.20 -5.98 0.24
CA PRO A 148 48.42 -6.00 1.06
C PRO A 148 49.66 -5.48 0.35
N ASN A 149 49.67 -5.41 -0.98
CA ASN A 149 50.82 -4.85 -1.68
C ASN A 149 50.96 -3.35 -1.47
N ASP A 150 49.88 -2.66 -1.13
CA ASP A 150 49.88 -1.20 -1.03
C ASP A 150 50.15 -0.71 0.39
N VAL A 151 50.64 -1.58 1.29
CA VAL A 151 50.87 -1.16 2.67
CA VAL A 151 50.87 -1.16 2.67
C VAL A 151 51.89 -0.04 2.74
N VAL A 152 52.87 -0.03 1.82
CA VAL A 152 53.91 0.99 1.87
C VAL A 152 53.48 2.32 1.28
N SER A 153 52.39 2.36 0.50
CA SER A 153 52.01 3.56 -0.22
C SER A 153 50.65 4.14 0.16
N LEU A 154 49.83 3.42 0.92
CA LEU A 154 48.49 3.90 1.22
C LEU A 154 48.51 5.13 2.10
N PHE A 155 49.47 5.24 3.01
CA PHE A 155 49.55 6.34 3.96
C PHE A 155 50.32 7.54 3.43
N HIS A 156 50.61 7.59 2.13
CA HIS A 156 51.33 8.71 1.55
C HIS A 156 50.35 9.78 1.11
N THR A 157 50.65 11.03 1.45
CA THR A 157 49.77 12.13 1.09
C THR A 157 49.79 12.36 -0.42
N ARG A 158 48.60 12.42 -1.01
CA ARG A 158 48.47 12.65 -2.44
C ARG A 158 48.42 14.14 -2.75
N ASN A 159 48.91 14.51 -3.93
CA ASN A 159 48.98 15.92 -4.30
C ASN A 159 47.60 16.53 -4.49
N TYR A 160 46.61 15.72 -4.88
CA TYR A 160 45.31 16.27 -5.26
C TYR A 160 44.57 16.89 -4.08
N VAL A 161 44.98 16.60 -2.84
CA VAL A 161 44.31 17.20 -1.70
C VAL A 161 44.53 18.70 -1.65
N ILE A 162 45.57 19.20 -2.33
CA ILE A 162 45.80 20.65 -2.39
C ILE A 162 44.64 21.33 -3.12
N GLN A 163 44.18 20.73 -4.23
CA GLN A 163 43.09 21.32 -4.99
C GLN A 163 41.72 21.03 -4.39
N MET A 164 41.60 19.99 -3.56
CA MET A 164 40.34 19.71 -2.88
C MET A 164 40.06 20.66 -1.73
N LEU A 165 41.08 21.34 -1.21
CA LEU A 165 40.94 22.18 -0.04
C LEU A 165 41.20 23.66 -0.30
N SER A 166 41.63 24.02 -1.51
CA SER A 166 42.15 25.36 -1.75
C SER A 166 41.08 26.44 -1.56
N ASN A 167 39.82 26.11 -1.85
CA ASN A 167 38.75 27.10 -1.82
C ASN A 167 38.06 27.20 -0.47
N LEU A 168 38.48 26.42 0.53
CA LEU A 168 37.79 26.39 1.81
C LEU A 168 37.91 27.68 2.60
N SER A 169 38.89 28.51 2.29
CA SER A 169 39.13 29.74 3.03
C SER A 169 38.46 30.96 2.39
N GLN A 170 37.63 30.75 1.37
CA GLN A 170 37.00 31.86 0.67
C GLN A 170 35.79 32.40 1.41
N SER A 171 34.94 31.51 1.95
CA SER A 171 33.72 31.95 2.60
C SER A 171 33.95 32.45 4.02
N SER A 172 34.77 31.74 4.79
CA SER A 172 35.05 32.14 6.17
C SER A 172 36.43 31.63 6.54
N GLN A 173 36.80 31.85 7.80
CA GLN A 173 38.15 31.56 8.27
C GLN A 173 38.25 30.15 8.81
N ILE A 174 39.38 29.50 8.54
CA ILE A 174 39.65 28.18 9.10
C ILE A 174 40.26 28.37 10.49
N ASP A 175 39.65 27.72 11.49
CA ASP A 175 40.12 27.87 12.86
C ASP A 175 41.31 26.97 13.14
N ILE A 176 41.17 25.66 12.89
CA ILE A 176 42.19 24.67 13.20
C ILE A 176 42.44 23.83 11.96
N SER A 177 43.71 23.52 11.70
CA SER A 177 44.09 22.64 10.60
C SER A 177 45.03 21.56 11.10
N LEU A 178 44.88 20.35 10.57
CA LEU A 178 45.60 19.17 11.04
C LEU A 178 46.43 18.57 9.91
N SER A 179 47.69 18.25 10.23
CA SER A 179 48.53 17.41 9.39
C SER A 179 49.32 16.49 10.31
N HIS A 180 49.87 15.41 9.74
CA HIS A 180 50.70 14.50 10.54
C HIS A 180 52.13 15.01 10.54
N ASP A 181 52.82 14.92 9.40
CA ASP A 181 54.13 15.52 9.30
C ASP A 181 54.01 17.05 9.19
N TRP A 182 55.08 17.74 9.56
CA TRP A 182 55.03 19.18 9.65
C TRP A 182 54.94 19.82 8.27
N PRO A 183 54.36 21.02 8.18
CA PRO A 183 54.47 21.80 6.94
C PRO A 183 55.91 22.14 6.64
N GLN A 184 56.33 21.89 5.39
CA GLN A 184 57.71 22.09 5.01
C GLN A 184 58.14 23.53 5.26
N GLY A 185 59.24 23.70 5.98
CA GLY A 185 59.77 25.01 6.27
C GLY A 185 59.29 25.63 7.56
N ILE A 186 58.27 25.06 8.20
CA ILE A 186 57.78 25.64 9.45
C ILE A 186 58.83 25.51 10.56
N VAL A 187 59.80 24.63 10.39
CA VAL A 187 60.88 24.50 11.37
C VAL A 187 61.71 25.77 11.42
N MET A 188 61.74 26.53 10.33
CA MET A 188 62.52 27.75 10.24
C MET A 188 61.85 28.93 10.92
N LYS A 189 60.69 28.72 11.51
CA LYS A 189 59.91 29.84 12.04
C LYS A 189 59.67 29.73 13.55
N GLY A 190 60.48 28.97 14.26
CA GLY A 190 60.42 28.94 15.71
C GLY A 190 61.80 28.86 16.34
N ASN A 191 61.87 28.45 17.61
CA ASN A 191 63.15 28.30 18.31
C ASN A 191 63.77 26.98 17.89
N TYR A 192 64.46 27.00 16.74
CA TYR A 192 65.03 25.76 16.21
C TYR A 192 66.33 25.37 16.89
N LYS A 193 67.10 26.34 17.38
CA LYS A 193 68.33 26.01 18.09
C LYS A 193 68.04 25.29 19.40
N GLN A 194 66.90 25.58 20.04
CA GLN A 194 66.47 24.79 21.18
C GLN A 194 65.93 23.44 20.73
N LEU A 195 65.22 23.40 19.60
CA LEU A 195 64.72 22.14 19.07
C LEU A 195 65.86 21.22 18.66
N TYR A 196 66.95 21.78 18.16
CA TYR A 196 68.10 20.96 17.78
C TYR A 196 68.79 20.38 19.00
N ARG A 197 68.65 21.01 20.17
CA ARG A 197 69.15 20.42 21.40
C ARG A 197 68.29 19.25 21.86
N PHE A 198 66.99 19.24 21.51
CA PHE A 198 66.18 18.06 21.73
C PHE A 198 66.63 16.93 20.81
N GLN A 199 66.75 17.20 19.52
CA GLN A 199 67.16 16.20 18.53
C GLN A 199 68.08 16.87 17.51
N PRO A 200 69.39 16.62 17.60
CA PRO A 200 70.30 17.14 16.57
C PRO A 200 70.18 16.43 15.24
N GLY A 201 69.25 15.48 15.12
CA GLY A 201 69.00 14.84 13.83
C GLY A 201 68.22 15.73 12.90
N PHE A 202 67.34 16.57 13.44
CA PHE A 202 66.53 17.46 12.61
C PHE A 202 67.37 18.54 11.96
N LYS A 203 68.60 18.75 12.43
CA LYS A 203 69.46 19.77 11.85
C LYS A 203 69.97 19.35 10.48
N LYS A 204 70.03 18.04 10.21
CA LYS A 204 70.42 17.58 8.90
C LYS A 204 69.43 18.03 7.84
N ASP A 205 68.13 17.80 8.10
CA ASP A 205 67.10 18.18 7.14
C ASP A 205 66.99 19.69 7.01
N GLY A 206 67.15 20.40 8.12
CA GLY A 206 67.16 21.86 8.07
C GLY A 206 65.80 22.41 7.70
N ALA A 207 65.78 23.32 6.72
CA ALA A 207 64.54 23.95 6.29
C ALA A 207 63.71 23.06 5.39
N SER A 208 64.31 22.05 4.76
CA SER A 208 63.55 21.16 3.89
C SER A 208 62.73 20.14 4.66
N LEU A 209 62.81 20.16 5.99
CA LEU A 209 62.07 19.24 6.82
C LEU A 209 60.58 19.52 6.73
N GLY A 210 59.80 18.47 6.53
CA GLY A 210 58.35 18.57 6.52
C GLY A 210 57.77 18.27 5.14
N SER A 211 56.45 18.36 5.07
CA SER A 211 55.70 18.04 3.85
C SER A 211 55.51 19.31 3.04
N PRO A 212 55.94 19.34 1.77
CA PRO A 212 55.64 20.52 0.94
C PRO A 212 54.16 20.66 0.64
N ILE A 213 53.40 19.56 0.67
CA ILE A 213 51.95 19.65 0.46
C ILE A 213 51.31 20.45 1.58
N ASN A 214 51.70 20.18 2.83
CA ASN A 214 51.15 20.94 3.95
C ASN A 214 51.62 22.40 3.93
N LYS A 215 52.78 22.68 3.34
CA LYS A 215 53.21 24.07 3.24
C LYS A 215 52.29 24.87 2.33
N VAL A 216 51.93 24.30 1.18
CA VAL A 216 51.00 24.98 0.28
C VAL A 216 49.65 25.17 0.94
N ILE A 217 49.17 24.14 1.64
CA ILE A 217 47.87 24.23 2.32
C ILE A 217 47.93 25.26 3.45
N LEU A 218 49.03 25.30 4.20
CA LEU A 218 49.15 26.27 5.28
C LEU A 218 49.12 27.70 4.76
N ASN A 219 49.86 27.98 3.68
CA ASN A 219 49.89 29.34 3.16
C ASN A 219 48.58 29.72 2.48
N THR A 220 47.86 28.74 1.92
CA THR A 220 46.62 29.03 1.24
C THR A 220 45.44 29.13 2.21
N LEU A 221 45.29 28.15 3.10
CA LEU A 221 44.12 28.08 3.96
C LEU A 221 44.24 28.86 5.25
N LYS A 222 45.33 29.60 5.46
CA LYS A 222 45.24 30.79 6.30
C LYS A 222 45.01 30.52 7.80
N PRO A 223 45.09 29.28 8.28
CA PRO A 223 44.37 28.95 9.52
C PRO A 223 44.92 29.67 10.74
N LYS A 224 44.08 29.75 11.78
CA LYS A 224 44.50 30.32 13.05
C LYS A 224 45.48 29.40 13.77
N TYR A 225 45.31 28.08 13.63
CA TYR A 225 46.16 27.11 14.28
C TYR A 225 46.48 25.98 13.30
N TRP A 226 47.69 25.43 13.44
CA TRP A 226 48.08 24.24 12.69
C TRP A 226 48.79 23.30 13.65
N ILE A 227 48.18 22.13 13.89
CA ILE A 227 48.70 21.15 14.84
C ILE A 227 49.18 19.93 14.07
N SER A 228 50.37 19.45 14.41
CA SER A 228 50.99 18.33 13.74
C SER A 228 51.67 17.44 14.77
N GLY A 229 52.12 16.26 14.31
CA GLY A 229 52.84 15.34 15.16
C GLY A 229 53.99 14.66 14.47
N HIS A 230 53.98 13.32 14.45
CA HIS A 230 54.92 12.52 13.67
C HIS A 230 56.34 12.56 14.23
N MET A 231 56.78 13.72 14.69
CA MET A 231 58.18 13.91 15.08
C MET A 231 58.46 13.54 16.54
N HIS A 232 57.45 13.18 17.32
CA HIS A 232 57.63 12.71 18.70
C HIS A 232 58.33 13.75 19.56
N CYS A 233 58.02 15.03 19.34
CA CYS A 233 58.65 16.08 20.13
C CYS A 233 57.73 17.29 20.19
N GLU A 234 57.97 18.14 21.19
CA GLU A 234 57.25 19.38 21.36
C GLU A 234 57.93 20.49 20.56
N TYR A 235 57.12 21.38 19.99
CA TYR A 235 57.64 22.49 19.19
C TYR A 235 56.51 23.46 18.90
N HIS A 236 56.81 24.76 18.97
CA HIS A 236 55.87 25.82 18.64
C HIS A 236 56.56 26.81 17.72
N ALA A 237 55.89 27.19 16.64
CA ALA A 237 56.42 28.14 15.68
C ALA A 237 55.31 29.09 15.25
N GLU A 238 55.73 30.21 14.65
CA GLU A 238 54.79 31.23 14.20
C GLU A 238 55.18 31.65 12.79
N GLU A 239 54.28 31.41 11.84
CA GLU A 239 54.40 31.90 10.47
C GLU A 239 53.14 32.70 10.19
N GLY A 240 53.28 34.02 10.17
CA GLY A 240 52.12 34.86 10.08
C GLY A 240 51.30 34.68 11.34
N PRO A 241 50.02 34.36 11.19
CA PRO A 241 49.15 34.18 12.35
C PRO A 241 49.08 32.77 12.88
N THR A 242 49.69 31.82 12.20
CA THR A 242 49.32 30.44 12.41
C THR A 242 50.15 30.00 13.57
N HIS A 243 49.47 29.64 14.64
CA HIS A 243 50.20 29.13 15.79
C HIS A 243 50.44 27.68 15.43
N PHE A 244 51.70 27.37 15.18
CA PHE A 244 52.05 26.01 14.83
C PHE A 244 52.36 25.31 16.13
N ILE A 245 51.80 24.12 16.29
CA ILE A 245 51.96 23.37 17.52
C ILE A 245 52.26 21.94 17.13
N ALA A 246 53.42 21.46 17.53
CA ALA A 246 53.82 20.09 17.31
C ALA A 246 53.73 19.36 18.63
N LEU A 247 53.30 18.11 18.58
CA LEU A 247 53.07 17.33 19.78
C LEU A 247 53.89 16.05 19.68
N GLY A 248 54.10 15.41 20.83
CA GLY A 248 54.91 14.23 20.93
C GLY A 248 54.06 12.98 20.90
N LYS A 249 54.66 11.89 21.32
CA LYS A 249 54.01 10.59 21.30
C LYS A 249 53.43 10.27 22.68
N ILE A 250 52.29 9.59 22.68
CA ILE A 250 51.68 9.17 23.94
C ILE A 250 52.65 8.27 24.70
N GLY A 251 52.75 8.49 26.00
CA GLY A 251 53.73 7.81 26.82
C GLY A 251 54.69 8.81 27.42
N TYR A 252 55.01 9.85 26.65
CA TYR A 252 55.75 11.00 27.14
C TYR A 252 54.78 12.15 27.35
N LYS A 253 54.93 12.86 28.46
CA LYS A 253 53.95 13.88 28.85
C LYS A 253 54.14 15.18 28.09
N ASN A 254 54.57 15.08 26.82
CA ASN A 254 54.66 16.24 25.93
C ASN A 254 53.75 16.07 24.71
N ALA A 255 52.88 15.06 24.73
CA ALA A 255 52.02 14.74 23.59
C ALA A 255 50.71 15.49 23.60
N ILE A 256 50.18 15.84 24.78
CA ILE A 256 48.85 16.41 24.90
C ILE A 256 48.98 17.84 25.40
N SER A 257 48.49 18.79 24.61
CA SER A 257 48.33 20.18 24.99
C SER A 257 46.84 20.52 24.93
N TYR A 258 46.51 21.77 25.19
CA TYR A 258 45.10 22.18 25.27
C TYR A 258 44.93 23.57 24.67
N LEU A 259 43.93 23.70 23.79
CA LEU A 259 43.58 24.97 23.18
C LEU A 259 42.36 25.54 23.91
N ASP A 260 42.56 26.63 24.64
CA ASP A 260 41.47 27.32 25.32
C ASP A 260 40.96 28.40 24.38
N LEU A 261 39.90 28.09 23.65
CA LEU A 261 39.36 28.93 22.60
C LEU A 261 37.98 29.47 22.98
N PRO A 262 37.56 30.59 22.39
CA PRO A 262 36.23 31.12 22.69
C PRO A 262 35.14 30.19 22.16
N LEU A 263 34.08 30.05 22.94
CA LEU A 263 32.96 29.17 22.60
C LEU A 263 31.80 30.04 22.12
N LYS A 264 31.59 30.05 20.81
CA LYS A 264 30.49 30.82 20.23
C LYS A 264 29.15 30.17 20.57
N GLN A 265 29.00 28.89 20.28
CA GLN A 265 27.77 28.16 20.59
C GLN A 265 28.09 26.67 20.54
N LYS A 266 27.80 25.96 21.63
CA LYS A 266 27.95 24.51 21.67
C LYS A 266 27.12 23.87 20.57
N THR A 267 27.77 23.34 19.54
CA THR A 267 27.11 22.79 18.37
C THR A 267 27.70 21.41 18.07
N ASP A 268 26.83 20.48 17.69
CA ASP A 268 27.25 19.11 17.42
C ASP A 268 28.19 19.03 16.22
N LEU A 269 28.86 17.90 16.10
CA LEU A 269 29.75 17.67 14.96
C LEU A 269 28.93 17.57 13.68
N GLU A 270 29.22 18.45 12.73
CA GLU A 270 28.50 18.51 11.47
C GLU A 270 29.47 18.59 10.31
N TYR A 271 28.97 18.21 9.13
CA TYR A 271 29.76 18.36 7.92
C TYR A 271 29.87 19.83 7.56
N ASP A 272 31.03 20.23 7.03
CA ASP A 272 31.22 21.59 6.56
C ASP A 272 30.53 21.77 5.21
N LYS A 273 29.73 22.82 5.08
CA LYS A 273 28.96 23.04 3.86
C LYS A 273 29.87 23.16 2.65
N ASP A 274 30.90 24.01 2.74
CA ASP A 274 31.80 24.22 1.61
C ASP A 274 32.48 22.92 1.20
N TRP A 275 32.89 22.10 2.18
CA TRP A 275 33.50 20.83 1.85
C TRP A 275 32.51 19.89 1.18
N VAL A 276 31.26 19.87 1.66
CA VAL A 276 30.24 19.01 1.07
C VAL A 276 30.04 19.34 -0.41
N CYS A 277 30.05 20.63 -0.75
CA CYS A 277 29.92 21.02 -2.15
C CYS A 277 31.15 20.60 -2.96
N ASN A 278 32.34 20.76 -2.37
CA ASN A 278 33.56 20.28 -3.04
C ASN A 278 33.50 18.78 -3.25
N LEU A 279 32.96 18.03 -2.28
CA LEU A 279 32.89 16.59 -2.40
C LEU A 279 31.95 16.17 -3.53
N ILE A 280 30.83 16.86 -3.69
CA ILE A 280 29.86 16.49 -4.71
C ILE A 280 30.33 16.89 -6.10
N MET A 281 30.86 18.11 -6.23
CA MET A 281 31.26 18.62 -7.54
C MET A 281 32.47 17.90 -8.10
N THR A 282 33.19 17.13 -7.29
CA THR A 282 34.35 16.37 -7.76
C THR A 282 34.03 14.90 -8.00
N TRP A 283 32.76 14.50 -7.87
CA TRP A 283 32.40 13.09 -8.05
C TRP A 283 32.85 12.48 -9.37
N PRO A 284 32.81 13.19 -10.52
CA PRO A 284 33.35 12.57 -11.76
C PRO A 284 34.77 12.04 -11.61
N ALA A 285 35.63 12.72 -10.85
CA ALA A 285 36.99 12.25 -10.67
C ALA A 285 37.05 11.00 -9.79
N PHE A 286 36.00 10.73 -9.02
CA PHE A 286 35.97 9.58 -8.11
C PHE A 286 34.94 8.54 -8.52
N SER A 287 34.41 8.62 -9.73
CA SER A 287 33.31 7.74 -10.13
C SER A 287 33.75 6.29 -10.27
N ASN A 288 35.04 6.04 -10.55
CA ASN A 288 35.56 4.70 -10.68
C ASN A 288 35.97 4.22 -9.30
N LYS A 289 35.20 3.29 -8.73
CA LYS A 289 35.46 2.83 -7.38
C LYS A 289 36.75 2.01 -7.27
N ALA A 290 37.23 1.45 -8.38
CA ALA A 290 38.44 0.65 -8.34
C ALA A 290 39.71 1.49 -8.34
N GLN A 291 39.63 2.74 -8.80
CA GLN A 291 40.81 3.59 -8.88
C GLN A 291 40.39 5.04 -8.86
N PHE A 292 40.78 5.77 -7.83
CA PHE A 292 40.42 7.18 -7.67
C PHE A 292 41.54 7.94 -6.96
N PRO A 293 41.68 9.25 -7.24
CA PRO A 293 40.92 10.01 -8.23
C PRO A 293 41.47 9.91 -9.65
N ASP A 294 40.59 9.98 -10.64
CA ASP A 294 40.99 10.04 -12.04
C ASP A 294 41.54 11.42 -12.34
N LEU A 295 42.87 11.56 -12.35
CA LEU A 295 43.49 12.86 -12.51
C LEU A 295 43.49 13.34 -13.96
N SER A 296 42.86 12.61 -14.88
CA SER A 296 42.56 13.18 -16.19
C SER A 296 41.57 14.32 -16.07
N TYR A 297 40.70 14.27 -15.06
CA TYR A 297 39.89 15.42 -14.68
C TYR A 297 40.75 16.43 -13.94
N SER A 298 40.37 17.71 -14.05
CA SER A 298 41.03 18.77 -13.32
C SER A 298 40.19 19.07 -12.08
N ILE A 299 40.71 18.68 -10.90
CA ILE A 299 40.00 18.89 -9.65
C ILE A 299 39.80 20.38 -9.39
N SER A 300 40.81 21.19 -9.74
CA SER A 300 40.72 22.63 -9.50
C SER A 300 39.57 23.25 -10.27
N GLU A 301 39.40 22.88 -11.54
CA GLU A 301 38.38 23.50 -12.38
C GLU A 301 37.05 22.76 -12.35
N LEU A 302 37.03 21.50 -11.90
CA LEU A 302 35.76 20.88 -11.55
C LEU A 302 35.05 21.67 -10.45
N LEU A 303 35.83 22.29 -9.56
CA LEU A 303 35.27 23.10 -8.48
C LEU A 303 34.83 24.46 -8.97
N SER A 304 35.37 24.95 -10.09
CA SER A 304 34.98 26.23 -10.65
C SER A 304 33.53 26.25 -11.11
N LYS A 305 32.88 25.09 -11.24
CA LYS A 305 31.48 25.03 -11.61
C LYS A 305 30.55 25.29 -10.44
N ARG A 306 31.08 25.62 -9.27
CA ARG A 306 30.25 25.94 -8.12
C ARG A 306 29.67 27.34 -8.24
N THR A 307 28.39 27.47 -7.94
CA THR A 307 27.72 28.76 -7.85
C THR A 307 26.95 28.81 -6.54
N LYS A 308 26.56 30.03 -6.15
CA LYS A 308 25.86 30.22 -4.88
C LYS A 308 24.55 29.46 -4.84
N GLU A 309 23.76 29.53 -5.92
CA GLU A 309 22.47 28.87 -5.94
C GLU A 309 22.59 27.36 -6.17
N LEU A 310 23.67 26.90 -6.80
CA LEU A 310 23.91 25.47 -6.90
C LEU A 310 24.43 24.88 -5.59
N ASP A 311 25.21 25.66 -4.84
CA ASP A 311 25.70 25.18 -3.54
C ASP A 311 24.54 24.95 -2.58
N LYS A 312 23.57 25.86 -2.55
CA LYS A 312 22.50 25.76 -1.57
C LYS A 312 21.56 24.59 -1.83
N LYS A 313 21.48 24.09 -3.06
CA LYS A 313 20.63 22.95 -3.35
C LYS A 313 21.37 21.62 -3.29
N ILE A 314 22.70 21.64 -3.38
CA ILE A 314 23.48 20.47 -2.98
C ILE A 314 23.24 20.16 -1.50
N ILE A 315 23.18 21.22 -0.68
CA ILE A 315 22.99 21.05 0.76
C ILE A 315 21.65 20.38 1.05
N GLU A 316 20.60 20.79 0.33
CA GLU A 316 19.27 20.24 0.58
C GLU A 316 19.24 18.74 0.31
N LEU A 317 19.82 18.31 -0.82
CA LEU A 317 19.90 16.88 -1.11
C LEU A 317 20.79 16.16 -0.10
N TRP A 318 21.89 16.80 0.32
CA TRP A 318 22.74 16.20 1.33
C TRP A 318 21.99 16.07 2.66
N GLU A 319 21.25 17.12 3.05
CA GLU A 319 20.48 17.04 4.28
C GLU A 319 19.36 16.03 4.19
N LYS A 320 18.85 15.77 2.98
CA LYS A 320 17.79 14.78 2.81
C LYS A 320 18.33 13.35 2.86
N TYR A 321 19.38 13.07 2.08
CA TYR A 321 19.88 11.71 1.94
C TYR A 321 20.90 11.32 3.02
N ILE A 322 21.69 12.27 3.49
CA ILE A 322 22.76 12.00 4.44
C ILE A 322 22.55 12.72 5.76
N GLY A 323 22.16 13.98 5.72
CA GLY A 323 22.01 14.75 6.93
C GLY A 323 23.24 15.60 7.22
N LEU A 324 22.99 16.77 7.81
CA LEU A 324 24.08 17.68 8.14
C LEU A 324 24.84 17.22 9.38
N LYS A 325 24.17 16.53 10.29
CA LYS A 325 24.83 16.02 11.49
C LYS A 325 25.67 14.80 11.14
N ILE A 326 26.91 14.78 11.63
CA ILE A 326 27.75 13.59 11.50
C ILE A 326 27.39 12.66 12.66
N ILE A 327 26.73 11.55 12.35
CA ILE A 327 26.23 10.64 13.36
C ILE A 327 27.01 9.33 13.30
N TYR A 328 26.97 8.60 14.41
CA TYR A 328 27.69 7.33 14.48
C TYR A 328 26.98 6.28 13.65
N ASP A 329 27.76 5.53 12.86
CA ASP A 329 27.24 4.47 12.01
C ASP A 329 28.12 3.24 12.24
N SER A 330 27.49 2.15 12.69
CA SER A 330 28.23 0.94 13.05
C SER A 330 28.22 -0.11 11.95
N ASP A 331 27.85 0.26 10.72
CA ASP A 331 27.99 -0.65 9.61
C ASP A 331 29.47 -0.94 9.34
N THR A 332 29.74 -2.08 8.73
CA THR A 332 31.11 -2.43 8.39
C THR A 332 31.68 -1.40 7.43
N PHE A 333 33.01 -1.22 7.49
CA PHE A 333 33.64 -0.11 6.79
C PHE A 333 33.54 -0.26 5.27
N ASP A 334 33.47 -1.50 4.77
CA ASP A 334 33.26 -1.68 3.34
C ASP A 334 31.85 -1.29 2.93
N ILE A 335 30.87 -1.48 3.81
CA ILE A 335 29.51 -1.03 3.52
C ILE A 335 29.43 0.50 3.56
N GLN A 336 30.10 1.12 4.53
CA GLN A 336 30.09 2.59 4.59
C GLN A 336 30.77 3.20 3.37
N PHE A 337 31.77 2.52 2.82
CA PHE A 337 32.41 2.99 1.58
C PHE A 337 31.38 3.08 0.46
N THR A 338 30.58 2.04 0.29
CA THR A 338 29.60 2.03 -0.79
C THR A 338 28.46 3.00 -0.52
N SER A 339 28.00 3.07 0.74
CA SER A 339 26.84 3.90 1.07
C SER A 339 27.13 5.38 0.86
N ARG A 340 28.28 5.85 1.35
CA ARG A 340 28.59 7.28 1.23
C ARG A 340 28.78 7.67 -0.23
N ARG A 341 29.47 6.84 -1.00
CA ARG A 341 29.64 7.12 -2.43
C ARG A 341 28.31 6.99 -3.18
N PHE A 342 27.41 6.12 -2.70
CA PHE A 342 26.12 5.97 -3.34
C PHE A 342 25.32 7.26 -3.29
N TYR A 343 25.34 7.95 -2.15
CA TYR A 343 24.57 9.19 -2.03
C TYR A 343 25.31 10.38 -2.62
N ILE A 344 26.65 10.33 -2.62
CA ILE A 344 27.41 11.35 -3.34
C ILE A 344 27.06 11.32 -4.83
N GLU A 345 26.96 10.12 -5.39
CA GLU A 345 26.57 10.00 -6.79
C GLU A 345 25.13 10.42 -7.02
N LYS A 346 24.23 10.05 -6.10
CA LYS A 346 22.83 10.40 -6.27
C LYS A 346 22.62 11.90 -6.23
N ILE A 347 23.31 12.59 -5.31
CA ILE A 347 23.18 14.05 -5.22
C ILE A 347 23.73 14.70 -6.48
N TYR A 348 24.88 14.23 -6.97
CA TYR A 348 25.47 14.82 -8.17
C TYR A 348 24.57 14.63 -9.38
N ASN A 349 24.00 13.44 -9.54
CA ASN A 349 23.19 13.13 -10.71
C ASN A 349 21.80 13.76 -10.67
N GLU A 350 21.47 14.50 -9.60
CA GLU A 350 20.23 15.25 -9.54
C GLU A 350 20.40 16.73 -9.85
N LEU A 351 21.63 17.19 -10.10
CA LEU A 351 21.86 18.56 -10.54
C LEU A 351 21.93 18.66 -12.06
N GLN B 5 -8.51 -26.81 1.88
CA GLN B 5 -8.77 -25.37 1.85
C GLN B 5 -8.06 -24.67 3.00
N ILE B 6 -6.73 -24.67 2.95
CA ILE B 6 -5.90 -24.11 4.01
C ILE B 6 -4.94 -23.09 3.41
N GLN B 7 -4.75 -21.97 4.11
CA GLN B 7 -3.73 -20.99 3.79
C GLN B 7 -2.64 -21.01 4.86
N HIS B 8 -1.40 -20.85 4.43
CA HIS B 8 -0.24 -20.88 5.31
C HIS B 8 0.32 -19.47 5.45
N ILE B 9 0.22 -18.92 6.66
CA ILE B 9 0.65 -17.56 6.96
C ILE B 9 1.93 -17.63 7.78
N ALA B 10 2.98 -17.00 7.28
CA ALA B 10 4.25 -16.92 7.99
C ALA B 10 4.22 -15.74 8.96
N ILE B 11 4.45 -16.02 10.24
CA ILE B 11 4.51 -15.00 11.27
C ILE B 11 5.97 -14.82 11.68
N VAL B 12 6.40 -13.56 11.74
CA VAL B 12 7.80 -13.22 11.97
C VAL B 12 7.89 -12.27 13.16
N GLY B 13 8.88 -12.49 14.01
CA GLY B 13 9.11 -11.60 15.14
C GLY B 13 9.85 -10.34 14.74
N CYS B 14 10.96 -10.05 15.41
CA CYS B 14 11.75 -8.87 15.10
C CYS B 14 12.61 -9.12 13.88
N VAL B 15 12.62 -8.16 12.96
CA VAL B 15 13.43 -8.26 11.75
C VAL B 15 14.77 -7.55 11.93
N HIS B 16 14.74 -6.33 12.47
CA HIS B 16 15.95 -5.54 12.75
C HIS B 16 16.81 -5.37 11.50
N GLY B 17 16.15 -5.09 10.38
CA GLY B 17 16.85 -4.79 9.14
C GLY B 17 17.44 -5.97 8.42
N LYS B 18 17.21 -7.20 8.87
CA LYS B 18 17.73 -8.38 8.17
C LYS B 18 16.68 -8.96 7.23
N TYR B 19 16.31 -8.14 6.24
CA TYR B 19 15.25 -8.53 5.32
C TYR B 19 15.69 -9.66 4.40
N ARG B 20 16.89 -9.53 3.80
CA ARG B 20 17.35 -10.56 2.87
C ARG B 20 17.48 -11.91 3.55
N GLU B 21 17.88 -11.93 4.82
CA GLU B 21 17.94 -13.17 5.57
C GLU B 21 16.54 -13.70 5.86
N MET B 22 15.59 -12.80 6.14
CA MET B 22 14.22 -13.22 6.42
C MET B 22 13.58 -13.89 5.21
N TYR B 23 13.60 -13.21 4.05
CA TYR B 23 13.00 -13.78 2.86
C TYR B 23 13.76 -15.02 2.37
N ARG B 24 15.02 -15.16 2.77
CA ARG B 24 15.77 -16.37 2.45
C ARG B 24 15.19 -17.58 3.17
N GLN B 25 15.00 -17.47 4.49
CA GLN B 25 14.39 -18.55 5.25
C GLN B 25 12.97 -18.83 4.78
N LEU B 26 12.21 -17.77 4.48
CA LEU B 26 10.85 -17.96 4.00
C LEU B 26 10.82 -18.73 2.68
N SER B 27 11.73 -18.40 1.76
CA SER B 27 11.79 -19.13 0.50
C SER B 27 12.22 -20.57 0.73
N GLU B 28 13.10 -20.81 1.70
CA GLU B 28 13.52 -22.17 2.02
C GLU B 28 12.34 -23.02 2.48
N TYR B 29 11.44 -22.44 3.27
CA TYR B 29 10.29 -23.17 3.78
C TYR B 29 9.41 -23.68 2.64
N GLU B 30 9.18 -22.84 1.61
CA GLU B 30 8.30 -23.22 0.53
C GLU B 30 8.84 -24.40 -0.26
N LYS B 31 10.15 -24.52 -0.42
CA LYS B 31 10.72 -25.64 -1.15
C LYS B 31 11.09 -26.80 -0.24
N SER B 32 11.31 -26.53 1.05
CA SER B 32 11.58 -27.62 1.98
C SER B 32 10.31 -28.44 2.21
N THR B 33 9.25 -27.78 2.69
CA THR B 33 7.99 -28.44 3.01
C THR B 33 7.07 -28.60 1.81
N GLY B 34 7.32 -27.89 0.70
CA GLY B 34 6.45 -27.92 -0.46
C GLY B 34 5.21 -27.05 -0.40
N LYS B 35 4.83 -26.56 0.77
CA LYS B 35 3.69 -25.68 0.90
C LYS B 35 4.04 -24.27 0.43
N GLU B 36 3.00 -23.50 0.12
CA GLU B 36 3.13 -22.14 -0.39
C GLU B 36 2.68 -21.13 0.66
N ILE B 37 3.47 -20.08 0.84
CA ILE B 37 3.16 -19.02 1.80
C ILE B 37 2.20 -18.03 1.16
N SER B 38 1.07 -17.80 1.80
CA SER B 38 0.10 -16.82 1.30
C SER B 38 0.60 -15.40 1.52
N PHE B 39 0.88 -15.04 2.78
CA PHE B 39 1.44 -13.73 3.08
C PHE B 39 2.19 -13.82 4.39
N VAL B 40 2.91 -12.74 4.71
CA VAL B 40 3.80 -12.69 5.86
C VAL B 40 3.31 -11.63 6.83
N ILE B 41 3.43 -11.92 8.13
CA ILE B 41 3.03 -11.02 9.20
C ILE B 41 4.24 -10.78 10.09
N CYS B 42 4.57 -9.52 10.33
CA CYS B 42 5.70 -9.14 11.17
C CYS B 42 5.22 -8.30 12.34
N THR B 43 5.89 -8.47 13.49
CA THR B 43 5.46 -7.89 14.75
C THR B 43 6.25 -6.63 15.13
N GLY B 44 7.01 -6.06 14.23
CA GLY B 44 7.66 -4.78 14.47
C GLY B 44 9.17 -4.89 14.47
N ASP B 45 9.81 -3.77 14.80
CA ASP B 45 11.26 -3.62 14.73
C ASP B 45 11.77 -3.93 13.31
N MET B 46 11.22 -3.19 12.36
CA MET B 46 11.52 -3.40 10.94
C MET B 46 12.68 -2.56 10.45
N GLN B 47 12.90 -1.39 11.06
CA GLN B 47 14.00 -0.48 10.70
C GLN B 47 13.93 -0.11 9.22
N THR B 48 12.80 0.49 8.84
CA THR B 48 12.57 0.89 7.44
C THR B 48 13.27 2.22 7.17
N LEU B 49 14.60 2.17 7.21
CA LEU B 49 15.43 3.33 6.95
C LEU B 49 15.64 3.48 5.45
N ARG B 50 15.23 4.63 4.90
CA ARG B 50 15.37 4.86 3.47
C ARG B 50 16.79 5.26 3.11
N TYR B 51 17.35 6.22 3.85
CA TYR B 51 18.68 6.75 3.57
C TYR B 51 19.41 6.97 4.89
N GLU B 52 20.69 7.36 4.77
CA GLU B 52 21.52 7.53 5.96
C GLU B 52 20.93 8.53 6.93
N ALA B 53 20.23 9.56 6.43
CA ALA B 53 19.65 10.56 7.31
C ALA B 53 18.57 9.98 8.21
N ASP B 54 17.97 8.85 7.84
CA ASP B 54 16.95 8.24 8.68
C ASP B 54 17.52 7.56 9.92
N LEU B 55 18.84 7.33 9.97
CA LEU B 55 19.44 6.74 11.16
C LEU B 55 19.21 7.59 12.40
N VAL B 56 18.97 8.89 12.24
CA VAL B 56 18.70 9.77 13.37
C VAL B 56 17.46 9.30 14.13
N TYR B 57 16.48 8.74 13.43
CA TYR B 57 15.21 8.38 14.04
C TYR B 57 15.18 6.94 14.55
N LEU B 58 16.30 6.23 14.49
CA LEU B 58 16.37 4.86 14.97
C LEU B 58 16.95 4.90 16.39
N LYS B 59 16.07 4.80 17.39
CA LYS B 59 16.50 4.88 18.79
C LYS B 59 17.00 3.50 19.20
N VAL B 60 18.29 3.27 19.00
CA VAL B 60 18.93 2.01 19.37
C VAL B 60 20.29 2.31 19.96
N PRO B 61 20.86 1.36 20.71
CA PRO B 61 22.24 1.51 21.18
C PRO B 61 23.20 1.58 20.01
N PRO B 62 24.40 2.15 20.21
CA PRO B 62 25.33 2.32 19.07
C PRO B 62 25.65 1.02 18.35
N LYS B 63 25.58 -0.11 19.04
CA LYS B 63 25.84 -1.40 18.39
C LYS B 63 24.87 -1.65 17.24
N TYR B 64 23.66 -1.08 17.30
CA TYR B 64 22.63 -1.34 16.31
C TYR B 64 22.38 -0.18 15.36
N LYS B 65 23.24 0.84 15.37
CA LYS B 65 23.11 1.96 14.44
C LYS B 65 23.54 1.51 13.05
N GLN B 66 22.66 0.75 12.40
CA GLN B 66 22.94 0.18 11.10
C GLN B 66 21.77 0.40 10.17
N MET B 67 22.05 0.42 8.86
CA MET B 67 21.00 0.65 7.88
C MET B 67 20.10 -0.58 7.75
N GLY B 68 20.70 -1.75 7.61
CA GLY B 68 19.94 -2.96 7.37
C GLY B 68 19.73 -3.20 5.89
N ASP B 69 18.79 -4.09 5.61
CA ASP B 69 18.53 -4.49 4.23
C ASP B 69 17.44 -3.66 3.56
N PHE B 70 16.67 -2.88 4.33
CA PHE B 70 15.49 -2.22 3.76
C PHE B 70 15.87 -1.24 2.66
N HIS B 71 16.99 -0.52 2.83
CA HIS B 71 17.37 0.50 1.86
C HIS B 71 17.55 -0.11 0.47
N LEU B 72 17.92 -1.39 0.40
CA LEU B 72 18.01 -2.06 -0.90
C LEU B 72 16.63 -2.22 -1.53
N TYR B 73 15.61 -2.52 -0.72
CA TYR B 73 14.25 -2.69 -1.25
C TYR B 73 13.61 -1.35 -1.61
N TYR B 74 13.85 -0.31 -0.80
CA TYR B 74 13.32 1.01 -1.10
C TYR B 74 13.90 1.57 -2.40
N GLU B 75 15.12 1.19 -2.75
CA GLU B 75 15.76 1.64 -3.96
C GLU B 75 15.47 0.73 -5.15
N GLY B 76 14.64 -0.29 -4.99
CA GLY B 76 14.32 -1.20 -6.05
C GLY B 76 15.39 -2.21 -6.39
N LYS B 77 16.53 -2.19 -5.68
CA LYS B 77 17.59 -3.14 -5.96
C LYS B 77 17.21 -4.55 -5.52
N GLU B 78 16.38 -4.67 -4.49
CA GLU B 78 15.81 -5.94 -4.05
C GLU B 78 14.30 -5.83 -4.05
N LYS B 79 13.63 -6.96 -4.25
CA LYS B 79 12.18 -7.01 -4.39
C LYS B 79 11.61 -8.06 -3.44
N ALA B 80 10.73 -7.62 -2.54
CA ALA B 80 10.12 -8.52 -1.58
C ALA B 80 9.28 -9.58 -2.29
N PRO B 81 9.57 -10.87 -2.12
CA PRO B 81 8.83 -11.90 -2.85
C PRO B 81 7.44 -12.20 -2.31
N TYR B 82 7.11 -11.74 -1.10
CA TYR B 82 5.81 -12.00 -0.51
C TYR B 82 5.23 -10.70 0.03
N LEU B 83 3.90 -10.61 0.00
CA LEU B 83 3.22 -9.49 0.63
C LEU B 83 3.46 -9.53 2.14
N THR B 84 4.05 -8.47 2.67
CA THR B 84 4.47 -8.43 4.07
C THR B 84 3.69 -7.33 4.78
N LEU B 85 2.82 -7.74 5.71
CA LEU B 85 2.10 -6.81 6.57
C LEU B 85 2.84 -6.72 7.89
N PHE B 86 3.05 -5.50 8.38
CA PHE B 86 3.83 -5.31 9.59
C PHE B 86 3.33 -4.12 10.38
N ILE B 87 3.66 -4.12 11.67
CA ILE B 87 3.40 -3.00 12.56
C ILE B 87 4.74 -2.40 12.97
N GLY B 88 4.70 -1.38 13.81
CA GLY B 88 5.90 -0.73 14.28
C GLY B 88 6.29 -1.20 15.66
N GLY B 89 7.60 -1.27 15.90
CA GLY B 89 8.11 -1.64 17.21
C GLY B 89 8.81 -0.48 17.89
N ASN B 90 9.98 -0.74 18.46
CA ASN B 90 10.78 0.32 19.08
C ASN B 90 12.03 0.67 18.29
N ALA B 91 12.55 -0.25 17.49
CA ALA B 91 13.70 0.00 16.62
C ALA B 91 13.13 0.23 15.22
N GLU B 92 12.77 1.49 14.95
CA GLU B 92 12.11 1.84 13.71
C GLU B 92 12.64 3.17 13.19
N SER B 93 12.43 3.40 11.90
CA SER B 93 12.58 4.73 11.32
C SER B 93 11.30 5.50 11.64
N SER B 94 11.25 6.02 12.88
CA SER B 94 9.99 6.56 13.42
C SER B 94 9.46 7.73 12.60
N ASN B 95 10.34 8.46 11.91
CA ASN B 95 9.86 9.53 11.04
C ASN B 95 9.02 8.96 9.89
N VAL B 96 9.44 7.82 9.34
CA VAL B 96 8.70 7.20 8.25
C VAL B 96 7.32 6.76 8.72
N LEU B 97 7.26 6.09 9.87
CA LEU B 97 5.99 5.56 10.36
C LEU B 97 5.03 6.65 10.81
N LEU B 98 5.53 7.86 11.12
CA LEU B 98 4.63 8.95 11.46
C LEU B 98 3.96 9.53 10.22
N HIS B 99 4.72 9.67 9.12
CA HIS B 99 4.11 10.05 7.86
C HIS B 99 2.99 9.07 7.48
N LEU B 100 3.22 7.79 7.73
CA LEU B 100 2.27 6.73 7.40
C LEU B 100 1.48 6.27 8.62
N TYR B 101 1.12 7.20 9.51
CA TYR B 101 0.36 6.82 10.70
C TYR B 101 -1.00 6.27 10.35
N ASN B 102 -1.52 6.60 9.17
CA ASN B 102 -2.73 5.98 8.63
C ASN B 102 -2.44 4.78 7.75
N GLY B 103 -1.23 4.21 7.85
CA GLY B 103 -0.85 3.08 7.03
C GLY B 103 -0.28 3.49 5.69
N GLY B 104 0.31 2.51 5.01
CA GLY B 104 0.86 2.76 3.70
C GLY B 104 1.96 1.77 3.36
N PHE B 105 2.21 1.66 2.06
CA PHE B 105 3.33 0.85 1.58
C PHE B 105 4.62 1.64 1.70
N VAL B 106 5.58 1.13 2.48
CA VAL B 106 6.91 1.73 2.52
C VAL B 106 7.69 1.36 1.27
N CYS B 107 7.33 0.27 0.61
CA CYS B 107 7.89 -0.15 -0.67
C CYS B 107 7.02 -1.30 -1.17
N PHE B 108 7.36 -1.82 -2.34
CA PHE B 108 6.55 -2.87 -2.94
C PHE B 108 6.47 -4.09 -2.03
N ASN B 109 5.24 -4.54 -1.77
CA ASN B 109 4.90 -5.73 -0.98
C ASN B 109 5.21 -5.58 0.50
N MET B 110 5.45 -4.37 1.00
CA MET B 110 5.68 -4.13 2.42
C MET B 110 4.70 -3.04 2.86
N TYR B 111 3.60 -3.44 3.49
CA TYR B 111 2.55 -2.52 3.91
C TYR B 111 2.62 -2.32 5.42
N TYR B 112 2.73 -1.06 5.84
CA TYR B 112 2.69 -0.69 7.25
C TYR B 112 1.25 -0.45 7.65
N LEU B 113 0.84 -1.02 8.78
CA LEU B 113 -0.55 -0.91 9.22
C LEU B 113 -0.85 0.40 9.93
N GLY B 114 0.14 1.25 10.15
CA GLY B 114 -0.09 2.50 10.85
C GLY B 114 0.07 2.37 12.35
N VAL B 115 -0.30 3.46 13.03
CA VAL B 115 -0.36 3.44 14.49
C VAL B 115 -1.23 2.30 14.97
N CYS B 116 -2.37 2.11 14.32
CA CYS B 116 -3.27 0.99 14.51
C CYS B 116 -4.27 1.00 13.38
N SER B 117 -4.75 -0.18 13.01
CA SER B 117 -5.78 -0.30 11.97
C SER B 117 -6.25 -1.75 11.94
N CYS B 118 -7.21 -2.01 11.07
CA CYS B 118 -7.67 -3.36 10.77
C CYS B 118 -7.73 -3.50 9.25
N ILE B 119 -7.27 -4.64 8.75
CA ILE B 119 -7.24 -4.89 7.31
C ILE B 119 -7.95 -6.20 7.03
N ASN B 120 -8.29 -6.39 5.76
CA ASN B 120 -8.93 -7.61 5.28
C ASN B 120 -8.03 -8.30 4.26
N ILE B 121 -7.90 -9.61 4.38
CA ILE B 121 -7.17 -10.41 3.40
C ILE B 121 -7.56 -11.88 3.55
N ASN B 122 -7.90 -12.52 2.43
CA ASN B 122 -8.29 -13.94 2.42
C ASN B 122 -9.41 -14.21 3.41
N GLY B 123 -10.34 -13.26 3.53
CA GLY B 123 -11.45 -13.42 4.45
C GLY B 123 -11.11 -13.25 5.91
N LEU B 124 -9.88 -12.84 6.23
CA LEU B 124 -9.45 -12.66 7.60
C LEU B 124 -9.46 -11.17 7.97
N ARG B 125 -9.66 -10.91 9.26
CA ARG B 125 -9.57 -9.56 9.82
C ARG B 125 -8.36 -9.51 10.75
N ILE B 126 -7.43 -8.61 10.44
CA ILE B 126 -6.15 -8.52 11.16
C ILE B 126 -6.03 -7.12 11.75
N VAL B 127 -5.79 -7.06 13.06
CA VAL B 127 -5.63 -5.80 13.79
C VAL B 127 -4.17 -5.66 14.18
N GLY B 128 -3.65 -4.44 14.08
CA GLY B 128 -2.29 -4.15 14.47
C GLY B 128 -2.21 -3.01 15.46
N VAL B 129 -1.31 -3.13 16.42
CA VAL B 129 -1.04 -2.09 17.41
C VAL B 129 0.47 -1.89 17.46
N SER B 130 0.93 -0.73 17.04
CA SER B 130 2.36 -0.47 16.92
C SER B 130 2.94 0.10 18.21
N GLY B 131 4.24 -0.11 18.38
CA GLY B 131 4.99 0.50 19.47
C GLY B 131 5.05 -0.36 20.70
N ILE B 132 5.78 0.17 21.70
CA ILE B 132 5.87 -0.44 23.02
C ILE B 132 5.39 0.58 24.05
N TYR B 133 4.98 0.07 25.21
CA TYR B 133 4.34 0.91 26.22
C TYR B 133 5.37 1.48 27.19
N LYS B 134 5.29 2.78 27.40
CA LYS B 134 6.05 3.49 28.43
C LYS B 134 5.10 4.52 29.00
N SER B 135 4.87 4.46 30.32
CA SER B 135 3.74 5.15 30.92
C SER B 135 3.76 6.66 30.68
N PHE B 136 4.93 7.31 30.77
CA PHE B 136 4.87 8.77 30.71
C PHE B 136 4.57 9.30 29.31
N ASP B 137 4.37 8.46 28.30
CA ASP B 137 4.07 8.94 26.95
C ASP B 137 2.74 8.40 26.43
N GLU B 138 1.98 7.69 27.26
CA GLU B 138 0.78 7.01 26.78
C GLU B 138 -0.35 7.98 26.44
N LYS B 139 -0.37 9.18 27.02
CA LYS B 139 -1.35 10.19 26.65
C LYS B 139 -0.69 11.42 26.04
N LYS B 140 0.53 11.27 25.51
CA LYS B 140 1.25 12.32 24.81
C LYS B 140 0.89 12.32 23.33
N PRO B 141 0.54 13.45 22.74
CA PRO B 141 0.16 13.48 21.33
C PRO B 141 1.38 13.40 20.41
N TYR B 142 1.09 13.17 19.13
CA TYR B 142 2.10 13.19 18.09
C TYR B 142 2.29 14.60 17.57
N THR B 143 3.53 14.92 17.20
CA THR B 143 3.87 16.21 16.63
C THR B 143 4.34 16.03 15.20
N TYR B 144 3.77 16.81 14.29
CA TYR B 144 4.08 16.68 12.86
C TYR B 144 4.40 18.05 12.26
N PRO B 145 5.41 18.12 11.38
CA PRO B 145 6.27 17.02 10.90
C PRO B 145 7.24 16.50 11.95
N PRO B 146 7.69 15.24 11.80
CA PRO B 146 8.58 14.65 12.80
C PRO B 146 9.90 15.39 12.90
N SER B 147 10.36 15.58 14.14
CA SER B 147 11.61 16.24 14.46
C SER B 147 12.54 15.25 15.14
N PRO B 148 13.85 15.39 14.95
CA PRO B 148 14.80 14.48 15.63
C PRO B 148 14.69 14.50 17.15
N ASN B 149 14.07 15.52 17.73
CA ASN B 149 13.89 15.56 19.18
C ASN B 149 12.93 14.50 19.68
N ASP B 150 12.05 13.99 18.82
CA ASP B 150 11.01 13.04 19.21
C ASP B 150 11.44 11.59 19.05
N VAL B 151 12.73 11.33 18.86
CA VAL B 151 13.20 9.98 18.55
C VAL B 151 12.89 9.02 19.69
N VAL B 152 12.90 9.50 20.94
CA VAL B 152 12.70 8.61 22.08
C VAL B 152 11.24 8.35 22.38
N SER B 153 10.32 9.15 21.86
CA SER B 153 8.91 9.07 22.23
C SER B 153 7.99 8.70 21.08
N LEU B 154 8.47 8.70 19.84
CA LEU B 154 7.58 8.44 18.69
C LEU B 154 7.09 7.00 18.67
N PHE B 155 7.90 6.05 19.11
CA PHE B 155 7.55 4.64 19.05
C PHE B 155 6.83 4.15 20.30
N HIS B 156 6.37 5.06 21.15
CA HIS B 156 5.65 4.69 22.36
C HIS B 156 4.16 4.63 22.08
N THR B 157 3.55 3.48 22.40
CA THR B 157 2.12 3.29 22.13
C THR B 157 1.29 4.27 22.93
N ARG B 158 0.38 4.95 22.25
CA ARG B 158 -0.51 5.91 22.87
C ARG B 158 -1.76 5.23 23.40
N ASN B 159 -2.32 5.81 24.46
CA ASN B 159 -3.48 5.22 25.12
C ASN B 159 -4.72 5.24 24.24
N TYR B 160 -4.82 6.21 23.32
CA TYR B 160 -6.06 6.38 22.57
C TYR B 160 -6.35 5.24 21.60
N VAL B 161 -5.36 4.40 21.30
CA VAL B 161 -5.60 3.29 20.37
C VAL B 161 -6.56 2.27 20.98
N ILE B 162 -6.75 2.29 22.29
CA ILE B 162 -7.73 1.39 22.91
C ILE B 162 -9.13 1.73 22.43
N GLN B 163 -9.46 3.02 22.36
CA GLN B 163 -10.79 3.43 21.94
C GLN B 163 -10.96 3.42 20.42
N MET B 164 -9.85 3.47 19.66
CA MET B 164 -9.95 3.38 18.21
C MET B 164 -10.24 1.96 17.73
N LEU B 165 -9.97 0.94 18.55
CA LEU B 165 -10.09 -0.44 18.13
C LEU B 165 -11.13 -1.24 18.90
N SER B 166 -11.75 -0.68 19.94
CA SER B 166 -12.57 -1.47 20.84
C SER B 166 -13.82 -2.03 20.18
N ASN B 167 -14.38 -1.31 19.21
CA ASN B 167 -15.63 -1.71 18.60
C ASN B 167 -15.45 -2.59 17.37
N LEU B 168 -14.21 -2.92 17.01
CA LEU B 168 -13.96 -3.66 15.76
C LEU B 168 -14.48 -5.09 15.80
N SER B 169 -14.71 -5.65 16.98
CA SER B 169 -15.16 -7.03 17.11
C SER B 169 -16.66 -7.16 17.27
N GLN B 170 -17.42 -6.06 17.05
CA GLN B 170 -18.86 -6.12 17.24
C GLN B 170 -19.57 -6.81 16.08
N SER B 171 -19.17 -6.51 14.84
CA SER B 171 -19.84 -7.11 13.70
C SER B 171 -19.35 -8.53 13.43
N SER B 172 -18.05 -8.75 13.54
CA SER B 172 -17.47 -10.07 13.33
C SER B 172 -16.20 -10.17 14.15
N GLN B 173 -15.69 -11.39 14.28
CA GLN B 173 -14.53 -11.64 15.12
C GLN B 173 -13.24 -11.24 14.42
N ILE B 174 -12.30 -10.75 15.21
CA ILE B 174 -10.95 -10.51 14.72
C ILE B 174 -10.17 -11.82 14.74
N ASP B 175 -9.59 -12.18 13.60
CA ASP B 175 -8.87 -13.45 13.50
C ASP B 175 -7.49 -13.35 14.12
N ILE B 176 -6.70 -12.38 13.68
CA ILE B 176 -5.32 -12.22 14.12
C ILE B 176 -5.12 -10.80 14.62
N SER B 177 -4.41 -10.64 15.73
CA SER B 177 -4.07 -9.34 16.26
C SER B 177 -2.58 -9.26 16.52
N LEU B 178 -2.00 -8.10 16.25
CA LEU B 178 -0.56 -7.89 16.30
C LEU B 178 -0.21 -6.81 17.32
N SER B 179 0.78 -7.10 18.16
CA SER B 179 1.44 -6.10 18.98
C SER B 179 2.92 -6.41 18.99
N HIS B 180 3.73 -5.43 19.38
CA HIS B 180 5.18 -5.66 19.46
C HIS B 180 5.52 -6.23 20.83
N ASP B 181 5.40 -5.41 21.87
CA ASP B 181 5.56 -5.93 23.22
C ASP B 181 4.36 -6.76 23.62
N TRP B 182 4.58 -7.67 24.57
CA TRP B 182 3.57 -8.63 24.94
C TRP B 182 2.43 -7.94 25.70
N PRO B 183 1.22 -8.50 25.64
CA PRO B 183 0.17 -8.03 26.56
C PRO B 183 0.59 -8.28 27.99
N GLN B 184 0.49 -7.24 28.81
CA GLN B 184 0.96 -7.31 30.18
C GLN B 184 0.27 -8.42 30.95
N GLY B 185 1.06 -9.30 31.57
CA GLY B 185 0.53 -10.40 32.33
C GLY B 185 0.38 -11.70 31.58
N ILE B 186 0.51 -11.68 30.25
CA ILE B 186 0.37 -12.91 29.47
C ILE B 186 1.51 -13.88 29.77
N VAL B 187 2.60 -13.40 30.37
CA VAL B 187 3.71 -14.28 30.74
C VAL B 187 3.26 -15.33 31.73
N MET B 188 2.28 -15.00 32.56
CA MET B 188 1.80 -15.91 33.59
C MET B 188 0.79 -16.92 33.09
N LYS B 189 0.37 -16.84 31.83
CA LYS B 189 -0.59 -17.79 31.28
C LYS B 189 0.05 -18.83 30.37
N GLY B 190 1.35 -19.06 30.51
CA GLY B 190 2.01 -20.15 29.80
C GLY B 190 3.05 -20.84 30.66
N ASN B 191 3.96 -21.58 30.03
CA ASN B 191 5.04 -22.25 30.76
C ASN B 191 6.13 -21.25 31.07
N TYR B 192 5.93 -20.50 32.17
CA TYR B 192 6.88 -19.44 32.50
C TYR B 192 8.13 -19.98 33.18
N LYS B 193 8.04 -21.09 33.91
CA LYS B 193 9.23 -21.66 34.53
C LYS B 193 10.22 -22.17 33.49
N GLN B 194 9.72 -22.62 32.34
CA GLN B 194 10.61 -22.94 31.23
C GLN B 194 11.10 -21.67 30.55
N LEU B 195 10.26 -20.65 30.46
CA LEU B 195 10.69 -19.37 29.88
C LEU B 195 11.74 -18.70 30.75
N TYR B 196 11.66 -18.86 32.07
CA TYR B 196 12.66 -18.29 32.95
C TYR B 196 14.00 -19.00 32.82
N ARG B 197 14.00 -20.25 32.37
CA ARG B 197 15.25 -20.93 32.06
C ARG B 197 15.88 -20.41 30.78
N PHE B 198 15.08 -19.90 29.85
CA PHE B 198 15.64 -19.19 28.70
C PHE B 198 16.27 -17.87 29.14
N GLN B 199 15.53 -17.07 29.90
CA GLN B 199 16.00 -15.77 30.39
C GLN B 199 15.52 -15.57 31.81
N PRO B 200 16.40 -15.74 32.81
CA PRO B 200 16.00 -15.43 34.19
C PRO B 200 15.85 -13.94 34.46
N GLY B 201 16.02 -13.08 33.44
CA GLY B 201 15.77 -11.68 33.62
C GLY B 201 14.29 -11.35 33.64
N PHE B 202 13.49 -12.12 32.91
CA PHE B 202 12.06 -11.87 32.86
C PHE B 202 11.38 -12.18 34.19
N LYS B 203 12.07 -12.91 35.08
CA LYS B 203 11.49 -13.25 36.36
C LYS B 203 11.42 -12.03 37.28
N LYS B 204 12.29 -11.04 37.05
CA LYS B 204 12.22 -9.81 37.83
C LYS B 204 10.90 -9.09 37.59
N ASP B 205 10.53 -8.90 36.32
CA ASP B 205 9.29 -8.20 35.99
C ASP B 205 8.08 -9.02 36.40
N GLY B 206 8.15 -10.34 36.27
CA GLY B 206 7.06 -11.18 36.74
C GLY B 206 5.80 -11.00 35.92
N ALA B 207 4.68 -10.79 36.61
CA ALA B 207 3.39 -10.61 35.95
C ALA B 207 3.21 -9.22 35.38
N SER B 208 4.06 -8.26 35.74
CA SER B 208 3.95 -6.90 35.23
C SER B 208 4.66 -6.68 33.90
N LEU B 209 5.34 -7.70 33.36
CA LEU B 209 6.01 -7.55 32.07
C LEU B 209 4.98 -7.44 30.96
N GLY B 210 5.17 -6.46 30.07
CA GLY B 210 4.32 -6.28 28.91
C GLY B 210 3.54 -4.99 28.96
N SER B 211 2.76 -4.78 27.91
CA SER B 211 1.98 -3.55 27.74
C SER B 211 0.58 -3.72 28.28
N PRO B 212 0.14 -2.86 29.21
CA PRO B 212 -1.28 -2.90 29.61
C PRO B 212 -2.21 -2.44 28.50
N ILE B 213 -1.73 -1.62 27.57
CA ILE B 213 -2.55 -1.20 26.43
C ILE B 213 -2.92 -2.40 25.57
N ASN B 214 -1.93 -3.23 25.25
CA ASN B 214 -2.20 -4.44 24.47
C ASN B 214 -3.01 -5.45 25.26
N LYS B 215 -2.86 -5.46 26.59
CA LYS B 215 -3.65 -6.37 27.40
C LYS B 215 -5.13 -5.99 27.39
N VAL B 216 -5.43 -4.70 27.47
CA VAL B 216 -6.82 -4.24 27.41
C VAL B 216 -7.42 -4.58 26.06
N ILE B 217 -6.67 -4.35 24.98
CA ILE B 217 -7.17 -4.63 23.64
C ILE B 217 -7.41 -6.12 23.45
N LEU B 218 -6.52 -6.96 23.98
CA LEU B 218 -6.71 -8.40 23.88
C LEU B 218 -7.97 -8.84 24.63
N ASN B 219 -8.19 -8.30 25.84
CA ASN B 219 -9.37 -8.68 26.60
C ASN B 219 -10.64 -8.11 25.98
N THR B 220 -10.53 -6.98 25.27
CA THR B 220 -11.70 -6.37 24.65
C THR B 220 -12.08 -7.08 23.36
N LEU B 221 -11.09 -7.33 22.49
CA LEU B 221 -11.37 -7.90 21.18
C LEU B 221 -11.46 -9.41 21.19
N LYS B 222 -10.73 -10.07 22.09
CA LYS B 222 -10.69 -11.53 22.17
C LYS B 222 -10.39 -12.15 20.81
N PRO B 223 -9.25 -11.85 20.21
CA PRO B 223 -8.95 -12.40 18.89
C PRO B 223 -8.63 -13.88 18.96
N LYS B 224 -8.73 -14.54 17.81
CA LYS B 224 -8.38 -15.95 17.74
C LYS B 224 -6.87 -16.15 17.95
N TYR B 225 -6.06 -15.21 17.49
CA TYR B 225 -4.62 -15.25 17.66
C TYR B 225 -4.11 -13.87 18.03
N TRP B 226 -3.03 -13.92 18.97
CA TRP B 226 -2.29 -12.70 19.27
C TRP B 226 -0.81 -13.00 19.16
N ILE B 227 -0.14 -12.35 18.21
CA ILE B 227 1.27 -12.59 17.93
C ILE B 227 2.06 -11.34 18.32
N SER B 228 3.10 -11.50 19.05
CA SER B 228 3.97 -10.45 19.52
C SER B 228 5.43 -10.86 19.34
N GLY B 229 6.32 -9.90 19.57
CA GLY B 229 7.75 -10.14 19.51
C GLY B 229 8.49 -9.41 20.62
N HIS B 230 9.44 -8.54 20.23
CA HIS B 230 10.13 -7.62 21.13
C HIS B 230 11.09 -8.28 22.11
N MET B 231 10.71 -9.41 22.68
CA MET B 231 11.50 -10.04 23.74
C MET B 231 12.56 -11.01 23.22
N HIS B 232 12.64 -11.20 21.90
CA HIS B 232 13.67 -12.03 21.27
C HIS B 232 13.61 -13.48 21.74
N CYS B 233 12.40 -13.99 21.95
CA CYS B 233 12.24 -15.38 22.38
C CYS B 233 10.86 -15.88 21.99
N GLU B 234 10.75 -17.21 21.90
CA GLU B 234 9.47 -17.86 21.68
C GLU B 234 8.77 -18.15 23.00
N TYR B 235 7.44 -18.08 22.97
CA TYR B 235 6.60 -18.32 24.12
C TYR B 235 5.17 -18.47 23.67
N HIS B 236 4.44 -19.40 24.29
CA HIS B 236 3.05 -19.64 23.98
C HIS B 236 2.23 -19.54 25.25
N ALA B 237 1.05 -18.94 25.13
CA ALA B 237 0.11 -18.87 26.24
C ALA B 237 -1.29 -18.82 25.67
N GLU B 238 -2.27 -19.15 26.53
CA GLU B 238 -3.67 -19.14 26.14
C GLU B 238 -4.47 -18.49 27.26
N GLU B 239 -5.13 -17.38 26.95
CA GLU B 239 -6.01 -16.68 27.89
C GLU B 239 -7.38 -16.57 27.26
N GLY B 240 -8.33 -17.36 27.77
CA GLY B 240 -9.65 -17.46 27.19
C GLY B 240 -9.62 -18.07 25.81
N PRO B 241 -10.28 -17.41 24.85
CA PRO B 241 -10.30 -17.93 23.48
C PRO B 241 -9.09 -17.53 22.64
N THR B 242 -8.19 -16.73 23.18
CA THR B 242 -7.08 -16.15 22.43
C THR B 242 -5.82 -17.01 22.57
N HIS B 243 -5.27 -17.45 21.45
CA HIS B 243 -3.97 -18.12 21.43
C HIS B 243 -2.87 -17.08 21.29
N PHE B 244 -2.00 -16.99 22.29
CA PHE B 244 -0.88 -16.05 22.27
C PHE B 244 0.38 -16.73 21.74
N ILE B 245 1.09 -16.04 20.86
CA ILE B 245 2.30 -16.55 20.23
C ILE B 245 3.34 -15.44 20.21
N ALA B 246 4.48 -15.67 20.84
CA ALA B 246 5.60 -14.73 20.84
C ALA B 246 6.72 -15.28 19.97
N LEU B 247 7.40 -14.39 19.26
CA LEU B 247 8.43 -14.78 18.30
C LEU B 247 9.74 -14.08 18.63
N GLY B 248 10.83 -14.62 18.07
CA GLY B 248 12.16 -14.16 18.33
C GLY B 248 12.71 -13.23 17.26
N LYS B 249 14.03 -13.09 17.25
CA LYS B 249 14.73 -12.19 16.36
C LYS B 249 15.25 -12.94 15.13
N ILE B 250 15.23 -12.26 13.98
CA ILE B 250 15.76 -12.86 12.75
C ILE B 250 17.23 -13.18 12.94
N GLY B 251 17.63 -14.35 12.43
CA GLY B 251 18.97 -14.87 12.66
C GLY B 251 18.86 -16.15 13.45
N TYR B 252 17.89 -16.19 14.34
CA TYR B 252 17.49 -17.39 15.06
C TYR B 252 16.19 -17.91 14.45
N LYS B 253 16.00 -19.24 14.50
CA LYS B 253 14.77 -19.83 14.00
C LYS B 253 13.72 -19.99 15.10
N ASN B 254 13.77 -19.15 16.14
CA ASN B 254 12.61 -18.94 16.99
C ASN B 254 11.82 -17.71 16.56
N ALA B 255 12.21 -17.11 15.43
CA ALA B 255 11.59 -15.88 14.94
C ALA B 255 10.42 -16.14 14.00
N ILE B 256 10.45 -17.23 13.23
CA ILE B 256 9.47 -17.49 12.19
C ILE B 256 8.71 -18.76 12.54
N SER B 257 7.40 -18.61 12.71
CA SER B 257 6.46 -19.71 12.82
C SER B 257 5.48 -19.64 11.66
N TYR B 258 4.52 -20.57 11.62
CA TYR B 258 3.60 -20.67 10.50
C TYR B 258 2.21 -21.00 11.00
N LEU B 259 1.22 -20.24 10.55
CA LEU B 259 -0.17 -20.46 10.89
C LEU B 259 -0.87 -21.19 9.75
N ASP B 260 -1.40 -22.38 10.05
CA ASP B 260 -2.13 -23.18 9.07
C ASP B 260 -3.62 -23.03 9.33
N LEU B 261 -4.17 -21.89 8.88
CA LEU B 261 -5.55 -21.53 9.10
C LEU B 261 -6.42 -21.87 7.90
N PRO B 262 -7.73 -22.03 8.10
CA PRO B 262 -8.62 -22.35 6.98
C PRO B 262 -8.68 -21.22 5.98
N LEU B 263 -8.78 -21.59 4.70
CA LEU B 263 -8.80 -20.64 3.60
C LEU B 263 -10.24 -20.48 3.14
N LYS B 264 -10.88 -19.39 3.58
CA LYS B 264 -12.27 -19.13 3.21
C LYS B 264 -12.40 -18.91 1.71
N GLN B 265 -11.67 -17.93 1.19
CA GLN B 265 -11.63 -17.66 -0.24
C GLN B 265 -10.43 -16.77 -0.54
N LYS B 266 -9.94 -16.87 -1.78
CA LYS B 266 -8.82 -16.05 -2.23
C LYS B 266 -9.27 -14.61 -2.36
N THR B 267 -8.83 -13.75 -1.44
CA THR B 267 -9.22 -12.36 -1.45
C THR B 267 -7.99 -11.48 -1.26
N ASP B 268 -7.91 -10.42 -2.06
CA ASP B 268 -6.79 -9.48 -2.03
C ASP B 268 -6.84 -8.67 -0.74
N LEU B 269 -5.73 -7.97 -0.47
CA LEU B 269 -5.62 -7.12 0.72
C LEU B 269 -6.57 -5.94 0.63
N GLU B 270 -7.44 -5.80 1.63
CA GLU B 270 -8.47 -4.77 1.64
C GLU B 270 -8.49 -4.04 2.98
N TYR B 271 -9.02 -2.80 2.95
CA TYR B 271 -9.29 -2.09 4.18
C TYR B 271 -10.50 -2.71 4.88
N ASP B 272 -10.44 -2.74 6.21
CA ASP B 272 -11.59 -3.21 6.98
C ASP B 272 -12.64 -2.10 7.02
N LYS B 273 -13.87 -2.45 6.62
CA LYS B 273 -14.92 -1.43 6.52
C LYS B 273 -15.22 -0.81 7.88
N ASP B 274 -15.23 -1.62 8.94
CA ASP B 274 -15.45 -1.08 10.28
C ASP B 274 -14.34 -0.13 10.67
N TRP B 275 -13.09 -0.45 10.33
CA TRP B 275 -11.99 0.44 10.65
C TRP B 275 -12.09 1.75 9.86
N VAL B 276 -12.48 1.66 8.59
CA VAL B 276 -12.62 2.86 7.77
C VAL B 276 -13.64 3.80 8.38
N CYS B 277 -14.74 3.25 8.91
CA CYS B 277 -15.75 4.09 9.55
C CYS B 277 -15.20 4.72 10.83
N ASN B 278 -14.44 3.95 11.62
CA ASN B 278 -13.78 4.53 12.78
C ASN B 278 -12.81 5.63 12.37
N LEU B 279 -12.11 5.44 11.25
CA LEU B 279 -11.15 6.42 10.78
C LEU B 279 -11.83 7.72 10.40
N ILE B 280 -12.99 7.64 9.75
CA ILE B 280 -13.68 8.84 9.28
C ILE B 280 -14.38 9.55 10.43
N MET B 281 -15.07 8.79 11.28
CA MET B 281 -15.86 9.39 12.36
C MET B 281 -15.01 10.03 13.43
N THR B 282 -13.71 9.72 13.48
CA THR B 282 -12.81 10.31 14.46
C THR B 282 -11.99 11.46 13.89
N TRP B 283 -12.24 11.87 12.65
CA TRP B 283 -11.47 12.93 12.02
C TRP B 283 -11.42 14.23 12.82
N PRO B 284 -12.49 14.69 13.49
CA PRO B 284 -12.36 15.91 14.33
C PRO B 284 -11.20 15.86 15.31
N ALA B 285 -10.91 14.69 15.88
CA ALA B 285 -9.79 14.56 16.80
C ALA B 285 -8.45 14.64 16.09
N PHE B 286 -8.41 14.43 14.78
CA PHE B 286 -7.17 14.42 14.02
C PHE B 286 -7.08 15.56 13.01
N SER B 287 -7.93 16.58 13.12
CA SER B 287 -7.99 17.63 12.11
C SER B 287 -6.74 18.51 12.11
N ASN B 288 -6.05 18.61 13.25
CA ASN B 288 -4.86 19.44 13.35
C ASN B 288 -3.64 18.61 12.94
N LYS B 289 -3.08 18.92 11.77
CA LYS B 289 -1.94 18.16 11.26
C LYS B 289 -0.68 18.39 12.09
N ALA B 290 -0.61 19.49 12.83
CA ALA B 290 0.58 19.78 13.63
C ALA B 290 0.57 19.03 14.96
N GLN B 291 -0.59 18.60 15.43
CA GLN B 291 -0.68 17.91 16.72
C GLN B 291 -1.94 17.06 16.74
N PHE B 292 -1.77 15.75 16.83
CA PHE B 292 -2.90 14.83 16.86
C PHE B 292 -2.56 13.60 17.70
N PRO B 293 -3.57 12.99 18.33
CA PRO B 293 -4.95 13.46 18.31
C PRO B 293 -5.24 14.53 19.37
N ASP B 294 -6.14 15.46 19.05
CA ASP B 294 -6.60 16.44 20.01
C ASP B 294 -7.56 15.76 20.97
N LEU B 295 -7.06 15.40 22.16
CA LEU B 295 -7.83 14.63 23.11
C LEU B 295 -8.85 15.46 23.87
N SER B 296 -9.02 16.73 23.53
CA SER B 296 -10.21 17.44 24.00
C SER B 296 -11.47 16.84 23.39
N TYR B 297 -11.36 16.27 22.20
CA TYR B 297 -12.41 15.43 21.65
C TYR B 297 -12.37 14.06 22.33
N SER B 298 -13.54 13.44 22.43
CA SER B 298 -13.67 12.09 22.98
C SER B 298 -13.80 11.10 21.82
N ILE B 299 -12.79 10.26 21.64
CA ILE B 299 -12.83 9.26 20.57
C ILE B 299 -14.01 8.33 20.78
N SER B 300 -14.29 7.98 22.04
CA SER B 300 -15.42 7.10 22.34
C SER B 300 -16.73 7.73 21.91
N GLU B 301 -16.93 9.01 22.23
CA GLU B 301 -18.16 9.70 21.87
C GLU B 301 -18.25 9.91 20.36
N LEU B 302 -17.12 10.21 19.71
CA LEU B 302 -17.12 10.38 18.26
C LEU B 302 -17.49 9.09 17.55
N LEU B 303 -17.09 7.94 18.12
CA LEU B 303 -17.42 6.65 17.52
C LEU B 303 -18.84 6.19 17.85
N SER B 304 -19.41 6.65 18.96
CA SER B 304 -20.78 6.28 19.30
C SER B 304 -21.81 6.85 18.33
N LYS B 305 -21.43 7.82 17.50
CA LYS B 305 -22.32 8.41 16.51
C LYS B 305 -22.41 7.57 15.23
N ARG B 306 -21.83 6.38 15.21
CA ARG B 306 -21.90 5.51 14.05
C ARG B 306 -23.25 4.84 13.92
N THR B 307 -23.77 4.79 12.69
CA THR B 307 -24.97 4.05 12.36
C THR B 307 -24.68 3.18 11.14
N LYS B 308 -25.54 2.19 10.90
CA LYS B 308 -25.39 1.36 9.70
C LYS B 308 -25.59 2.20 8.44
N GLU B 309 -26.59 3.10 8.45
CA GLU B 309 -26.81 3.97 7.30
C GLU B 309 -25.62 4.89 7.06
N LEU B 310 -25.05 5.43 8.13
CA LEU B 310 -23.91 6.32 7.96
C LEU B 310 -22.65 5.55 7.58
N ASP B 311 -22.50 4.32 8.08
CA ASP B 311 -21.34 3.51 7.72
C ASP B 311 -21.29 3.21 6.23
N LYS B 312 -22.38 2.66 5.70
CA LYS B 312 -22.37 2.28 4.28
C LYS B 312 -22.25 3.49 3.36
N LYS B 313 -22.64 4.68 3.83
CA LYS B 313 -22.38 5.90 3.06
C LYS B 313 -20.89 6.24 3.06
N ILE B 314 -20.23 6.03 4.20
CA ILE B 314 -18.77 6.24 4.27
C ILE B 314 -18.05 5.27 3.34
N ILE B 315 -18.50 4.01 3.30
CA ILE B 315 -17.84 3.01 2.47
C ILE B 315 -17.92 3.39 1.00
N GLU B 316 -19.08 3.90 0.55
CA GLU B 316 -19.21 4.28 -0.85
C GLU B 316 -18.27 5.42 -1.20
N LEU B 317 -18.18 6.42 -0.33
CA LEU B 317 -17.27 7.54 -0.60
C LEU B 317 -15.81 7.09 -0.53
N TRP B 318 -15.48 6.20 0.41
CA TRP B 318 -14.13 5.67 0.47
C TRP B 318 -13.80 4.86 -0.78
N GLU B 319 -14.76 4.03 -1.23
CA GLU B 319 -14.55 3.24 -2.43
C GLU B 319 -14.42 4.13 -3.67
N LYS B 320 -15.03 5.32 -3.64
CA LYS B 320 -14.93 6.25 -4.76
C LYS B 320 -13.58 6.95 -4.81
N TYR B 321 -13.15 7.53 -3.68
CA TYR B 321 -11.96 8.36 -3.67
C TYR B 321 -10.67 7.58 -3.46
N ILE B 322 -10.72 6.47 -2.71
CA ILE B 322 -9.53 5.71 -2.36
C ILE B 322 -9.58 4.29 -2.90
N GLY B 323 -10.71 3.63 -2.76
CA GLY B 323 -10.84 2.24 -3.15
C GLY B 323 -10.66 1.32 -1.96
N LEU B 324 -11.38 0.19 -1.98
CA LEU B 324 -11.32 -0.76 -0.88
C LEU B 324 -10.04 -1.59 -0.90
N LYS B 325 -9.50 -1.87 -2.08
CA LYS B 325 -8.23 -2.58 -2.17
C LYS B 325 -7.08 -1.64 -1.84
N ILE B 326 -6.15 -2.12 -1.03
CA ILE B 326 -4.94 -1.36 -0.72
C ILE B 326 -3.94 -1.54 -1.86
N ILE B 327 -3.68 -0.46 -2.59
CA ILE B 327 -2.82 -0.51 -3.77
C ILE B 327 -1.51 0.22 -3.47
N TYR B 328 -0.48 -0.14 -4.22
CA TYR B 328 0.84 0.44 -3.99
C TYR B 328 0.90 1.87 -4.50
N ASP B 329 1.48 2.75 -3.67
CA ASP B 329 1.63 4.17 -3.99
C ASP B 329 3.08 4.56 -3.72
N SER B 330 3.76 5.06 -4.75
CA SER B 330 5.18 5.39 -4.66
C SER B 330 5.42 6.88 -4.42
N ASP B 331 4.40 7.64 -4.05
CA ASP B 331 4.61 9.02 -3.63
C ASP B 331 5.42 9.06 -2.35
N THR B 332 6.12 10.17 -2.15
CA THR B 332 6.89 10.34 -0.91
C THR B 332 5.96 10.31 0.29
N PHE B 333 6.51 9.89 1.43
CA PHE B 333 5.68 9.63 2.60
C PHE B 333 5.04 10.90 3.14
N ASP B 334 5.67 12.06 2.92
CA ASP B 334 5.03 13.31 3.31
C ASP B 334 3.85 13.63 2.41
N ILE B 335 3.92 13.25 1.13
CA ILE B 335 2.78 13.42 0.22
C ILE B 335 1.67 12.45 0.60
N GLN B 336 2.02 11.20 0.92
CA GLN B 336 1.03 10.22 1.31
C GLN B 336 0.35 10.62 2.62
N PHE B 337 1.07 11.30 3.52
CA PHE B 337 0.46 11.83 4.72
C PHE B 337 -0.66 12.83 4.39
N THR B 338 -0.36 13.77 3.49
CA THR B 338 -1.35 14.80 3.16
C THR B 338 -2.50 14.21 2.34
N SER B 339 -2.19 13.30 1.41
CA SER B 339 -3.21 12.78 0.51
C SER B 339 -4.26 11.98 1.26
N ARG B 340 -3.83 11.08 2.16
CA ARG B 340 -4.78 10.25 2.89
C ARG B 340 -5.64 11.10 3.81
N ARG B 341 -5.04 12.07 4.50
CA ARG B 341 -5.83 12.94 5.38
C ARG B 341 -6.76 13.84 4.58
N PHE B 342 -6.39 14.20 3.36
CA PHE B 342 -7.25 15.04 2.54
C PHE B 342 -8.58 14.35 2.25
N TYR B 343 -8.53 13.05 1.95
CA TYR B 343 -9.75 12.33 1.61
C TYR B 343 -10.51 11.88 2.85
N ILE B 344 -9.82 11.67 3.98
CA ILE B 344 -10.52 11.42 5.23
C ILE B 344 -11.36 12.63 5.60
N GLU B 345 -10.80 13.83 5.46
CA GLU B 345 -11.56 15.05 5.73
C GLU B 345 -12.66 15.26 4.72
N LYS B 346 -12.37 14.97 3.44
CA LYS B 346 -13.38 15.16 2.39
C LYS B 346 -14.58 14.27 2.60
N ILE B 347 -14.34 13.00 2.98
CA ILE B 347 -15.44 12.09 3.25
C ILE B 347 -16.25 12.54 4.46
N TYR B 348 -15.58 13.00 5.51
CA TYR B 348 -16.30 13.47 6.70
C TYR B 348 -17.18 14.67 6.37
N ASN B 349 -16.67 15.60 5.57
CA ASN B 349 -17.43 16.80 5.24
C ASN B 349 -18.52 16.55 4.18
N GLU B 350 -18.63 15.34 3.65
CA GLU B 350 -19.74 14.98 2.77
C GLU B 350 -20.81 14.20 3.52
N LEU B 351 -20.56 13.89 4.79
CA LEU B 351 -21.59 13.36 5.69
C LEU B 351 -22.17 14.56 6.41
N ASN B 352 -23.25 15.11 5.86
CA ASN B 352 -23.83 16.32 6.43
C ASN B 352 -24.46 16.02 7.78
N ILE B 353 -23.64 15.59 8.76
CA ILE B 353 -24.14 15.34 10.10
C ILE B 353 -24.51 16.67 10.75
N ASN B 354 -25.60 16.66 11.50
CA ASN B 354 -26.06 17.86 12.19
C ASN B 354 -25.60 17.80 13.65
N HIS B 355 -24.95 18.87 14.10
CA HIS B 355 -24.37 18.91 15.42
C HIS B 355 -25.27 19.65 16.41
N GLN C 5 -35.53 -26.80 36.40
CA GLN C 5 -36.05 -25.75 37.25
C GLN C 5 -36.13 -24.41 36.50
N ILE C 6 -37.31 -23.80 36.55
CA ILE C 6 -37.60 -22.57 35.82
C ILE C 6 -37.96 -21.48 36.82
N GLN C 7 -37.51 -20.26 36.56
CA GLN C 7 -37.92 -19.10 37.33
C GLN C 7 -38.85 -18.24 36.50
N HIS C 8 -39.86 -17.67 37.17
CA HIS C 8 -40.88 -16.86 36.51
C HIS C 8 -40.65 -15.41 36.90
N ILE C 9 -40.24 -14.59 35.93
CA ILE C 9 -39.91 -13.19 36.14
C ILE C 9 -41.01 -12.34 35.53
N ALA C 10 -41.62 -11.49 36.34
CA ALA C 10 -42.64 -10.56 35.89
C ALA C 10 -41.98 -9.30 35.35
N ILE C 11 -42.23 -8.98 34.09
CA ILE C 11 -41.73 -7.76 33.46
C ILE C 11 -42.90 -6.81 33.26
N VAL C 12 -42.71 -5.56 33.68
CA VAL C 12 -43.76 -4.55 33.69
C VAL C 12 -43.28 -3.32 32.95
N GLY C 13 -44.18 -2.72 32.15
CA GLY C 13 -43.88 -1.48 31.46
C GLY C 13 -44.00 -0.28 32.36
N CYS C 14 -44.84 0.69 31.96
CA CYS C 14 -45.05 1.89 32.74
C CYS C 14 -46.01 1.62 33.89
N VAL C 15 -45.65 2.08 35.08
CA VAL C 15 -46.49 1.94 36.26
C VAL C 15 -47.33 3.19 36.49
N HIS C 16 -46.70 4.36 36.39
CA HIS C 16 -47.37 5.65 36.54
C HIS C 16 -48.17 5.75 37.83
N GLY C 17 -47.57 5.28 38.92
CA GLY C 17 -48.15 5.43 40.24
C GLY C 17 -49.30 4.50 40.57
N LYS C 18 -49.64 3.57 39.68
CA LYS C 18 -50.72 2.62 39.94
C LYS C 18 -50.14 1.31 40.47
N TYR C 19 -49.49 1.41 41.63
CA TYR C 19 -48.78 0.27 42.20
C TYR C 19 -49.73 -0.81 42.69
N ARG C 20 -50.77 -0.43 43.43
CA ARG C 20 -51.70 -1.42 43.96
C ARG C 20 -52.38 -2.20 42.85
N GLU C 21 -52.65 -1.56 41.72
CA GLU C 21 -53.22 -2.28 40.58
C GLU C 21 -52.21 -3.26 40.00
N MET C 22 -50.93 -2.86 39.95
CA MET C 22 -49.91 -3.75 39.41
C MET C 22 -49.77 -5.00 40.27
N TYR C 23 -49.57 -4.82 41.58
CA TYR C 23 -49.42 -5.96 42.48
C TYR C 23 -50.71 -6.77 42.58
N ARG C 24 -51.87 -6.16 42.32
CA ARG C 24 -53.11 -6.92 42.22
C ARG C 24 -53.05 -7.90 41.06
N GLN C 25 -52.61 -7.42 39.89
CA GLN C 25 -52.48 -8.31 38.74
C GLN C 25 -51.43 -9.38 38.97
N LEU C 26 -50.31 -9.00 39.58
CA LEU C 26 -49.26 -9.97 39.88
C LEU C 26 -49.73 -11.04 40.85
N SER C 27 -50.46 -10.62 41.89
CA SER C 27 -50.98 -11.59 42.86
C SER C 27 -52.01 -12.51 42.22
N GLU C 28 -52.83 -11.99 41.30
CA GLU C 28 -53.85 -12.82 40.68
C GLU C 28 -53.23 -13.80 39.68
N TYR C 29 -52.08 -13.46 39.10
CA TYR C 29 -51.40 -14.38 38.20
C TYR C 29 -50.97 -15.63 38.96
N GLU C 30 -50.42 -15.45 40.16
CA GLU C 30 -49.91 -16.58 40.93
C GLU C 30 -51.04 -17.53 41.35
N LYS C 31 -52.22 -17.00 41.64
CA LYS C 31 -53.33 -17.84 42.05
C LYS C 31 -53.99 -18.53 40.87
N SER C 32 -54.09 -17.84 39.73
CA SER C 32 -54.68 -18.44 38.54
C SER C 32 -53.82 -19.58 38.01
N THR C 33 -52.56 -19.27 37.68
CA THR C 33 -51.68 -20.25 37.06
C THR C 33 -50.97 -21.17 38.05
N GLY C 34 -50.94 -20.82 39.33
CA GLY C 34 -50.21 -21.61 40.30
C GLY C 34 -48.72 -21.38 40.33
N LYS C 35 -48.16 -20.68 39.34
CA LYS C 35 -46.74 -20.41 39.30
C LYS C 35 -46.35 -19.36 40.33
N GLU C 36 -45.06 -19.35 40.69
CA GLU C 36 -44.51 -18.42 41.67
C GLU C 36 -43.65 -17.39 40.97
N ILE C 37 -43.85 -16.12 41.31
CA ILE C 37 -43.08 -15.02 40.74
C ILE C 37 -41.80 -14.86 41.54
N SER C 38 -40.66 -14.93 40.86
CA SER C 38 -39.38 -14.75 41.54
C SER C 38 -39.16 -13.29 41.91
N PHE C 39 -39.20 -12.40 40.92
CA PHE C 39 -39.07 -10.97 41.17
C PHE C 39 -39.71 -10.23 39.99
N VAL C 40 -39.87 -8.92 40.15
CA VAL C 40 -40.54 -8.08 39.16
C VAL C 40 -39.54 -7.07 38.61
N ILE C 41 -39.63 -6.81 37.31
CA ILE C 41 -38.78 -5.85 36.62
C ILE C 41 -39.67 -4.82 35.94
N CYS C 42 -39.39 -3.54 36.20
CA CYS C 42 -40.17 -2.44 35.64
C CYS C 42 -39.28 -1.54 34.78
N THR C 43 -39.85 -0.99 33.71
CA THR C 43 -39.08 -0.26 32.71
C THR C 43 -39.17 1.25 32.85
N GLY C 44 -39.65 1.75 33.97
CA GLY C 44 -39.62 3.17 34.24
C GLY C 44 -41.00 3.78 34.37
N ASP C 45 -41.02 5.12 34.50
CA ASP C 45 -42.23 5.88 34.79
C ASP C 45 -42.91 5.35 36.05
N MET C 46 -42.13 5.36 37.14
CA MET C 46 -42.57 4.79 38.41
C MET C 46 -43.25 5.82 39.31
N GLN C 47 -42.87 7.09 39.20
CA GLN C 47 -43.47 8.17 39.99
C GLN C 47 -43.40 7.87 41.48
N THR C 48 -42.17 7.68 41.96
CA THR C 48 -41.91 7.38 43.37
C THR C 48 -41.89 8.68 44.18
N LEU C 49 -43.07 9.30 44.25
CA LEU C 49 -43.24 10.54 45.01
C LEU C 49 -43.52 10.20 46.48
N ARG C 50 -42.69 10.72 47.37
CA ARG C 50 -42.85 10.45 48.80
C ARG C 50 -43.97 11.29 49.41
N TYR C 51 -43.96 12.59 49.15
CA TYR C 51 -44.92 13.51 49.73
C TYR C 51 -45.30 14.57 48.69
N GLU C 52 -46.25 15.44 49.07
CA GLU C 52 -46.78 16.43 48.13
C GLU C 52 -45.68 17.32 47.57
N ALA C 53 -44.64 17.60 48.35
CA ALA C 53 -43.57 18.48 47.89
C ALA C 53 -42.81 17.89 46.70
N ASP C 54 -42.84 16.57 46.52
CA ASP C 54 -42.15 15.96 45.40
C ASP C 54 -42.85 16.19 44.07
N LEU C 55 -44.10 16.63 44.07
CA LEU C 55 -44.81 16.92 42.83
C LEU C 55 -44.08 17.96 41.98
N VAL C 56 -43.25 18.80 42.60
CA VAL C 56 -42.48 19.79 41.87
C VAL C 56 -41.56 19.14 40.84
N TYR C 57 -41.04 17.96 41.15
CA TYR C 57 -40.07 17.28 40.31
C TYR C 57 -40.69 16.30 39.31
N LEU C 58 -42.02 16.24 39.22
CA LEU C 58 -42.71 15.32 38.32
C LEU C 58 -43.03 16.07 37.02
N LYS C 59 -42.26 15.79 35.97
CA LYS C 59 -42.42 16.44 34.67
C LYS C 59 -43.55 15.75 33.91
N VAL C 60 -44.77 16.23 34.14
CA VAL C 60 -45.96 15.73 33.45
C VAL C 60 -46.88 16.90 33.16
N PRO C 61 -47.81 16.74 32.22
CA PRO C 61 -48.83 17.78 32.01
C PRO C 61 -49.69 17.96 33.24
N PRO C 62 -50.33 19.13 33.41
CA PRO C 62 -51.10 19.37 34.64
C PRO C 62 -52.16 18.32 34.89
N LYS C 63 -52.72 17.74 33.82
CA LYS C 63 -53.72 16.69 33.94
C LYS C 63 -53.22 15.51 34.75
N TYR C 64 -51.90 15.28 34.77
CA TYR C 64 -51.32 14.11 35.42
C TYR C 64 -50.51 14.45 36.67
N LYS C 65 -50.61 15.67 37.19
CA LYS C 65 -49.92 16.06 38.43
C LYS C 65 -50.63 15.38 39.59
N GLN C 66 -50.35 14.09 39.78
CA GLN C 66 -51.01 13.28 40.78
C GLN C 66 -49.98 12.51 41.60
N MET C 67 -50.37 12.16 42.82
CA MET C 67 -49.45 11.47 43.72
C MET C 67 -49.24 10.01 43.31
N GLY C 68 -50.32 9.28 43.09
CA GLY C 68 -50.23 7.86 42.82
C GLY C 68 -50.26 7.03 44.10
N ASP C 69 -49.87 5.76 43.94
CA ASP C 69 -49.92 4.81 45.04
C ASP C 69 -48.62 4.71 45.83
N PHE C 70 -47.51 5.26 45.31
CA PHE C 70 -46.20 4.98 45.91
C PHE C 70 -46.13 5.45 47.36
N HIS C 71 -46.74 6.60 47.67
CA HIS C 71 -46.65 7.14 49.02
C HIS C 71 -47.19 6.16 50.05
N LEU C 72 -48.14 5.29 49.66
CA LEU C 72 -48.61 4.26 50.58
C LEU C 72 -47.52 3.26 50.92
N TYR C 73 -46.70 2.89 49.94
CA TYR C 73 -45.63 1.94 50.20
C TYR C 73 -44.46 2.61 50.94
N TYR C 74 -44.15 3.86 50.59
CA TYR C 74 -43.10 4.58 51.30
C TYR C 74 -43.48 4.82 52.76
N GLU C 75 -44.77 5.09 53.02
CA GLU C 75 -45.26 5.28 54.37
C GLU C 75 -45.44 3.97 55.13
N GLY C 76 -45.29 2.83 54.47
CA GLY C 76 -45.46 1.54 55.12
C GLY C 76 -46.89 1.08 55.30
N LYS C 77 -47.87 1.87 54.86
CA LYS C 77 -49.26 1.43 54.94
C LYS C 77 -49.53 0.26 54.01
N GLU C 78 -48.79 0.16 52.91
CA GLU C 78 -48.84 -0.97 52.00
C GLU C 78 -47.45 -1.58 51.88
N LYS C 79 -47.39 -2.87 51.59
CA LYS C 79 -46.13 -3.61 51.55
C LYS C 79 -46.04 -4.35 50.22
N ALA C 80 -45.01 -4.03 49.45
CA ALA C 80 -44.81 -4.66 48.15
C ALA C 80 -44.59 -6.15 48.32
N PRO C 81 -45.42 -7.01 47.72
CA PRO C 81 -45.28 -8.46 47.93
C PRO C 81 -44.14 -9.11 47.17
N TYR C 82 -43.54 -8.43 46.19
CA TYR C 82 -42.44 -9.01 45.42
C TYR C 82 -41.29 -8.01 45.33
N LEU C 83 -40.07 -8.55 45.28
CA LEU C 83 -38.90 -7.72 45.02
C LEU C 83 -39.01 -7.10 43.64
N THR C 84 -39.01 -5.77 43.57
CA THR C 84 -39.25 -5.04 42.33
C THR C 84 -38.00 -4.23 41.98
N LEU C 85 -37.37 -4.60 40.88
CA LEU C 85 -36.24 -3.85 40.33
C LEU C 85 -36.76 -2.93 39.23
N PHE C 86 -36.34 -1.67 39.24
CA PHE C 86 -36.87 -0.72 38.27
C PHE C 86 -35.81 0.31 37.91
N ILE C 87 -36.01 0.93 36.75
CA ILE C 87 -35.20 2.05 36.28
C ILE C 87 -36.08 3.29 36.22
N GLY C 88 -35.51 4.40 35.81
CA GLY C 88 -36.24 5.66 35.70
C GLY C 88 -36.66 5.94 34.26
N GLY C 89 -37.83 6.57 34.13
CA GLY C 89 -38.32 6.99 32.84
C GLY C 89 -38.32 8.50 32.70
N ASN C 90 -39.41 9.06 32.18
CA ASN C 90 -39.54 10.51 32.08
C ASN C 90 -40.55 11.08 33.07
N ALA C 91 -41.52 10.29 33.53
CA ALA C 91 -42.47 10.70 34.55
C ALA C 91 -41.96 10.10 35.86
N GLU C 92 -41.08 10.83 36.53
CA GLU C 92 -40.42 10.33 37.73
C GLU C 92 -40.32 11.44 38.76
N SER C 93 -40.11 11.02 40.02
CA SER C 93 -39.68 11.94 41.06
C SER C 93 -38.18 12.12 40.89
N SER C 94 -37.83 13.02 39.96
CA SER C 94 -36.44 13.13 39.51
C SER C 94 -35.49 13.49 40.64
N ASN C 95 -35.98 14.21 41.66
CA ASN C 95 -35.14 14.49 42.82
C ASN C 95 -34.76 13.23 43.56
N VAL C 96 -35.70 12.29 43.70
CA VAL C 96 -35.43 11.05 44.41
C VAL C 96 -34.38 10.23 43.66
N LEU C 97 -34.54 10.11 42.35
CA LEU C 97 -33.63 9.29 41.56
C LEU C 97 -32.24 9.90 41.46
N LEU C 98 -32.10 11.21 41.66
CA LEU C 98 -30.77 11.81 41.68
C LEU C 98 -30.03 11.52 42.97
N HIS C 99 -30.73 11.57 44.11
CA HIS C 99 -30.12 11.13 45.36
C HIS C 99 -29.61 9.70 45.25
N LEU C 100 -30.37 8.85 44.57
CA LEU C 100 -30.03 7.44 44.41
C LEU C 100 -29.45 7.14 43.03
N TYR C 101 -28.63 8.06 42.49
CA TYR C 101 -28.08 7.83 41.16
C TYR C 101 -27.17 6.62 41.12
N ASN C 102 -26.62 6.20 42.26
CA ASN C 102 -25.90 4.95 42.37
C ASN C 102 -26.79 3.78 42.81
N GLY C 103 -28.11 3.92 42.67
CA GLY C 103 -29.04 2.91 43.08
C GLY C 103 -29.44 3.00 44.54
N GLY C 104 -30.48 2.25 44.88
CA GLY C 104 -30.95 2.21 46.26
C GLY C 104 -32.41 1.82 46.33
N PHE C 105 -32.80 1.36 47.51
CA PHE C 105 -34.19 1.04 47.79
C PHE C 105 -34.96 2.32 48.10
N VAL C 106 -35.99 2.60 47.30
CA VAL C 106 -36.90 3.69 47.62
C VAL C 106 -37.87 3.30 48.72
N CYS C 107 -38.12 2.00 48.89
CA CYS C 107 -38.92 1.45 49.98
C CYS C 107 -38.72 -0.06 49.95
N PHE C 108 -39.37 -0.74 50.89
CA PHE C 108 -39.21 -2.19 51.00
C PHE C 108 -39.63 -2.89 49.71
N ASN C 109 -38.74 -3.73 49.19
CA ASN C 109 -38.91 -4.57 48.01
C ASN C 109 -38.98 -3.78 46.70
N MET C 110 -38.59 -2.51 46.70
CA MET C 110 -38.54 -1.71 45.47
C MET C 110 -37.15 -1.10 45.34
N TYR C 111 -36.31 -1.69 44.49
CA TYR C 111 -34.94 -1.26 44.32
C TYR C 111 -34.77 -0.49 43.01
N TYR C 112 -34.26 0.73 43.11
CA TYR C 112 -33.91 1.53 41.94
C TYR C 112 -32.49 1.22 41.51
N LEU C 113 -32.29 1.00 40.21
CA LEU C 113 -30.99 0.60 39.68
C LEU C 113 -30.04 1.77 39.44
N GLY C 114 -30.47 3.01 39.68
CA GLY C 114 -29.62 4.16 39.44
C GLY C 114 -29.71 4.69 38.03
N VAL C 115 -28.83 5.66 37.76
CA VAL C 115 -28.70 6.19 36.40
C VAL C 115 -28.40 5.05 35.43
N CYS C 116 -27.53 4.13 35.83
CA CYS C 116 -27.23 2.89 35.13
C CYS C 116 -26.44 2.02 36.09
N SER C 117 -26.58 0.72 35.95
CA SER C 117 -25.84 -0.22 36.78
C SER C 117 -26.09 -1.63 36.24
N CYS C 118 -25.44 -2.60 36.87
CA CYS C 118 -25.70 -4.01 36.64
C CYS C 118 -25.82 -4.69 37.99
N ILE C 119 -26.80 -5.58 38.12
CA ILE C 119 -27.04 -6.29 39.36
C ILE C 119 -27.05 -7.78 39.08
N ASN C 120 -26.95 -8.56 40.15
CA ASN C 120 -26.99 -10.01 40.09
C ASN C 120 -28.18 -10.51 40.90
N ILE C 121 -28.92 -11.47 40.34
CA ILE C 121 -30.00 -12.12 41.06
C ILE C 121 -30.35 -13.44 40.38
N ASN C 122 -30.44 -14.51 41.17
CA ASN C 122 -30.79 -15.84 40.67
C ASN C 122 -29.91 -16.26 39.50
N GLY C 123 -28.64 -15.92 39.56
CA GLY C 123 -27.70 -16.27 38.51
C GLY C 123 -27.80 -15.42 37.25
N LEU C 124 -28.61 -14.37 37.26
CA LEU C 124 -28.76 -13.50 36.10
C LEU C 124 -27.96 -12.22 36.30
N ARG C 125 -27.55 -11.64 35.17
CA ARG C 125 -26.92 -10.31 35.14
C ARG C 125 -27.86 -9.38 34.41
N ILE C 126 -28.31 -8.33 35.09
CA ILE C 126 -29.34 -7.43 34.57
C ILE C 126 -28.78 -6.02 34.53
N VAL C 127 -28.85 -5.39 33.36
CA VAL C 127 -28.37 -4.03 33.14
C VAL C 127 -29.55 -3.10 32.99
N GLY C 128 -29.44 -1.91 33.57
CA GLY C 128 -30.50 -0.91 33.46
C GLY C 128 -29.96 0.39 32.94
N VAL C 129 -30.77 1.05 32.10
CA VAL C 129 -30.46 2.37 31.55
C VAL C 129 -31.69 3.23 31.76
N SER C 130 -31.57 4.25 32.61
CA SER C 130 -32.71 5.08 32.98
C SER C 130 -32.86 6.27 32.05
N GLY C 131 -34.08 6.79 31.98
CA GLY C 131 -34.36 8.03 31.27
C GLY C 131 -34.74 7.83 29.83
N ILE C 132 -35.03 8.95 29.17
CA ILE C 132 -35.29 8.99 27.74
C ILE C 132 -34.29 9.95 27.11
N TYR C 133 -34.10 9.81 25.81
CA TYR C 133 -33.06 10.53 25.10
C TYR C 133 -33.53 11.90 24.61
N LYS C 134 -32.73 12.92 24.89
CA LYS C 134 -32.92 14.25 24.32
C LYS C 134 -31.55 14.80 23.96
N SER C 135 -31.35 15.11 22.68
CA SER C 135 -30.00 15.42 22.18
C SER C 135 -29.40 16.61 22.90
N PHE C 136 -30.20 17.63 23.20
CA PHE C 136 -29.68 18.86 23.76
C PHE C 136 -29.26 18.72 25.23
N ASP C 137 -29.47 17.56 25.84
CA ASP C 137 -29.06 17.33 27.24
C ASP C 137 -28.14 16.12 27.41
N GLU C 138 -27.73 15.46 26.33
CA GLU C 138 -26.99 14.21 26.47
C GLU C 138 -25.57 14.42 26.99
N LYS C 139 -25.02 15.64 26.91
CA LYS C 139 -23.71 15.93 27.46
C LYS C 139 -23.80 16.92 28.63
N LYS C 140 -24.98 17.08 29.21
CA LYS C 140 -25.18 17.96 30.35
C LYS C 140 -24.90 17.23 31.65
N PRO C 141 -24.11 17.80 32.56
CA PRO C 141 -23.83 17.12 33.82
C PRO C 141 -25.02 17.24 34.77
N TYR C 142 -24.97 16.43 35.83
CA TYR C 142 -25.97 16.51 36.88
C TYR C 142 -25.56 17.56 37.90
N THR C 143 -26.56 18.24 38.45
CA THR C 143 -26.34 19.25 39.49
C THR C 143 -26.97 18.79 40.79
N TYR C 144 -26.19 18.82 41.86
CA TYR C 144 -26.64 18.35 43.16
C TYR C 144 -26.34 19.43 44.20
N PRO C 145 -27.27 19.66 45.14
CA PRO C 145 -28.56 18.98 45.35
C PRO C 145 -29.58 19.32 44.26
N PRO C 146 -30.59 18.46 44.09
CA PRO C 146 -31.57 18.69 43.03
C PRO C 146 -32.32 20.00 43.24
N SER C 147 -32.51 20.73 42.14
CA SER C 147 -33.20 22.00 42.13
C SER C 147 -34.47 21.92 41.29
N PRO C 148 -35.52 22.66 41.66
CA PRO C 148 -36.75 22.66 40.85
C PRO C 148 -36.53 23.16 39.43
N ASN C 149 -35.44 23.88 39.14
CA ASN C 149 -35.19 24.31 37.79
C ASN C 149 -34.79 23.16 36.88
N ASP C 150 -34.29 22.06 37.44
CA ASP C 150 -33.79 20.93 36.68
C ASP C 150 -34.86 19.86 36.42
N VAL C 151 -36.13 20.16 36.68
CA VAL C 151 -37.19 19.19 36.48
C VAL C 151 -37.29 18.78 35.02
N VAL C 152 -36.95 19.68 34.10
CA VAL C 152 -37.09 19.39 32.67
C VAL C 152 -35.93 18.58 32.12
N SER C 153 -34.79 18.52 32.81
CA SER C 153 -33.60 17.89 32.27
C SER C 153 -33.08 16.70 33.08
N LEU C 154 -33.60 16.46 34.28
CA LEU C 154 -33.03 15.41 35.14
C LEU C 154 -33.25 14.02 34.56
N PHE C 155 -34.38 13.80 33.87
CA PHE C 155 -34.72 12.49 33.35
C PHE C 155 -34.18 12.23 31.95
N HIS C 156 -33.27 13.07 31.47
CA HIS C 156 -32.68 12.90 30.15
C HIS C 156 -31.43 12.03 30.23
N THR C 157 -31.40 10.98 29.42
CA THR C 157 -30.28 10.04 29.44
C THR C 157 -29.01 10.73 28.99
N ARG C 158 -27.95 10.60 29.78
CA ARG C 158 -26.66 11.19 29.48
C ARG C 158 -25.82 10.25 28.62
N ASN C 159 -24.98 10.85 27.77
CA ASN C 159 -24.18 10.07 26.84
C ASN C 159 -23.14 9.20 27.54
N TYR C 160 -22.67 9.62 28.73
CA TYR C 160 -21.55 8.94 29.36
C TYR C 160 -21.88 7.52 29.81
N VAL C 161 -23.17 7.17 29.90
CA VAL C 161 -23.53 5.82 30.31
C VAL C 161 -23.09 4.78 29.30
N ILE C 162 -22.81 5.18 28.05
CA ILE C 162 -22.32 4.24 27.05
C ILE C 162 -20.97 3.68 27.48
N GLN C 163 -20.08 4.54 27.98
CA GLN C 163 -18.77 4.10 28.41
C GLN C 163 -18.79 3.45 29.78
N MET C 164 -19.81 3.72 30.60
CA MET C 164 -19.93 3.07 31.90
C MET C 164 -20.40 1.63 31.78
N LEU C 165 -21.04 1.25 30.66
CA LEU C 165 -21.64 -0.06 30.51
C LEU C 165 -21.03 -0.91 29.41
N SER C 166 -20.12 -0.37 28.60
CA SER C 166 -19.68 -1.07 27.39
C SER C 166 -18.91 -2.35 27.70
N ASN C 167 -18.17 -2.38 28.81
CA ASN C 167 -17.30 -3.51 29.12
C ASN C 167 -17.97 -4.60 29.95
N LEU C 168 -19.25 -4.44 30.30
CA LEU C 168 -19.90 -5.37 31.22
C LEU C 168 -20.05 -6.77 30.64
N SER C 169 -19.95 -6.92 29.32
CA SER C 169 -20.14 -8.20 28.66
C SER C 169 -18.84 -8.95 28.40
N GLN C 170 -17.72 -8.50 28.97
CA GLN C 170 -16.44 -9.15 28.67
C GLN C 170 -16.29 -10.48 29.39
N SER C 171 -16.67 -10.54 30.67
CA SER C 171 -16.48 -11.76 31.43
C SER C 171 -17.60 -12.76 31.15
N SER C 172 -18.84 -12.28 31.10
CA SER C 172 -19.99 -13.12 30.83
C SER C 172 -21.07 -12.24 30.20
N GLN C 173 -21.90 -12.87 29.37
CA GLN C 173 -22.91 -12.09 28.65
C GLN C 173 -24.02 -11.64 29.60
N ILE C 174 -24.78 -10.64 29.14
CA ILE C 174 -25.84 -10.04 29.92
C ILE C 174 -27.16 -10.73 29.58
N ASP C 175 -27.90 -11.16 30.60
CA ASP C 175 -29.16 -11.85 30.36
C ASP C 175 -30.26 -10.87 29.98
N ILE C 176 -30.49 -9.86 30.80
CA ILE C 176 -31.57 -8.91 30.61
C ILE C 176 -31.00 -7.49 30.67
N SER C 177 -31.46 -6.63 29.77
CA SER C 177 -31.07 -5.23 29.76
C SER C 177 -32.32 -4.37 29.74
N LEU C 178 -32.26 -3.24 30.44
CA LEU C 178 -33.43 -2.40 30.66
C LEU C 178 -33.21 -1.00 30.11
N SER C 179 -34.19 -0.52 29.36
CA SER C 179 -34.29 0.89 29.00
C SER C 179 -35.76 1.28 29.06
N HIS C 180 -36.02 2.59 29.12
CA HIS C 180 -37.40 3.07 29.13
C HIS C 180 -37.89 3.24 27.69
N ASP C 181 -37.34 4.22 26.99
CA ASP C 181 -37.64 4.36 25.58
C ASP C 181 -36.91 3.28 24.78
N TRP C 182 -37.45 2.98 23.60
CA TRP C 182 -36.93 1.86 22.83
C TRP C 182 -35.53 2.20 22.28
N PRO C 183 -34.71 1.18 22.06
CA PRO C 183 -33.48 1.40 21.28
C PRO C 183 -33.83 1.86 19.87
N GLN C 184 -33.19 2.94 19.44
CA GLN C 184 -33.53 3.57 18.17
C GLN C 184 -33.39 2.58 17.02
N GLY C 185 -34.45 2.47 16.22
CA GLY C 185 -34.46 1.60 15.06
C GLY C 185 -34.99 0.20 15.29
N ILE C 186 -35.19 -0.20 16.55
CA ILE C 186 -35.70 -1.54 16.83
C ILE C 186 -37.12 -1.74 16.35
N VAL C 187 -37.85 -0.64 16.09
CA VAL C 187 -39.23 -0.75 15.64
C VAL C 187 -39.31 -1.45 14.29
N MET C 188 -38.26 -1.33 13.47
CA MET C 188 -38.28 -1.93 12.13
C MET C 188 -37.93 -3.41 12.14
N LYS C 189 -37.27 -3.91 13.18
CA LYS C 189 -36.89 -5.31 13.27
C LYS C 189 -38.02 -6.19 13.81
N GLY C 190 -39.26 -5.74 13.74
CA GLY C 190 -40.40 -6.58 14.07
C GLY C 190 -41.56 -6.36 13.13
N ASN C 191 -42.77 -6.77 13.54
CA ASN C 191 -43.97 -6.58 12.74
C ASN C 191 -44.45 -5.13 12.91
N TYR C 192 -43.85 -4.23 12.13
CA TYR C 192 -44.17 -2.82 12.28
C TYR C 192 -45.47 -2.44 11.59
N LYS C 193 -45.83 -3.13 10.50
CA LYS C 193 -47.10 -2.83 9.84
C LYS C 193 -48.29 -3.17 10.74
N GLN C 194 -48.15 -4.17 11.60
CA GLN C 194 -49.17 -4.43 12.61
C GLN C 194 -49.09 -3.39 13.73
N LEU C 195 -47.87 -2.98 14.10
CA LEU C 195 -47.71 -1.96 15.12
C LEU C 195 -48.27 -0.62 14.66
N TYR C 196 -48.16 -0.33 13.36
CA TYR C 196 -48.72 0.92 12.84
C TYR C 196 -50.24 0.91 12.85
N ARG C 197 -50.85 -0.29 12.83
CA ARG C 197 -52.30 -0.37 12.99
C ARG C 197 -52.71 -0.12 14.44
N PHE C 198 -51.84 -0.40 15.41
CA PHE C 198 -52.10 0.02 16.77
C PHE C 198 -52.02 1.54 16.90
N GLN C 199 -50.93 2.13 16.39
CA GLN C 199 -50.72 3.57 16.45
C GLN C 199 -50.09 4.03 15.14
N PRO C 200 -50.86 4.66 14.25
CA PRO C 200 -50.26 5.22 13.04
C PRO C 200 -49.43 6.46 13.29
N GLY C 201 -49.27 6.86 14.55
CA GLY C 201 -48.38 7.97 14.86
C GLY C 201 -46.92 7.57 14.81
N PHE C 202 -46.62 6.31 15.13
CA PHE C 202 -45.23 5.85 15.13
C PHE C 202 -44.68 5.75 13.72
N LYS C 203 -45.56 5.79 12.70
CA LYS C 203 -45.09 5.71 11.32
C LYS C 203 -44.41 7.00 10.89
N LYS C 204 -44.73 8.12 11.54
CA LYS C 204 -44.04 9.37 11.25
C LYS C 204 -42.56 9.27 11.59
N ASP C 205 -42.26 8.81 12.80
CA ASP C 205 -40.86 8.69 13.24
C ASP C 205 -40.13 7.63 12.43
N GLY C 206 -40.81 6.53 12.11
CA GLY C 206 -40.20 5.51 11.27
C GLY C 206 -39.06 4.81 11.97
N ALA C 207 -37.92 4.70 11.28
CA ALA C 207 -36.76 4.03 11.83
C ALA C 207 -35.99 4.87 12.84
N SER C 208 -36.24 6.19 12.85
CA SER C 208 -35.59 7.09 13.80
C SER C 208 -36.25 7.07 15.17
N LEU C 209 -37.31 6.27 15.34
CA LEU C 209 -37.97 6.16 16.64
C LEU C 209 -37.05 5.47 17.64
N GLY C 210 -36.91 6.05 18.82
CA GLY C 210 -36.16 5.44 19.89
C GLY C 210 -34.90 6.23 20.24
N SER C 211 -34.18 5.71 21.23
CA SER C 211 -32.98 6.36 21.75
C SER C 211 -31.75 5.84 21.04
N PRO C 212 -30.92 6.70 20.44
CA PRO C 212 -29.64 6.21 19.89
C PRO C 212 -28.67 5.75 20.97
N ILE C 213 -28.79 6.27 22.20
CA ILE C 213 -27.94 5.81 23.29
C ILE C 213 -28.22 4.35 23.61
N ASN C 214 -29.50 3.98 23.68
CA ASN C 214 -29.85 2.59 23.94
C ASN C 214 -29.46 1.67 22.79
N LYS C 215 -29.51 2.18 21.56
CA LYS C 215 -29.13 1.36 20.41
C LYS C 215 -27.65 0.99 20.46
N VAL C 216 -26.80 1.95 20.86
CA VAL C 216 -25.37 1.68 20.97
C VAL C 216 -25.10 0.65 22.06
N ILE C 217 -25.78 0.79 23.20
CA ILE C 217 -25.60 -0.16 24.30
C ILE C 217 -26.09 -1.55 23.90
N LEU C 218 -27.21 -1.62 23.18
CA LEU C 218 -27.72 -2.90 22.72
C LEU C 218 -26.74 -3.59 21.78
N ASN C 219 -26.13 -2.83 20.87
CA ASN C 219 -25.18 -3.42 19.94
C ASN C 219 -23.87 -3.82 20.62
N THR C 220 -23.52 -3.13 21.71
CA THR C 220 -22.26 -3.44 22.41
C THR C 220 -22.43 -4.65 23.33
N LEU C 221 -23.48 -4.66 24.15
CA LEU C 221 -23.65 -5.70 25.16
C LEU C 221 -24.33 -6.95 24.61
N LYS C 222 -25.14 -6.81 23.58
CA LYS C 222 -25.89 -7.91 22.95
C LYS C 222 -26.53 -8.83 24.00
N PRO C 223 -27.39 -8.30 24.87
CA PRO C 223 -27.99 -9.14 25.91
C PRO C 223 -28.97 -10.13 25.33
N LYS C 224 -29.31 -11.15 26.13
CA LYS C 224 -30.30 -12.13 25.70
C LYS C 224 -31.68 -11.49 25.55
N TYR C 225 -32.00 -10.51 26.38
CA TYR C 225 -33.27 -9.81 26.33
C TYR C 225 -33.04 -8.33 26.53
N TRP C 226 -34.00 -7.57 25.83
CA TRP C 226 -34.06 -6.12 26.04
C TRP C 226 -35.51 -5.73 26.19
N ILE C 227 -35.88 -5.25 27.38
CA ILE C 227 -37.26 -4.90 27.70
C ILE C 227 -37.34 -3.38 27.87
N SER C 228 -38.29 -2.84 27.26
CA SER C 228 -38.53 -1.41 27.29
C SER C 228 -40.03 -1.15 27.47
N GLY C 229 -40.37 0.12 27.69
CA GLY C 229 -41.75 0.55 27.80
C GLY C 229 -41.97 1.88 27.10
N HIS C 230 -42.45 2.88 27.84
CA HIS C 230 -42.54 4.26 27.39
C HIS C 230 -43.61 4.49 26.33
N MET C 231 -43.75 3.56 25.38
CA MET C 231 -44.64 3.75 24.25
C MET C 231 -46.07 3.27 24.50
N HIS C 232 -46.33 2.68 25.67
CA HIS C 232 -47.67 2.27 26.08
C HIS C 232 -48.26 1.22 25.13
N CYS C 233 -47.42 0.31 24.66
CA CYS C 233 -47.89 -0.79 23.82
C CYS C 233 -46.95 -1.96 23.97
N GLU C 234 -47.47 -3.15 23.67
CA GLU C 234 -46.66 -4.35 23.66
C GLU C 234 -46.11 -4.57 22.26
N TYR C 235 -44.89 -5.11 22.18
CA TYR C 235 -44.21 -5.29 20.91
C TYR C 235 -43.01 -6.20 21.12
N HIS C 236 -42.77 -7.09 20.16
CA HIS C 236 -41.61 -7.97 20.18
C HIS C 236 -40.84 -7.83 18.90
N ALA C 237 -39.51 -7.94 19.01
CA ALA C 237 -38.61 -7.74 17.89
C ALA C 237 -37.34 -8.55 18.12
N GLU C 238 -36.56 -8.72 17.06
CA GLU C 238 -35.33 -9.49 17.10
C GLU C 238 -34.21 -8.70 16.47
N GLU C 239 -33.18 -8.39 17.24
CA GLU C 239 -31.97 -7.72 16.76
C GLU C 239 -30.78 -8.61 17.13
N GLY C 240 -30.25 -9.33 16.15
CA GLY C 240 -29.18 -10.27 16.39
C GLY C 240 -29.62 -11.36 17.35
N PRO C 241 -28.82 -11.59 18.39
CA PRO C 241 -29.20 -12.59 19.41
C PRO C 241 -30.13 -12.04 20.47
N THR C 242 -30.50 -10.77 20.40
CA THR C 242 -31.25 -10.09 21.45
C THR C 242 -32.75 -10.15 21.14
N HIS C 243 -33.52 -10.67 22.09
CA HIS C 243 -34.97 -10.64 22.02
C HIS C 243 -35.47 -9.33 22.62
N PHE C 244 -36.11 -8.50 21.81
CA PHE C 244 -36.65 -7.22 22.26
C PHE C 244 -38.12 -7.38 22.66
N ILE C 245 -38.48 -6.79 23.80
CA ILE C 245 -39.84 -6.87 24.32
C ILE C 245 -40.23 -5.49 24.85
N ALA C 246 -41.30 -4.93 24.29
CA ALA C 246 -41.84 -3.66 24.75
C ALA C 246 -43.15 -3.90 25.49
N LEU C 247 -43.40 -3.12 26.54
CA LEU C 247 -44.57 -3.30 27.38
C LEU C 247 -45.33 -2.00 27.50
N GLY C 248 -46.59 -2.11 27.92
CA GLY C 248 -47.48 -0.97 28.04
C GLY C 248 -47.56 -0.45 29.46
N LYS C 249 -48.60 0.35 29.72
CA LYS C 249 -48.78 0.98 31.02
C LYS C 249 -49.76 0.17 31.86
N ILE C 250 -49.52 0.14 33.17
CA ILE C 250 -50.39 -0.59 34.09
C ILE C 250 -51.81 -0.08 33.96
N GLY C 251 -52.77 -1.01 33.96
CA GLY C 251 -54.17 -0.72 33.70
C GLY C 251 -54.69 -1.38 32.45
N TYR C 252 -53.85 -1.53 31.44
CA TYR C 252 -54.17 -2.26 30.23
C TYR C 252 -53.49 -3.63 30.25
N LYS C 253 -54.04 -4.55 29.45
CA LYS C 253 -53.59 -5.94 29.49
C LYS C 253 -52.14 -6.07 29.04
N ASN C 254 -51.74 -5.32 28.01
CA ASN C 254 -50.42 -5.37 27.39
C ASN C 254 -49.29 -4.87 28.32
N ALA C 255 -49.50 -4.63 29.61
CA ALA C 255 -48.45 -4.05 30.44
C ALA C 255 -47.55 -5.09 31.09
N ILE C 256 -48.09 -6.25 31.46
CA ILE C 256 -47.34 -7.25 32.22
C ILE C 256 -47.22 -8.52 31.39
N SER C 257 -46.00 -8.92 31.08
CA SER C 257 -45.69 -10.21 30.49
C SER C 257 -44.80 -11.00 31.46
N TYR C 258 -44.39 -12.19 31.05
CA TYR C 258 -43.63 -13.08 31.93
C TYR C 258 -42.57 -13.84 31.16
N LEU C 259 -41.35 -13.81 31.67
CA LEU C 259 -40.22 -14.56 31.12
C LEU C 259 -39.99 -15.82 31.94
N ASP C 260 -39.99 -16.97 31.27
CA ASP C 260 -39.75 -18.26 31.92
C ASP C 260 -38.32 -18.66 31.59
N LEU C 261 -37.38 -18.27 32.47
CA LEU C 261 -35.96 -18.50 32.25
C LEU C 261 -35.45 -19.62 33.14
N PRO C 262 -34.37 -20.29 32.75
CA PRO C 262 -33.82 -21.35 33.60
C PRO C 262 -33.22 -20.80 34.89
N LEU C 263 -33.45 -21.53 35.98
CA LEU C 263 -32.93 -21.16 37.30
C LEU C 263 -31.82 -22.16 37.66
N LYS C 264 -30.56 -21.71 37.55
CA LYS C 264 -29.46 -22.57 37.96
C LYS C 264 -29.31 -22.59 39.47
N GLN C 265 -29.52 -21.45 40.12
CA GLN C 265 -29.36 -21.36 41.57
C GLN C 265 -30.12 -20.14 42.07
N LYS C 266 -30.99 -20.36 43.05
CA LYS C 266 -31.75 -19.26 43.65
C LYS C 266 -30.83 -18.45 44.54
N THR C 267 -30.51 -17.22 44.12
CA THR C 267 -29.53 -16.39 44.79
C THR C 267 -30.10 -14.99 45.02
N ASP C 268 -29.80 -14.42 46.17
CA ASP C 268 -30.33 -13.11 46.55
C ASP C 268 -29.78 -12.01 45.64
N LEU C 269 -30.43 -10.85 45.73
CA LEU C 269 -30.03 -9.69 44.93
C LEU C 269 -28.66 -9.22 45.37
N GLU C 270 -27.71 -9.17 44.43
CA GLU C 270 -26.34 -8.81 44.71
C GLU C 270 -25.84 -7.79 43.70
N TYR C 271 -24.82 -7.04 44.11
CA TYR C 271 -24.15 -6.13 43.17
C TYR C 271 -23.33 -6.94 42.17
N ASP C 272 -23.29 -6.45 40.93
CA ASP C 272 -22.46 -7.08 39.92
C ASP C 272 -21.01 -6.67 40.14
N LYS C 273 -20.11 -7.66 40.13
CA LYS C 273 -18.72 -7.39 40.45
C LYS C 273 -18.07 -6.48 39.40
N ASP C 274 -18.32 -6.76 38.11
CA ASP C 274 -17.75 -5.92 37.06
C ASP C 274 -18.25 -4.48 37.17
N TRP C 275 -19.54 -4.31 37.47
CA TRP C 275 -20.07 -2.96 37.62
C TRP C 275 -19.47 -2.26 38.82
N VAL C 276 -19.30 -2.98 39.93
CA VAL C 276 -18.70 -2.38 41.12
C VAL C 276 -17.30 -1.88 40.82
N CYS C 277 -16.54 -2.65 40.04
CA CYS C 277 -15.20 -2.19 39.65
C CYS C 277 -15.26 -1.00 38.70
N ASN C 278 -16.20 -1.01 37.75
CA ASN C 278 -16.40 0.16 36.91
C ASN C 278 -16.80 1.38 37.75
N LEU C 279 -17.62 1.15 38.78
CA LEU C 279 -18.08 2.24 39.63
C LEU C 279 -16.93 2.86 40.41
N ILE C 280 -16.00 2.03 40.89
CA ILE C 280 -14.90 2.53 41.71
C ILE C 280 -13.86 3.25 40.86
N MET C 281 -13.49 2.66 39.72
CA MET C 281 -12.42 3.22 38.90
C MET C 281 -12.78 4.55 38.25
N THR C 282 -14.06 4.91 38.23
CA THR C 282 -14.50 6.18 37.66
C THR C 282 -14.73 7.25 38.72
N TRP C 283 -14.41 6.97 39.98
CA TRP C 283 -14.65 7.95 41.04
C TRP C 283 -14.03 9.31 40.78
N PRO C 284 -12.83 9.44 40.18
CA PRO C 284 -12.33 10.79 39.86
C PRO C 284 -13.31 11.64 39.06
N ALA C 285 -14.06 11.03 38.13
CA ALA C 285 -15.03 11.80 37.36
C ALA C 285 -16.25 12.19 38.18
N PHE C 286 -16.50 11.52 39.31
CA PHE C 286 -17.64 11.79 40.16
C PHE C 286 -17.26 12.35 41.52
N SER C 287 -16.01 12.79 41.69
CA SER C 287 -15.55 13.23 43.01
C SER C 287 -16.22 14.52 43.44
N ASN C 288 -16.68 15.35 42.49
CA ASN C 288 -17.34 16.61 42.79
C ASN C 288 -18.83 16.35 42.99
N LYS C 289 -19.30 16.44 44.25
CA LYS C 289 -20.70 16.16 44.54
C LYS C 289 -21.64 17.21 43.96
N ALA C 290 -21.15 18.42 43.70
CA ALA C 290 -22.02 19.48 43.18
C ALA C 290 -22.25 19.38 41.69
N GLN C 291 -21.38 18.70 40.96
CA GLN C 291 -21.51 18.59 39.51
C GLN C 291 -20.78 17.33 39.05
N PHE C 292 -21.53 16.38 38.51
CA PHE C 292 -20.94 15.13 38.04
C PHE C 292 -21.73 14.59 36.84
N PRO C 293 -21.05 13.87 35.94
CA PRO C 293 -19.60 13.62 36.00
C PRO C 293 -18.77 14.76 35.41
N ASP C 294 -17.58 14.97 35.98
CA ASP C 294 -16.63 15.95 35.43
C ASP C 294 -16.03 15.35 34.18
N LEU C 295 -16.54 15.78 33.02
CA LEU C 295 -16.14 15.19 31.75
C LEU C 295 -14.78 15.68 31.26
N SER C 296 -14.06 16.48 32.04
CA SER C 296 -12.65 16.68 31.74
C SER C 296 -11.88 15.38 31.93
N TYR C 297 -12.35 14.52 32.82
CA TYR C 297 -11.89 13.15 32.89
C TYR C 297 -12.52 12.33 31.76
N SER C 298 -11.79 11.32 31.31
CA SER C 298 -12.28 10.38 30.31
C SER C 298 -12.73 9.10 31.01
N ILE C 299 -14.04 8.84 30.99
CA ILE C 299 -14.56 7.63 31.61
C ILE C 299 -13.96 6.39 30.95
N SER C 300 -13.83 6.43 29.62
CA SER C 300 -13.24 5.30 28.89
C SER C 300 -11.77 5.10 29.27
N GLU C 301 -11.04 6.20 29.51
CA GLU C 301 -9.65 6.08 29.92
C GLU C 301 -9.54 5.63 31.37
N LEU C 302 -10.45 6.11 32.23
CA LEU C 302 -10.43 5.69 33.64
C LEU C 302 -10.72 4.22 33.79
N LEU C 303 -11.55 3.66 32.91
CA LEU C 303 -11.88 2.23 32.98
C LEU C 303 -10.78 1.35 32.40
N SER C 304 -9.95 1.87 31.50
CA SER C 304 -8.87 1.08 30.93
C SER C 304 -7.80 0.72 31.96
N LYS C 305 -7.79 1.38 33.11
CA LYS C 305 -6.84 1.09 34.18
C LYS C 305 -7.24 -0.11 35.04
N ARG C 306 -8.30 -0.81 34.66
CA ARG C 306 -8.73 -2.00 35.40
C ARG C 306 -7.81 -3.18 35.11
N THR C 307 -7.45 -3.90 36.17
CA THR C 307 -6.70 -5.15 36.06
C THR C 307 -7.38 -6.23 36.89
N LYS C 308 -7.02 -7.48 36.62
CA LYS C 308 -7.57 -8.60 37.38
C LYS C 308 -7.27 -8.46 38.87
N GLU C 309 -6.02 -8.13 39.21
CA GLU C 309 -5.64 -8.05 40.61
C GLU C 309 -6.25 -6.82 41.28
N LEU C 310 -6.32 -5.69 40.57
CA LEU C 310 -6.97 -4.51 41.14
C LEU C 310 -8.45 -4.74 41.35
N ASP C 311 -9.09 -5.50 40.45
CA ASP C 311 -10.49 -5.83 40.63
C ASP C 311 -10.72 -6.67 41.88
N LYS C 312 -9.84 -7.64 42.13
CA LYS C 312 -9.99 -8.49 43.31
C LYS C 312 -9.81 -7.70 44.60
N LYS C 313 -8.98 -6.65 44.59
CA LYS C 313 -8.88 -5.79 45.75
C LYS C 313 -10.15 -4.95 45.92
N ILE C 314 -10.74 -4.52 44.81
CA ILE C 314 -11.96 -3.72 44.87
C ILE C 314 -13.11 -4.55 45.41
N ILE C 315 -13.28 -5.78 44.90
CA ILE C 315 -14.36 -6.64 45.36
C ILE C 315 -14.17 -6.99 46.83
N GLU C 316 -12.92 -7.14 47.27
CA GLU C 316 -12.63 -7.44 48.67
C GLU C 316 -13.00 -6.27 49.57
N LEU C 317 -12.68 -5.04 49.13
CA LEU C 317 -13.01 -3.86 49.94
C LEU C 317 -14.50 -3.57 49.92
N TRP C 318 -15.16 -3.80 48.78
CA TRP C 318 -16.60 -3.58 48.70
C TRP C 318 -17.34 -4.52 49.64
N GLU C 319 -16.93 -5.78 49.71
CA GLU C 319 -17.57 -6.73 50.61
C GLU C 319 -17.38 -6.32 52.07
N LYS C 320 -16.29 -5.61 52.38
CA LYS C 320 -16.02 -5.20 53.75
C LYS C 320 -16.90 -4.03 54.16
N TYR C 321 -16.93 -2.96 53.37
CA TYR C 321 -17.63 -1.74 53.76
C TYR C 321 -19.10 -1.72 53.39
N ILE C 322 -19.47 -2.37 52.28
CA ILE C 322 -20.83 -2.31 51.77
C ILE C 322 -21.51 -3.68 51.75
N GLY C 323 -20.79 -4.70 51.33
CA GLY C 323 -21.37 -6.02 51.20
C GLY C 323 -21.83 -6.31 49.78
N LEU C 324 -21.72 -7.58 49.39
CA LEU C 324 -22.12 -7.96 48.04
C LEU C 324 -23.63 -8.06 47.90
N LYS C 325 -24.33 -8.41 48.98
CA LYS C 325 -25.78 -8.49 48.95
C LYS C 325 -26.37 -7.09 48.98
N ILE C 326 -27.35 -6.83 48.11
CA ILE C 326 -28.07 -5.56 48.15
C ILE C 326 -29.14 -5.67 49.22
N ILE C 327 -28.98 -4.92 50.30
CA ILE C 327 -29.88 -5.01 51.45
C ILE C 327 -30.68 -3.72 51.56
N TYR C 328 -31.83 -3.83 52.22
CA TYR C 328 -32.71 -2.68 52.37
C TYR C 328 -32.17 -1.71 53.41
N ASP C 329 -32.18 -0.42 53.07
CA ASP C 329 -31.70 0.64 53.94
C ASP C 329 -32.76 1.73 53.98
N SER C 330 -33.25 2.04 55.18
CA SER C 330 -34.33 3.00 55.36
C SER C 330 -33.84 4.40 55.72
N ASP C 331 -32.54 4.67 55.56
CA ASP C 331 -32.05 6.03 55.72
C ASP C 331 -32.62 6.93 54.62
N THR C 332 -32.68 8.23 54.92
CA THR C 332 -33.17 9.18 53.94
C THR C 332 -32.28 9.20 52.70
N PHE C 333 -32.88 9.56 51.56
CA PHE C 333 -32.18 9.44 50.28
C PHE C 333 -31.00 10.40 50.17
N ASP C 334 -31.06 11.54 50.85
CA ASP C 334 -29.90 12.43 50.87
C ASP C 334 -28.77 11.85 51.69
N ILE C 335 -29.10 11.10 52.74
CA ILE C 335 -28.09 10.41 53.54
C ILE C 335 -27.48 9.25 52.75
N GLN C 336 -28.33 8.49 52.03
CA GLN C 336 -27.82 7.39 51.21
C GLN C 336 -26.92 7.89 50.10
N PHE C 337 -27.19 9.07 49.56
CA PHE C 337 -26.32 9.67 48.55
C PHE C 337 -24.91 9.87 49.10
N THR C 338 -24.81 10.46 50.30
CA THR C 338 -23.51 10.73 50.87
C THR C 338 -22.81 9.45 51.33
N SER C 339 -23.57 8.52 51.90
CA SER C 339 -22.99 7.29 52.43
C SER C 339 -22.36 6.45 51.34
N ARG C 340 -23.09 6.24 50.23
CA ARG C 340 -22.58 5.39 49.16
C ARG C 340 -21.35 6.03 48.50
N ARG C 341 -21.38 7.34 48.28
CA ARG C 341 -20.22 8.02 47.72
C ARG C 341 -19.05 8.03 48.69
N PHE C 342 -19.33 8.04 50.00
CA PHE C 342 -18.27 8.01 51.00
C PHE C 342 -17.44 6.75 50.89
N TYR C 343 -18.08 5.60 50.67
CA TYR C 343 -17.35 4.34 50.59
C TYR C 343 -16.76 4.10 49.20
N ILE C 344 -17.37 4.68 48.16
CA ILE C 344 -16.74 4.63 46.84
C ILE C 344 -15.41 5.37 46.87
N GLU C 345 -15.38 6.53 47.54
CA GLU C 345 -14.13 7.28 47.67
C GLU C 345 -13.15 6.54 48.57
N LYS C 346 -13.64 5.92 49.65
CA LYS C 346 -12.75 5.22 50.57
C LYS C 346 -12.08 4.02 49.89
N ILE C 347 -12.84 3.27 49.09
CA ILE C 347 -12.27 2.12 48.39
C ILE C 347 -11.24 2.58 47.35
N TYR C 348 -11.55 3.63 46.60
CA TYR C 348 -10.63 4.11 45.57
C TYR C 348 -9.31 4.57 46.17
N ASN C 349 -9.37 5.30 47.28
CA ASN C 349 -8.17 5.84 47.92
C ASN C 349 -7.38 4.79 48.68
N GLU C 350 -7.85 3.55 48.75
CA GLU C 350 -7.10 2.46 49.35
C GLU C 350 -6.38 1.60 48.32
N LEU C 351 -6.55 1.89 47.04
CA LEU C 351 -5.77 1.26 45.99
C LEU C 351 -4.55 2.09 45.62
N ASN C 352 -4.30 3.18 46.35
CA ASN C 352 -3.22 4.12 46.06
C ASN C 352 -3.41 4.73 44.67
N ILE C 353 -2.72 4.17 43.67
CA ILE C 353 -2.75 4.62 42.27
C ILE C 353 -2.90 6.13 42.12
N GLN D 5 -21.04 -22.47 -8.23
CA GLN D 5 -20.83 -23.72 -8.95
C GLN D 5 -19.44 -23.74 -9.58
N ILE D 6 -18.79 -24.90 -9.55
CA ILE D 6 -17.41 -25.03 -9.98
C ILE D 6 -17.24 -26.31 -10.78
N GLN D 7 -16.45 -26.22 -11.86
CA GLN D 7 -16.00 -27.38 -12.62
C GLN D 7 -14.50 -27.54 -12.40
N HIS D 8 -14.04 -28.79 -12.33
CA HIS D 8 -12.64 -29.09 -12.07
C HIS D 8 -12.00 -29.59 -13.37
N ILE D 9 -11.10 -28.78 -13.92
CA ILE D 9 -10.45 -29.07 -15.20
C ILE D 9 -9.01 -29.46 -14.92
N ALA D 10 -8.63 -30.65 -15.38
CA ALA D 10 -7.26 -31.12 -15.26
C ALA D 10 -6.46 -30.59 -16.44
N ILE D 11 -5.40 -29.84 -16.16
CA ILE D 11 -4.50 -29.33 -17.18
C ILE D 11 -3.20 -30.11 -17.10
N VAL D 12 -2.72 -30.58 -18.25
CA VAL D 12 -1.57 -31.48 -18.33
C VAL D 12 -0.55 -30.86 -19.27
N GLY D 13 0.72 -30.96 -18.91
CA GLY D 13 1.79 -30.50 -19.77
C GLY D 13 2.11 -31.50 -20.87
N CYS D 14 3.37 -31.90 -20.95
CA CYS D 14 3.81 -32.86 -21.97
C CYS D 14 3.46 -34.28 -21.53
N VAL D 15 2.90 -35.06 -22.45
CA VAL D 15 2.56 -36.45 -22.16
C VAL D 15 3.67 -37.39 -22.60
N HIS D 16 4.19 -37.19 -23.81
CA HIS D 16 5.28 -38.00 -24.36
C HIS D 16 4.96 -39.49 -24.31
N GLY D 17 3.73 -39.83 -24.70
CA GLY D 17 3.34 -41.23 -24.83
C GLY D 17 3.08 -41.95 -23.53
N LYS D 18 3.12 -41.26 -22.39
CA LYS D 18 2.85 -41.87 -21.10
C LYS D 18 1.40 -41.66 -20.70
N TYR D 19 0.50 -42.19 -21.54
CA TYR D 19 -0.93 -41.98 -21.35
C TYR D 19 -1.45 -42.75 -20.14
N ARG D 20 -1.07 -44.02 -20.01
CA ARG D 20 -1.57 -44.84 -18.92
C ARG D 20 -1.18 -44.28 -17.57
N GLU D 21 0.03 -43.71 -17.46
CA GLU D 21 0.43 -43.08 -16.21
C GLU D 21 -0.37 -41.81 -15.95
N MET D 22 -0.66 -41.04 -17.00
CA MET D 22 -1.42 -39.81 -16.82
C MET D 22 -2.83 -40.09 -16.29
N TYR D 23 -3.56 -40.99 -16.95
CA TYR D 23 -4.91 -41.30 -16.52
C TYR D 23 -4.96 -41.99 -15.17
N ARG D 24 -3.88 -42.65 -14.76
CA ARG D 24 -3.84 -43.21 -13.41
C ARG D 24 -3.54 -42.15 -12.36
N GLN D 25 -2.72 -41.15 -12.70
CA GLN D 25 -2.54 -40.01 -11.81
C GLN D 25 -3.83 -39.20 -11.70
N LEU D 26 -4.53 -39.01 -12.81
CA LEU D 26 -5.79 -38.29 -12.78
C LEU D 26 -6.83 -39.03 -11.95
N SER D 27 -6.88 -40.36 -12.09
CA SER D 27 -7.82 -41.14 -11.29
C SER D 27 -7.47 -41.10 -9.82
N GLU D 28 -6.17 -41.10 -9.48
CA GLU D 28 -5.76 -40.97 -8.09
C GLU D 28 -6.16 -39.60 -7.54
N TYR D 29 -6.16 -38.57 -8.38
CA TYR D 29 -6.59 -37.25 -7.94
C TYR D 29 -8.07 -37.22 -7.58
N GLU D 30 -8.90 -37.87 -8.39
CA GLU D 30 -10.35 -37.80 -8.17
C GLU D 30 -10.75 -38.44 -6.85
N LYS D 31 -10.03 -39.47 -6.41
CA LYS D 31 -10.47 -40.26 -5.27
C LYS D 31 -9.58 -40.10 -4.05
N SER D 32 -8.53 -39.29 -4.16
CA SER D 32 -7.90 -38.70 -2.98
C SER D 32 -8.75 -37.54 -2.47
N THR D 33 -8.97 -36.55 -3.33
CA THR D 33 -9.67 -35.31 -2.97
C THR D 33 -11.19 -35.41 -3.06
N GLY D 34 -11.74 -36.43 -3.73
CA GLY D 34 -13.17 -36.51 -3.91
C GLY D 34 -13.75 -35.67 -5.03
N LYS D 35 -12.97 -34.76 -5.62
CA LYS D 35 -13.47 -33.94 -6.71
C LYS D 35 -13.60 -34.77 -7.99
N GLU D 36 -14.44 -34.28 -8.89
CA GLU D 36 -14.70 -34.93 -10.17
C GLU D 36 -14.09 -34.10 -11.30
N ILE D 37 -13.39 -34.76 -12.21
CA ILE D 37 -12.75 -34.07 -13.34
C ILE D 37 -13.77 -33.90 -14.45
N SER D 38 -13.95 -32.65 -14.90
CA SER D 38 -14.84 -32.39 -16.03
C SER D 38 -14.21 -32.85 -17.34
N PHE D 39 -13.03 -32.33 -17.65
CA PHE D 39 -12.29 -32.77 -18.83
C PHE D 39 -10.81 -32.45 -18.61
N VAL D 40 -9.98 -32.95 -19.51
CA VAL D 40 -8.52 -32.85 -19.39
C VAL D 40 -7.98 -32.01 -20.54
N ILE D 41 -6.97 -31.21 -20.24
CA ILE D 41 -6.32 -30.34 -21.24
C ILE D 41 -4.83 -30.66 -21.27
N CYS D 42 -4.31 -30.94 -22.46
CA CYS D 42 -2.91 -31.25 -22.66
C CYS D 42 -2.27 -30.23 -23.60
N THR D 43 -0.99 -29.93 -23.35
CA THR D 43 -0.29 -28.85 -24.05
C THR D 43 0.65 -29.34 -25.15
N GLY D 44 0.54 -30.59 -25.58
CA GLY D 44 1.28 -31.06 -26.73
C GLY D 44 2.27 -32.15 -26.37
N ASP D 45 3.06 -32.53 -27.37
CA ASP D 45 3.98 -33.67 -27.28
C ASP D 45 3.22 -34.92 -26.87
N MET D 46 2.22 -35.26 -27.68
CA MET D 46 1.30 -36.35 -27.39
C MET D 46 1.76 -37.67 -27.99
N GLN D 47 2.49 -37.64 -29.10
CA GLN D 47 2.99 -38.83 -29.77
C GLN D 47 1.84 -39.79 -30.10
N THR D 48 0.89 -39.28 -30.88
CA THR D 48 -0.29 -40.04 -31.28
C THR D 48 0.08 -40.96 -32.44
N LEU D 49 0.94 -41.93 -32.14
CA LEU D 49 1.38 -42.92 -33.11
C LEU D 49 0.39 -44.07 -33.16
N ARG D 50 -0.19 -44.30 -34.33
CA ARG D 50 -1.18 -45.37 -34.48
C ARG D 50 -0.50 -46.73 -34.58
N TYR D 51 0.50 -46.84 -35.45
CA TYR D 51 1.19 -48.09 -35.69
C TYR D 51 2.68 -47.80 -35.89
N GLU D 52 3.47 -48.87 -36.03
CA GLU D 52 4.92 -48.74 -36.13
C GLU D 52 5.34 -47.83 -37.28
N ALA D 53 4.59 -47.81 -38.38
CA ALA D 53 4.97 -47.00 -39.53
C ALA D 53 4.95 -45.51 -39.23
N ASP D 54 4.22 -45.08 -38.20
CA ASP D 54 4.16 -43.67 -37.84
C ASP D 54 5.42 -43.17 -37.17
N LEU D 55 6.31 -44.07 -36.72
CA LEU D 55 7.56 -43.67 -36.09
C LEU D 55 8.41 -42.78 -36.98
N VAL D 56 8.23 -42.86 -38.31
CA VAL D 56 8.99 -42.03 -39.23
C VAL D 56 8.76 -40.54 -38.98
N TYR D 57 7.54 -40.16 -38.57
CA TYR D 57 7.17 -38.77 -38.42
C TYR D 57 7.41 -38.22 -37.03
N LEU D 58 8.01 -38.98 -36.13
CA LEU D 58 8.26 -38.54 -34.76
C LEU D 58 9.67 -37.97 -34.69
N LYS D 59 9.78 -36.64 -34.66
CA LYS D 59 11.06 -35.94 -34.65
C LYS D 59 11.62 -35.96 -33.24
N VAL D 60 12.35 -37.02 -32.93
CA VAL D 60 12.99 -37.20 -31.62
C VAL D 60 14.35 -37.84 -31.83
N PRO D 61 15.25 -37.71 -30.85
CA PRO D 61 16.51 -38.45 -30.90
C PRO D 61 16.27 -39.94 -30.88
N PRO D 62 17.22 -40.74 -31.38
CA PRO D 62 16.99 -42.20 -31.45
C PRO D 62 16.65 -42.84 -30.12
N LYS D 63 17.14 -42.27 -29.01
CA LYS D 63 16.85 -42.81 -27.69
C LYS D 63 15.35 -42.83 -27.40
N TYR D 64 14.61 -41.88 -27.96
CA TYR D 64 13.19 -41.71 -27.67
C TYR D 64 12.28 -42.20 -28.80
N LYS D 65 12.84 -42.91 -29.78
CA LYS D 65 12.06 -43.48 -30.88
C LYS D 65 11.25 -44.67 -30.38
N GLN D 66 10.15 -44.37 -29.69
CA GLN D 66 9.31 -45.38 -29.07
C GLN D 66 7.85 -45.14 -29.42
N MET D 67 7.07 -46.21 -29.36
CA MET D 67 5.65 -46.12 -29.72
C MET D 67 4.87 -45.37 -28.65
N GLY D 68 5.05 -45.74 -27.39
CA GLY D 68 4.27 -45.17 -26.31
C GLY D 68 3.00 -45.93 -26.03
N ASP D 69 2.12 -45.28 -25.27
CA ASP D 69 0.87 -45.90 -24.87
C ASP D 69 -0.29 -45.62 -25.82
N PHE D 70 -0.14 -44.67 -26.74
CA PHE D 70 -1.28 -44.23 -27.54
C PHE D 70 -1.84 -45.36 -28.39
N HIS D 71 -0.98 -46.19 -28.97
CA HIS D 71 -1.46 -47.25 -29.85
C HIS D 71 -2.41 -48.20 -29.12
N LEU D 72 -2.25 -48.35 -27.80
CA LEU D 72 -3.19 -49.16 -27.04
C LEU D 72 -4.58 -48.53 -27.03
N TYR D 73 -4.66 -47.19 -26.94
CA TYR D 73 -5.95 -46.53 -26.96
C TYR D 73 -6.52 -46.48 -28.38
N TYR D 74 -5.65 -46.28 -29.38
CA TYR D 74 -6.10 -46.28 -30.77
C TYR D 74 -6.63 -47.64 -31.19
N GLU D 75 -6.03 -48.71 -30.68
CA GLU D 75 -6.45 -50.07 -31.01
C GLU D 75 -7.69 -50.52 -30.26
N GLY D 76 -8.21 -49.71 -29.34
CA GLY D 76 -9.38 -50.07 -28.57
C GLY D 76 -9.10 -50.92 -27.35
N LYS D 77 -7.85 -51.29 -27.10
CA LYS D 77 -7.54 -52.08 -25.91
C LYS D 77 -7.76 -51.28 -24.64
N GLU D 78 -7.36 -50.01 -24.65
CA GLU D 78 -7.55 -49.11 -23.53
C GLU D 78 -8.54 -48.01 -23.91
N LYS D 79 -9.23 -47.48 -22.90
CA LYS D 79 -10.27 -46.48 -23.09
C LYS D 79 -9.98 -45.30 -22.18
N ALA D 80 -9.82 -44.12 -22.78
CA ALA D 80 -9.56 -42.92 -22.01
C ALA D 80 -10.74 -42.61 -21.10
N PRO D 81 -10.55 -42.55 -19.78
CA PRO D 81 -11.69 -42.34 -18.87
C PRO D 81 -12.20 -40.91 -18.82
N TYR D 82 -11.47 -39.94 -19.39
CA TYR D 82 -11.89 -38.55 -19.39
C TYR D 82 -11.76 -37.98 -20.79
N LEU D 83 -12.64 -37.05 -21.12
CA LEU D 83 -12.51 -36.32 -22.38
C LEU D 83 -11.23 -35.48 -22.34
N THR D 84 -10.34 -35.74 -23.30
CA THR D 84 -9.01 -35.12 -23.32
C THR D 84 -8.87 -34.26 -24.57
N LEU D 85 -8.79 -32.95 -24.37
CA LEU D 85 -8.51 -32.00 -25.44
C LEU D 85 -7.02 -31.67 -25.43
N PHE D 86 -6.39 -31.68 -26.61
CA PHE D 86 -4.96 -31.46 -26.68
C PHE D 86 -4.61 -30.73 -27.96
N ILE D 87 -3.42 -30.11 -27.95
CA ILE D 87 -2.83 -29.48 -29.12
C ILE D 87 -1.58 -30.26 -29.52
N GLY D 88 -0.89 -29.81 -30.56
CA GLY D 88 0.32 -30.46 -31.03
C GLY D 88 1.55 -29.74 -30.52
N GLY D 89 2.60 -30.51 -30.22
CA GLY D 89 3.85 -29.94 -29.79
C GLY D 89 4.94 -30.14 -30.82
N ASN D 90 6.12 -30.58 -30.37
CA ASN D 90 7.22 -30.88 -31.28
C ASN D 90 7.49 -32.38 -31.43
N ALA D 91 7.14 -33.19 -30.43
CA ALA D 91 7.27 -34.64 -30.49
C ALA D 91 5.88 -35.20 -30.78
N GLU D 92 5.53 -35.28 -32.06
CA GLU D 92 4.20 -35.69 -32.48
C GLU D 92 4.30 -36.60 -33.69
N SER D 93 3.22 -37.36 -33.91
CA SER D 93 3.01 -38.05 -35.18
C SER D 93 2.48 -37.02 -36.17
N SER D 94 3.42 -36.25 -36.75
CA SER D 94 3.06 -35.07 -37.52
C SER D 94 2.18 -35.41 -38.72
N ASN D 95 2.30 -36.63 -39.25
CA ASN D 95 1.42 -37.06 -40.33
C ASN D 95 -0.03 -37.11 -39.87
N VAL D 96 -0.28 -37.61 -38.66
CA VAL D 96 -1.64 -37.68 -38.14
C VAL D 96 -2.23 -36.30 -37.97
N LEU D 97 -1.45 -35.38 -37.36
CA LEU D 97 -1.96 -34.05 -37.08
C LEU D 97 -2.19 -33.23 -38.35
N LEU D 98 -1.51 -33.57 -39.46
CA LEU D 98 -1.77 -32.87 -40.71
C LEU D 98 -3.07 -33.31 -41.35
N HIS D 99 -3.36 -34.62 -41.32
CA HIS D 99 -4.68 -35.09 -41.75
C HIS D 99 -5.79 -34.40 -40.96
N LEU D 100 -5.57 -34.21 -39.66
CA LEU D 100 -6.56 -33.59 -38.78
C LEU D 100 -6.22 -32.13 -38.48
N TYR D 101 -5.72 -31.41 -39.49
CA TYR D 101 -5.35 -30.01 -39.27
C TYR D 101 -6.55 -29.13 -38.94
N ASN D 102 -7.75 -29.56 -39.31
CA ASN D 102 -8.99 -28.91 -38.89
C ASN D 102 -9.57 -29.53 -37.62
N GLY D 103 -8.76 -30.27 -36.88
CA GLY D 103 -9.21 -30.95 -35.68
C GLY D 103 -9.81 -32.31 -35.98
N GLY D 104 -10.03 -33.07 -34.92
CA GLY D 104 -10.63 -34.38 -35.03
C GLY D 104 -10.25 -35.27 -33.88
N PHE D 105 -11.06 -36.30 -33.67
CA PHE D 105 -10.77 -37.31 -32.67
C PHE D 105 -9.75 -38.30 -33.21
N VAL D 106 -8.59 -38.38 -32.54
CA VAL D 106 -7.63 -39.43 -32.87
C VAL D 106 -8.06 -40.78 -32.31
N CYS D 107 -8.88 -40.77 -31.26
CA CYS D 107 -9.50 -41.96 -30.69
C CYS D 107 -10.54 -41.47 -29.69
N PHE D 108 -11.26 -42.41 -29.09
CA PHE D 108 -12.34 -42.06 -28.19
C PHE D 108 -11.83 -41.22 -27.01
N ASN D 109 -12.50 -40.08 -26.79
CA ASN D 109 -12.23 -39.14 -25.70
C ASN D 109 -10.92 -38.40 -25.84
N MET D 110 -10.28 -38.42 -27.01
CA MET D 110 -9.05 -37.67 -27.26
C MET D 110 -9.27 -36.83 -28.52
N TYR D 111 -9.56 -35.55 -28.35
CA TYR D 111 -9.85 -34.65 -29.46
C TYR D 111 -8.67 -33.72 -29.70
N TYR D 112 -8.18 -33.71 -30.94
CA TYR D 112 -7.14 -32.80 -31.36
C TYR D 112 -7.74 -31.49 -31.84
N LEU D 113 -7.16 -30.37 -31.38
CA LEU D 113 -7.71 -29.04 -31.68
C LEU D 113 -7.30 -28.51 -33.03
N GLY D 114 -6.47 -29.23 -33.78
CA GLY D 114 -6.01 -28.76 -35.08
C GLY D 114 -4.77 -27.90 -34.99
N VAL D 115 -4.39 -27.36 -36.16
CA VAL D 115 -3.31 -26.38 -36.21
C VAL D 115 -3.60 -25.23 -35.25
N CYS D 116 -4.84 -24.77 -35.25
CA CYS D 116 -5.39 -23.80 -34.31
C CYS D 116 -6.89 -23.83 -34.48
N SER D 117 -7.61 -23.56 -33.41
CA SER D 117 -9.07 -23.52 -33.45
C SER D 117 -9.58 -23.00 -32.12
N CYS D 118 -10.90 -22.86 -32.03
CA CYS D 118 -11.59 -22.53 -30.81
C CYS D 118 -12.76 -23.50 -30.65
N ILE D 119 -12.96 -23.99 -29.43
CA ILE D 119 -14.03 -24.93 -29.14
C ILE D 119 -14.85 -24.40 -27.96
N ASN D 120 -16.02 -24.98 -27.78
CA ASN D 120 -16.90 -24.66 -26.66
C ASN D 120 -17.15 -25.92 -25.85
N ILE D 121 -17.09 -25.77 -24.52
CA ILE D 121 -17.40 -26.86 -23.61
C ILE D 121 -17.69 -26.29 -22.23
N ASN D 122 -18.81 -26.71 -21.63
CA ASN D 122 -19.22 -26.26 -20.29
C ASN D 122 -19.24 -24.73 -20.20
N GLY D 123 -19.69 -24.09 -21.27
CA GLY D 123 -19.76 -22.65 -21.31
C GLY D 123 -18.44 -21.94 -21.48
N LEU D 124 -17.36 -22.68 -21.73
CA LEU D 124 -16.03 -22.11 -21.89
C LEU D 124 -15.66 -22.01 -23.36
N ARG D 125 -14.80 -21.04 -23.67
CA ARG D 125 -14.21 -20.91 -24.99
C ARG D 125 -12.71 -21.17 -24.85
N ILE D 126 -12.22 -22.19 -25.55
CA ILE D 126 -10.84 -22.63 -25.42
C ILE D 126 -10.18 -22.55 -26.79
N VAL D 127 -9.07 -21.84 -26.86
CA VAL D 127 -8.30 -21.67 -28.09
C VAL D 127 -7.00 -22.46 -27.96
N GLY D 128 -6.60 -23.11 -29.04
CA GLY D 128 -5.36 -23.89 -29.06
C GLY D 128 -4.46 -23.43 -30.18
N VAL D 129 -3.16 -23.44 -29.92
CA VAL D 129 -2.13 -23.09 -30.90
C VAL D 129 -1.08 -24.21 -30.85
N SER D 130 -0.97 -24.95 -31.94
CA SER D 130 -0.09 -26.11 -31.98
C SER D 130 1.31 -25.73 -32.46
N GLY D 131 2.29 -26.56 -32.08
CA GLY D 131 3.63 -26.43 -32.58
C GLY D 131 4.54 -25.55 -31.73
N ILE D 132 5.78 -25.48 -32.18
CA ILE D 132 6.78 -24.59 -31.61
C ILE D 132 7.29 -23.68 -32.72
N TYR D 133 7.87 -22.55 -32.31
CA TYR D 133 8.24 -21.50 -33.24
C TYR D 133 9.65 -21.72 -33.80
N LYS D 134 9.76 -21.60 -35.12
CA LYS D 134 11.06 -21.57 -35.79
C LYS D 134 10.96 -20.53 -36.90
N SER D 135 11.84 -19.53 -36.85
CA SER D 135 11.66 -18.33 -37.67
C SER D 135 11.64 -18.65 -39.16
N PHE D 136 12.53 -19.55 -39.61
CA PHE D 136 12.65 -19.80 -41.04
C PHE D 136 11.49 -20.63 -41.61
N ASP D 137 10.52 -21.03 -40.79
CA ASP D 137 9.39 -21.82 -41.26
C ASP D 137 8.03 -21.19 -40.97
N GLU D 138 8.00 -19.96 -40.44
CA GLU D 138 6.73 -19.39 -40.02
C GLU D 138 5.84 -19.04 -41.20
N LYS D 139 6.42 -18.73 -42.36
CA LYS D 139 5.66 -18.48 -43.57
C LYS D 139 5.81 -19.60 -44.60
N LYS D 140 6.16 -20.80 -44.14
CA LYS D 140 6.24 -21.96 -45.03
C LYS D 140 4.89 -22.68 -45.05
N PRO D 141 4.36 -22.99 -46.22
CA PRO D 141 3.06 -23.67 -46.29
C PRO D 141 3.20 -25.15 -45.94
N TYR D 142 2.04 -25.77 -45.72
CA TYR D 142 1.97 -27.21 -45.51
C TYR D 142 1.85 -27.93 -46.84
N THR D 143 2.45 -29.12 -46.92
CA THR D 143 2.40 -29.95 -48.11
C THR D 143 1.64 -31.23 -47.78
N TYR D 144 0.66 -31.56 -48.62
CA TYR D 144 -0.20 -32.71 -48.40
C TYR D 144 -0.28 -33.57 -49.65
N PRO D 145 -0.25 -34.91 -49.49
CA PRO D 145 -0.21 -35.68 -48.25
C PRO D 145 1.15 -35.59 -47.53
N PRO D 146 1.17 -35.88 -46.23
CA PRO D 146 2.42 -35.73 -45.47
C PRO D 146 3.51 -36.66 -46.01
N SER D 147 4.72 -36.11 -46.12
CA SER D 147 5.87 -36.85 -46.59
C SER D 147 6.93 -36.93 -45.49
N PRO D 148 7.69 -38.03 -45.45
CA PRO D 148 8.77 -38.13 -44.45
C PRO D 148 9.83 -37.04 -44.57
N ASN D 149 9.90 -36.33 -45.70
CA ASN D 149 10.83 -35.23 -45.83
C ASN D 149 10.44 -34.04 -44.95
N ASP D 150 9.16 -33.95 -44.57
CA ASP D 150 8.64 -32.83 -43.80
C ASP D 150 8.65 -33.09 -42.30
N VAL D 151 9.31 -34.17 -41.85
CA VAL D 151 9.35 -34.50 -40.43
C VAL D 151 9.93 -33.35 -39.61
N VAL D 152 10.89 -32.61 -40.18
CA VAL D 152 11.55 -31.55 -39.44
C VAL D 152 10.75 -30.26 -39.39
N SER D 153 9.77 -30.07 -40.29
CA SER D 153 9.09 -28.79 -40.41
C SER D 153 7.59 -28.83 -40.13
N LEU D 154 6.97 -30.01 -40.03
CA LEU D 154 5.52 -30.07 -39.89
C LEU D 154 5.05 -29.51 -38.56
N PHE D 155 5.82 -29.67 -37.50
CA PHE D 155 5.42 -29.24 -36.16
C PHE D 155 5.83 -27.80 -35.86
N HIS D 156 6.23 -27.03 -36.86
CA HIS D 156 6.60 -25.63 -36.66
C HIS D 156 5.37 -24.75 -36.82
N THR D 157 5.18 -23.83 -35.88
CA THR D 157 4.02 -22.94 -35.92
C THR D 157 4.12 -21.97 -37.09
N ARG D 158 3.06 -21.90 -37.88
CA ARG D 158 3.01 -21.00 -39.02
C ARG D 158 2.50 -19.62 -38.62
N ASN D 159 2.97 -18.61 -39.34
CA ASN D 159 2.63 -17.23 -39.00
C ASN D 159 1.16 -16.94 -39.23
N TYR D 160 0.51 -17.64 -40.16
CA TYR D 160 -0.85 -17.29 -40.55
C TYR D 160 -1.87 -17.53 -39.44
N VAL D 161 -1.51 -18.29 -38.41
CA VAL D 161 -2.44 -18.52 -37.31
C VAL D 161 -2.72 -17.24 -36.53
N ILE D 162 -1.85 -16.24 -36.67
CA ILE D 162 -2.07 -14.95 -36.01
C ILE D 162 -3.36 -14.32 -36.53
N GLN D 163 -3.55 -14.35 -37.85
CA GLN D 163 -4.73 -13.74 -38.46
C GLN D 163 -5.96 -14.64 -38.40
N MET D 164 -5.78 -15.95 -38.21
CA MET D 164 -6.91 -16.86 -38.08
C MET D 164 -7.60 -16.75 -36.73
N LEU D 165 -6.92 -16.21 -35.71
CA LEU D 165 -7.43 -16.18 -34.36
C LEU D 165 -7.64 -14.78 -33.80
N SER D 166 -7.22 -13.74 -34.51
CA SER D 166 -7.16 -12.41 -33.93
C SER D 166 -8.54 -11.86 -33.57
N ASN D 167 -9.57 -12.23 -34.31
CA ASN D 167 -10.90 -11.65 -34.13
C ASN D 167 -11.77 -12.44 -33.17
N LEU D 168 -11.26 -13.53 -32.58
CA LEU D 168 -12.10 -14.39 -31.76
C LEU D 168 -12.54 -13.74 -30.46
N SER D 169 -11.85 -12.68 -30.01
CA SER D 169 -12.18 -12.03 -28.76
C SER D 169 -13.08 -10.81 -28.96
N GLN D 170 -13.59 -10.60 -30.17
CA GLN D 170 -14.40 -9.42 -30.43
C GLN D 170 -15.82 -9.60 -29.92
N SER D 171 -16.41 -10.79 -30.13
CA SER D 171 -17.76 -11.05 -29.68
C SER D 171 -17.81 -11.45 -28.20
N SER D 172 -16.88 -12.28 -27.76
CA SER D 172 -16.85 -12.76 -26.39
C SER D 172 -15.43 -13.04 -25.96
N GLN D 173 -15.25 -13.16 -24.65
CA GLN D 173 -13.93 -13.40 -24.08
C GLN D 173 -13.48 -14.85 -24.30
N ILE D 174 -12.17 -15.03 -24.40
CA ILE D 174 -11.57 -16.35 -24.43
C ILE D 174 -11.17 -16.74 -23.03
N ASP D 175 -11.63 -17.91 -22.57
CA ASP D 175 -11.34 -18.33 -21.21
C ASP D 175 -9.94 -18.91 -21.09
N ILE D 176 -9.62 -19.90 -21.92
CA ILE D 176 -8.35 -20.60 -21.87
C ILE D 176 -7.73 -20.61 -23.26
N SER D 177 -6.41 -20.41 -23.32
CA SER D 177 -5.66 -20.47 -24.57
C SER D 177 -4.51 -21.43 -24.39
N LEU D 178 -4.21 -22.19 -25.45
CA LEU D 178 -3.25 -23.28 -25.38
C LEU D 178 -2.11 -23.06 -26.37
N SER D 179 -0.88 -23.20 -25.89
CA SER D 179 0.29 -23.30 -26.75
C SER D 179 1.25 -24.32 -26.15
N HIS D 180 2.18 -24.79 -26.97
CA HIS D 180 3.20 -25.74 -26.48
C HIS D 180 4.37 -24.97 -25.88
N ASP D 181 5.14 -24.29 -26.73
CA ASP D 181 6.18 -23.41 -26.23
C ASP D 181 5.57 -22.13 -25.67
N TRP D 182 6.32 -21.49 -24.76
CA TRP D 182 5.79 -20.36 -24.03
C TRP D 182 5.64 -19.14 -24.93
N PRO D 183 4.72 -18.24 -24.60
CA PRO D 183 4.70 -16.93 -25.28
C PRO D 183 5.99 -16.17 -25.01
N GLN D 184 6.58 -15.64 -26.07
CA GLN D 184 7.88 -14.98 -25.96
C GLN D 184 7.81 -13.82 -24.98
N GLY D 185 8.72 -13.82 -24.01
CA GLY D 185 8.81 -12.76 -23.04
C GLY D 185 8.03 -13.00 -21.75
N ILE D 186 7.17 -14.02 -21.71
CA ILE D 186 6.40 -14.28 -20.50
C ILE D 186 7.30 -14.74 -19.36
N VAL D 187 8.52 -15.18 -19.66
CA VAL D 187 9.45 -15.63 -18.62
C VAL D 187 9.82 -14.48 -17.68
N MET D 188 9.82 -13.24 -18.19
CA MET D 188 10.20 -12.10 -17.37
C MET D 188 9.07 -11.55 -16.52
N LYS D 189 7.85 -12.06 -16.68
CA LYS D 189 6.70 -11.59 -15.92
C LYS D 189 6.35 -12.50 -14.74
N GLY D 190 7.29 -13.31 -14.28
CA GLY D 190 7.09 -14.09 -13.07
C GLY D 190 8.35 -14.16 -12.22
N ASN D 191 8.41 -15.13 -11.31
CA ASN D 191 9.59 -15.32 -10.46
C ASN D 191 10.66 -16.05 -11.27
N TYR D 192 11.41 -15.29 -12.06
CA TYR D 192 12.40 -15.92 -12.94
C TYR D 192 13.69 -16.28 -12.20
N LYS D 193 14.04 -15.55 -11.14
CA LYS D 193 15.24 -15.90 -10.38
C LYS D 193 15.07 -17.24 -9.67
N GLN D 194 13.84 -17.58 -9.28
CA GLN D 194 13.57 -18.93 -8.79
C GLN D 194 13.53 -19.94 -9.91
N LEU D 195 13.01 -19.55 -11.08
CA LEU D 195 13.01 -20.45 -12.23
C LEU D 195 14.41 -20.73 -12.72
N TYR D 196 15.32 -19.74 -12.61
CA TYR D 196 16.70 -19.98 -13.01
C TYR D 196 17.42 -20.92 -12.06
N ARG D 197 16.95 -21.03 -10.82
CA ARG D 197 17.49 -22.04 -9.91
C ARG D 197 17.02 -23.44 -10.27
N PHE D 198 15.84 -23.56 -10.90
CA PHE D 198 15.44 -24.85 -11.46
C PHE D 198 16.32 -25.22 -12.65
N GLN D 199 16.48 -24.29 -13.59
CA GLN D 199 17.29 -24.51 -14.79
C GLN D 199 18.04 -23.23 -15.12
N PRO D 200 19.35 -23.17 -14.83
CA PRO D 200 20.14 -22.01 -15.24
C PRO D 200 20.39 -21.95 -16.74
N GLY D 201 19.84 -22.89 -17.51
CA GLY D 201 19.95 -22.81 -18.95
C GLY D 201 19.03 -21.77 -19.54
N PHE D 202 17.86 -21.56 -18.92
CA PHE D 202 16.90 -20.59 -19.43
C PHE D 202 17.40 -19.16 -19.28
N LYS D 203 18.43 -18.95 -18.45
CA LYS D 203 18.97 -17.60 -18.27
C LYS D 203 19.74 -17.14 -19.50
N LYS D 204 20.24 -18.07 -20.31
CA LYS D 204 20.90 -17.69 -21.56
C LYS D 204 19.92 -17.01 -22.50
N ASP D 205 18.76 -17.63 -22.71
CA ASP D 205 17.77 -17.06 -23.61
C ASP D 205 17.18 -15.77 -23.06
N GLY D 206 16.99 -15.70 -21.75
CA GLY D 206 16.52 -14.47 -21.12
C GLY D 206 15.10 -14.14 -21.53
N ALA D 207 14.89 -12.90 -21.95
CA ALA D 207 13.56 -12.43 -22.34
C ALA D 207 13.16 -12.90 -23.74
N SER D 208 14.12 -13.29 -24.57
CA SER D 208 13.80 -13.76 -25.91
C SER D 208 13.27 -15.19 -25.92
N LEU D 209 13.18 -15.82 -24.75
CA LEU D 209 12.66 -17.18 -24.66
C LEU D 209 11.19 -17.23 -25.00
N GLY D 210 10.81 -18.18 -25.84
CA GLY D 210 9.42 -18.41 -26.17
C GLY D 210 9.11 -18.10 -27.63
N SER D 211 7.84 -18.29 -27.97
CA SER D 211 7.37 -18.11 -29.34
C SER D 211 6.84 -16.70 -29.51
N PRO D 212 7.36 -15.91 -30.46
CA PRO D 212 6.74 -14.59 -30.71
C PRO D 212 5.34 -14.70 -31.30
N ILE D 213 5.03 -15.81 -31.97
CA ILE D 213 3.68 -16.01 -32.49
C ILE D 213 2.68 -16.13 -31.34
N ASN D 214 3.03 -16.90 -30.31
CA ASN D 214 2.14 -17.03 -29.15
C ASN D 214 2.04 -15.72 -28.38
N LYS D 215 3.12 -14.92 -28.37
CA LYS D 215 3.06 -13.63 -27.67
C LYS D 215 2.06 -12.70 -28.34
N VAL D 216 2.01 -12.70 -29.67
CA VAL D 216 1.06 -11.86 -30.38
C VAL D 216 -0.37 -12.32 -30.13
N ILE D 217 -0.60 -13.64 -30.13
CA ILE D 217 -1.94 -14.15 -29.88
C ILE D 217 -2.40 -13.82 -28.46
N LEU D 218 -1.48 -13.94 -27.49
CA LEU D 218 -1.81 -13.58 -26.12
C LEU D 218 -2.17 -12.10 -26.01
N ASN D 219 -1.42 -11.24 -26.68
CA ASN D 219 -1.70 -9.80 -26.61
C ASN D 219 -2.98 -9.44 -27.35
N THR D 220 -3.35 -10.21 -28.37
CA THR D 220 -4.56 -9.89 -29.14
C THR D 220 -5.82 -10.36 -28.42
N LEU D 221 -5.83 -11.61 -27.95
CA LEU D 221 -7.01 -12.21 -27.36
C LEU D 221 -7.15 -11.90 -25.88
N LYS D 222 -6.03 -11.72 -25.18
CA LYS D 222 -6.01 -11.48 -23.74
C LYS D 222 -6.89 -12.47 -22.98
N PRO D 223 -6.62 -13.77 -23.08
CA PRO D 223 -7.49 -14.75 -22.42
C PRO D 223 -7.31 -14.73 -20.92
N LYS D 224 -8.29 -15.33 -20.23
CA LYS D 224 -8.19 -15.43 -18.78
C LYS D 224 -7.04 -16.34 -18.36
N TYR D 225 -6.74 -17.37 -19.14
CA TYR D 225 -5.64 -18.28 -18.86
C TYR D 225 -4.89 -18.59 -20.14
N TRP D 226 -3.54 -18.75 -19.84
CA TRP D 226 -2.71 -19.26 -20.92
C TRP D 226 -1.83 -20.37 -20.35
N ILE D 227 -2.04 -21.59 -20.83
CA ILE D 227 -1.34 -22.77 -20.33
C ILE D 227 -0.41 -23.27 -21.43
N SER D 228 0.81 -23.54 -21.13
CA SER D 228 1.85 -24.02 -22.03
C SER D 228 2.65 -25.12 -21.34
N GLY D 229 3.52 -25.76 -22.12
CA GLY D 229 4.41 -26.77 -21.59
C GLY D 229 5.79 -26.68 -22.21
N HIS D 230 6.24 -27.78 -22.82
CA HIS D 230 7.47 -27.83 -23.62
C HIS D 230 8.74 -27.72 -22.78
N MET D 231 8.73 -26.87 -21.76
CA MET D 231 9.95 -26.58 -20.99
C MET D 231 10.16 -27.53 -19.82
N HIS D 232 9.21 -28.44 -19.56
CA HIS D 232 9.36 -29.46 -18.53
C HIS D 232 9.53 -28.85 -17.14
N CYS D 233 8.81 -27.76 -16.88
CA CYS D 233 8.91 -27.12 -15.58
C CYS D 233 7.63 -26.37 -15.24
N GLU D 234 7.45 -26.12 -13.95
CA GLU D 234 6.34 -25.33 -13.44
C GLU D 234 6.72 -23.86 -13.42
N TYR D 235 5.75 -22.99 -13.68
CA TYR D 235 6.02 -21.56 -13.71
C TYR D 235 4.70 -20.79 -13.75
N HIS D 236 4.66 -19.69 -12.99
CA HIS D 236 3.54 -18.76 -13.00
C HIS D 236 3.97 -17.44 -13.60
N ALA D 237 3.02 -16.73 -14.20
CA ALA D 237 3.30 -15.39 -14.71
C ALA D 237 1.99 -14.63 -14.84
N GLU D 238 2.10 -13.31 -14.95
CA GLU D 238 0.96 -12.42 -15.08
C GLU D 238 1.24 -11.42 -16.20
N GLU D 239 0.42 -11.45 -17.24
CA GLU D 239 0.48 -10.47 -18.33
C GLU D 239 -0.90 -9.84 -18.47
N GLY D 240 -1.07 -8.64 -17.95
CA GLY D 240 -2.35 -7.98 -17.95
C GLY D 240 -3.37 -8.78 -17.17
N PRO D 241 -4.53 -9.03 -17.79
CA PRO D 241 -5.56 -9.86 -17.14
C PRO D 241 -5.33 -11.36 -17.32
N THR D 242 -4.27 -11.75 -18.02
CA THR D 242 -4.05 -13.14 -18.42
C THR D 242 -3.18 -13.85 -17.38
N HIS D 243 -3.68 -14.97 -16.87
CA HIS D 243 -2.92 -15.84 -15.98
C HIS D 243 -2.14 -16.86 -16.81
N PHE D 244 -0.81 -16.81 -16.72
CA PHE D 244 0.05 -17.76 -17.43
C PHE D 244 0.41 -18.92 -16.50
N ILE D 245 0.32 -20.14 -17.01
CA ILE D 245 0.60 -21.35 -16.24
C ILE D 245 1.38 -22.31 -17.13
N ALA D 246 2.58 -22.69 -16.70
CA ALA D 246 3.40 -23.67 -17.40
C ALA D 246 3.43 -24.98 -16.63
N LEU D 247 3.43 -26.09 -17.35
CA LEU D 247 3.37 -27.42 -16.75
C LEU D 247 4.53 -28.28 -17.25
N GLY D 248 4.81 -29.35 -16.51
CA GLY D 248 5.89 -30.26 -16.81
C GLY D 248 5.44 -31.51 -17.54
N LYS D 249 6.31 -32.52 -17.52
CA LYS D 249 6.08 -33.78 -18.23
C LYS D 249 5.56 -34.86 -17.29
N ILE D 250 4.71 -35.73 -17.84
CA ILE D 250 4.13 -36.82 -17.06
C ILE D 250 5.22 -37.69 -16.46
N GLY D 251 5.04 -38.08 -15.19
CA GLY D 251 6.04 -38.79 -14.42
C GLY D 251 6.54 -38.00 -13.23
N TYR D 252 6.63 -36.68 -13.38
CA TYR D 252 6.94 -35.77 -12.29
C TYR D 252 5.67 -35.08 -11.82
N LYS D 253 5.78 -34.38 -10.68
CA LYS D 253 4.64 -33.66 -10.14
C LYS D 253 4.26 -32.45 -10.99
N ASN D 254 5.17 -31.96 -11.82
CA ASN D 254 4.95 -30.71 -12.55
C ASN D 254 4.06 -30.88 -13.77
N ALA D 255 3.49 -32.06 -14.00
CA ALA D 255 2.76 -32.25 -15.24
C ALA D 255 1.27 -31.91 -15.13
N ILE D 256 0.65 -32.19 -13.99
CA ILE D 256 -0.79 -32.07 -13.86
C ILE D 256 -1.12 -31.06 -12.77
N SER D 257 -1.80 -29.99 -13.15
CA SER D 257 -2.41 -29.05 -12.23
C SER D 257 -3.92 -29.07 -12.48
N TYR D 258 -4.66 -28.23 -11.75
CA TYR D 258 -6.12 -28.28 -11.83
C TYR D 258 -6.69 -26.87 -11.75
N LEU D 259 -7.58 -26.55 -12.69
CA LEU D 259 -8.29 -25.28 -12.72
C LEU D 259 -9.69 -25.47 -12.15
N ASP D 260 -10.06 -24.60 -11.20
CA ASP D 260 -11.39 -24.61 -10.59
C ASP D 260 -12.10 -23.33 -11.02
N LEU D 261 -12.64 -23.35 -12.24
CA LEU D 261 -13.36 -22.22 -12.82
C LEU D 261 -14.86 -22.38 -12.59
N PRO D 262 -15.61 -21.27 -12.64
CA PRO D 262 -17.07 -21.37 -12.43
C PRO D 262 -17.74 -22.12 -13.56
N LEU D 263 -18.73 -22.94 -13.19
CA LEU D 263 -19.47 -23.77 -14.13
C LEU D 263 -20.85 -23.14 -14.33
N LYS D 264 -20.89 -22.10 -15.18
CA LYS D 264 -22.15 -21.42 -15.47
C LYS D 264 -23.14 -22.32 -16.18
N GLN D 265 -22.66 -23.40 -16.79
CA GLN D 265 -23.47 -24.20 -17.70
C GLN D 265 -22.71 -25.48 -18.05
N LYS D 266 -23.37 -26.63 -18.04
CA LYS D 266 -22.75 -27.89 -18.39
C LYS D 266 -23.25 -28.28 -19.78
N THR D 267 -22.38 -28.12 -20.78
CA THR D 267 -22.73 -28.34 -22.17
C THR D 267 -21.64 -29.16 -22.86
N ASP D 268 -22.06 -29.99 -23.81
CA ASP D 268 -21.16 -30.89 -24.50
C ASP D 268 -20.12 -30.11 -25.32
N LEU D 269 -19.09 -30.83 -25.77
CA LEU D 269 -18.05 -30.24 -26.60
C LEU D 269 -18.64 -29.81 -27.94
N GLU D 270 -18.52 -28.53 -28.27
CA GLU D 270 -19.10 -27.96 -29.47
C GLU D 270 -18.08 -27.11 -30.22
N TYR D 271 -18.31 -26.94 -31.51
CA TYR D 271 -17.50 -26.02 -32.31
C TYR D 271 -17.84 -24.58 -31.94
N ASP D 272 -16.81 -23.73 -31.96
CA ASP D 272 -17.02 -22.31 -31.71
C ASP D 272 -17.60 -21.64 -32.95
N LYS D 273 -18.65 -20.84 -32.76
CA LYS D 273 -19.33 -20.23 -33.90
C LYS D 273 -18.42 -19.24 -34.62
N ASP D 274 -17.74 -18.37 -33.87
CA ASP D 274 -16.84 -17.41 -34.49
C ASP D 274 -15.72 -18.11 -35.24
N TRP D 275 -15.18 -19.19 -34.68
CA TRP D 275 -14.13 -19.93 -35.36
C TRP D 275 -14.65 -20.60 -36.64
N VAL D 276 -15.86 -21.16 -36.57
CA VAL D 276 -16.44 -21.81 -37.75
C VAL D 276 -16.58 -20.82 -38.90
N CYS D 277 -17.00 -19.59 -38.61
CA CYS D 277 -17.13 -18.58 -39.66
C CYS D 277 -15.76 -18.20 -40.23
N ASN D 278 -14.76 -18.06 -39.36
CA ASN D 278 -13.40 -17.83 -39.85
C ASN D 278 -12.93 -18.99 -40.72
N LEU D 279 -13.31 -20.22 -40.35
CA LEU D 279 -12.89 -21.39 -41.11
C LEU D 279 -13.54 -21.40 -42.50
N ILE D 280 -14.80 -20.99 -42.59
CA ILE D 280 -15.51 -21.02 -43.86
C ILE D 280 -15.06 -19.88 -44.77
N MET D 281 -14.96 -18.67 -44.21
CA MET D 281 -14.62 -17.50 -45.02
C MET D 281 -13.19 -17.51 -45.50
N THR D 282 -12.32 -18.35 -44.94
CA THR D 282 -10.93 -18.46 -45.39
C THR D 282 -10.71 -19.63 -46.34
N TRP D 283 -11.77 -20.34 -46.72
CA TRP D 283 -11.62 -21.50 -47.59
C TRP D 283 -10.84 -21.22 -48.88
N PRO D 284 -10.99 -20.06 -49.56
CA PRO D 284 -10.15 -19.82 -50.75
C PRO D 284 -8.65 -20.00 -50.50
N ALA D 285 -8.15 -19.62 -49.32
CA ALA D 285 -6.74 -19.79 -49.04
C ALA D 285 -6.35 -21.24 -48.83
N PHE D 286 -7.32 -22.13 -48.57
CA PHE D 286 -7.06 -23.54 -48.32
C PHE D 286 -7.63 -24.45 -49.41
N SER D 287 -8.01 -23.89 -50.56
CA SER D 287 -8.68 -24.68 -51.58
C SER D 287 -7.73 -25.70 -52.23
N ASN D 288 -6.43 -25.44 -52.22
CA ASN D 288 -5.45 -26.35 -52.80
C ASN D 288 -5.06 -27.37 -51.74
N LYS D 289 -5.51 -28.62 -51.90
CA LYS D 289 -5.22 -29.64 -50.92
C LYS D 289 -3.75 -30.05 -50.91
N ALA D 290 -3.02 -29.80 -52.00
CA ALA D 290 -1.62 -30.18 -52.07
C ALA D 290 -0.70 -29.17 -51.37
N GLN D 291 -1.16 -27.93 -51.18
CA GLN D 291 -0.34 -26.89 -50.56
C GLN D 291 -1.26 -25.83 -49.99
N PHE D 292 -1.26 -25.68 -48.67
CA PHE D 292 -2.08 -24.69 -48.00
C PHE D 292 -1.39 -24.18 -46.73
N PRO D 293 -1.65 -22.93 -46.35
CA PRO D 293 -2.52 -21.97 -47.04
C PRO D 293 -1.82 -21.20 -48.16
N ASP D 294 -2.55 -20.86 -49.21
CA ASP D 294 -2.04 -20.02 -50.28
C ASP D 294 -1.98 -18.59 -49.75
N LEU D 295 -0.78 -18.15 -49.33
CA LEU D 295 -0.64 -16.85 -48.71
C LEU D 295 -0.65 -15.70 -49.71
N SER D 296 -0.88 -15.97 -51.00
CA SER D 296 -1.20 -14.89 -51.91
C SER D 296 -2.55 -14.26 -51.56
N TYR D 297 -3.44 -15.04 -50.96
CA TYR D 297 -4.63 -14.48 -50.34
C TYR D 297 -4.27 -13.80 -49.03
N SER D 298 -5.06 -12.78 -48.67
CA SER D 298 -4.92 -12.10 -47.39
C SER D 298 -5.97 -12.67 -46.45
N ILE D 299 -5.51 -13.40 -45.42
CA ILE D 299 -6.43 -14.01 -44.47
C ILE D 299 -7.28 -12.94 -43.79
N SER D 300 -6.67 -11.80 -43.46
CA SER D 300 -7.42 -10.70 -42.85
C SER D 300 -8.48 -10.16 -43.80
N GLU D 301 -8.13 -9.96 -45.07
CA GLU D 301 -9.09 -9.46 -46.05
C GLU D 301 -10.23 -10.44 -46.25
N LEU D 302 -9.93 -11.75 -46.30
CA LEU D 302 -10.98 -12.75 -46.40
C LEU D 302 -11.86 -12.76 -45.15
N LEU D 303 -11.28 -12.47 -43.99
CA LEU D 303 -12.07 -12.44 -42.75
C LEU D 303 -12.84 -11.13 -42.60
N SER D 304 -12.36 -10.05 -43.21
CA SER D 304 -13.07 -8.79 -43.13
C SER D 304 -14.40 -8.82 -43.89
N LYS D 305 -14.60 -9.82 -44.74
CA LYS D 305 -15.86 -9.99 -45.47
C LYS D 305 -16.94 -10.66 -44.64
N ARG D 306 -16.68 -10.90 -43.36
CA ARG D 306 -17.69 -11.48 -42.47
C ARG D 306 -18.72 -10.41 -42.10
N THR D 307 -19.99 -10.79 -42.14
CA THR D 307 -21.06 -9.94 -41.66
C THR D 307 -21.94 -10.74 -40.71
N LYS D 308 -22.62 -10.02 -39.81
CA LYS D 308 -23.46 -10.68 -38.82
C LYS D 308 -24.53 -11.54 -39.48
N GLU D 309 -25.08 -11.08 -40.60
CA GLU D 309 -26.11 -11.86 -41.29
C GLU D 309 -25.50 -13.04 -42.02
N LEU D 310 -24.34 -12.85 -42.66
CA LEU D 310 -23.68 -13.95 -43.35
C LEU D 310 -23.19 -15.02 -42.38
N ASP D 311 -22.77 -14.61 -41.18
CA ASP D 311 -22.35 -15.58 -40.17
C ASP D 311 -23.49 -16.48 -39.74
N LYS D 312 -24.69 -15.92 -39.55
CA LYS D 312 -25.85 -16.71 -39.19
C LYS D 312 -26.16 -17.78 -40.24
N LYS D 313 -25.95 -17.45 -41.52
CA LYS D 313 -26.12 -18.45 -42.58
C LYS D 313 -25.05 -19.53 -42.50
N ILE D 314 -23.83 -19.17 -42.08
CA ILE D 314 -22.75 -20.15 -41.97
C ILE D 314 -23.04 -21.16 -40.87
N ILE D 315 -23.53 -20.68 -39.73
CA ILE D 315 -23.78 -21.56 -38.59
C ILE D 315 -24.82 -22.62 -38.94
N GLU D 316 -25.93 -22.20 -39.54
CA GLU D 316 -27.02 -23.14 -39.80
C GLU D 316 -26.69 -24.11 -40.92
N LEU D 317 -25.82 -23.72 -41.86
CA LEU D 317 -25.31 -24.70 -42.82
C LEU D 317 -24.35 -25.68 -42.15
N TRP D 318 -23.54 -25.18 -41.22
CA TRP D 318 -22.65 -26.06 -40.47
C TRP D 318 -23.44 -27.06 -39.64
N GLU D 319 -24.53 -26.59 -39.00
CA GLU D 319 -25.37 -27.48 -38.22
C GLU D 319 -26.05 -28.51 -39.10
N LYS D 320 -26.28 -28.19 -40.38
CA LYS D 320 -26.93 -29.12 -41.28
C LYS D 320 -25.98 -30.23 -41.72
N TYR D 321 -24.78 -29.87 -42.19
CA TYR D 321 -23.87 -30.84 -42.75
C TYR D 321 -22.95 -31.50 -41.73
N ILE D 322 -22.55 -30.77 -40.68
CA ILE D 322 -21.57 -31.26 -39.72
C ILE D 322 -22.16 -31.37 -38.32
N GLY D 323 -22.90 -30.36 -37.89
CA GLY D 323 -23.42 -30.34 -36.54
C GLY D 323 -22.54 -29.51 -35.61
N LEU D 324 -23.19 -28.86 -34.65
CA LEU D 324 -22.44 -28.00 -33.72
C LEU D 324 -21.69 -28.82 -32.67
N LYS D 325 -22.23 -29.97 -32.27
CA LYS D 325 -21.57 -30.82 -31.31
C LYS D 325 -20.44 -31.60 -31.99
N ILE D 326 -19.28 -31.62 -31.35
CA ILE D 326 -18.14 -32.39 -31.87
C ILE D 326 -18.33 -33.85 -31.46
N ILE D 327 -18.57 -34.70 -32.45
CA ILE D 327 -18.88 -36.10 -32.21
C ILE D 327 -17.71 -36.97 -32.66
N TYR D 328 -17.64 -38.17 -32.11
CA TYR D 328 -16.54 -39.07 -32.43
C TYR D 328 -16.74 -39.67 -33.82
N ASP D 329 -15.68 -39.67 -34.61
CA ASP D 329 -15.69 -40.21 -35.97
C ASP D 329 -14.50 -41.15 -36.11
N SER D 330 -14.78 -42.42 -36.43
CA SER D 330 -13.75 -43.45 -36.49
C SER D 330 -13.27 -43.71 -37.91
N ASP D 331 -13.60 -42.85 -38.87
CA ASP D 331 -13.01 -42.98 -40.19
C ASP D 331 -11.51 -42.72 -40.11
N THR D 332 -10.76 -43.28 -41.06
CA THR D 332 -9.33 -43.05 -41.10
C THR D 332 -9.06 -41.56 -41.31
N PHE D 333 -7.91 -41.10 -40.81
CA PHE D 333 -7.63 -39.68 -40.77
C PHE D 333 -7.50 -39.09 -42.16
N ASP D 334 -7.14 -39.89 -43.17
CA ASP D 334 -7.09 -39.40 -44.53
C ASP D 334 -8.48 -39.13 -45.09
N ILE D 335 -9.49 -39.91 -44.67
CA ILE D 335 -10.87 -39.61 -45.07
C ILE D 335 -11.37 -38.37 -44.33
N GLN D 336 -11.06 -38.25 -43.04
CA GLN D 336 -11.51 -37.09 -42.28
C GLN D 336 -10.93 -35.79 -42.83
N PHE D 337 -9.71 -35.84 -43.37
CA PHE D 337 -9.15 -34.68 -44.06
C PHE D 337 -10.03 -34.28 -45.23
N THR D 338 -10.39 -35.25 -46.07
CA THR D 338 -11.18 -34.96 -47.27
C THR D 338 -12.62 -34.61 -46.92
N SER D 339 -13.21 -35.33 -45.95
CA SER D 339 -14.62 -35.13 -45.63
C SER D 339 -14.87 -33.75 -45.06
N ARG D 340 -14.03 -33.32 -44.11
CA ARG D 340 -14.22 -32.02 -43.49
C ARG D 340 -14.02 -30.89 -44.49
N ARG D 341 -13.01 -31.00 -45.36
CA ARG D 341 -12.80 -29.99 -46.39
C ARG D 341 -13.94 -29.99 -47.40
N PHE D 342 -14.57 -31.15 -47.63
CA PHE D 342 -15.69 -31.21 -48.57
C PHE D 342 -16.84 -30.33 -48.10
N TYR D 343 -17.13 -30.34 -46.80
CA TYR D 343 -18.24 -29.55 -46.27
C TYR D 343 -17.85 -28.10 -46.02
N ILE D 344 -16.57 -27.83 -45.74
CA ILE D 344 -16.12 -26.44 -45.66
C ILE D 344 -16.30 -25.77 -47.01
N GLU D 345 -15.98 -26.47 -48.09
CA GLU D 345 -16.18 -25.91 -49.44
C GLU D 345 -17.66 -25.81 -49.78
N LYS D 346 -18.45 -26.82 -49.39
CA LYS D 346 -19.87 -26.80 -49.72
C LYS D 346 -20.58 -25.63 -49.05
N ILE D 347 -20.25 -25.36 -47.78
CA ILE D 347 -20.85 -24.22 -47.09
C ILE D 347 -20.41 -22.93 -47.75
N TYR D 348 -19.12 -22.82 -48.10
CA TYR D 348 -18.64 -21.61 -48.75
C TYR D 348 -19.30 -21.38 -50.11
N ASN D 349 -19.47 -22.44 -50.90
CA ASN D 349 -20.03 -22.29 -52.23
C ASN D 349 -21.53 -22.04 -52.22
N GLU D 350 -22.18 -22.05 -51.06
CA GLU D 350 -23.57 -21.65 -50.94
C GLU D 350 -23.72 -20.23 -50.42
N LEU D 351 -22.62 -19.59 -50.04
CA LEU D 351 -22.61 -18.18 -49.66
C LEU D 351 -22.22 -17.29 -50.82
N ASN D 352 -23.06 -16.30 -51.11
CA ASN D 352 -22.67 -15.04 -51.76
C ASN D 352 -21.70 -15.21 -52.92
N ILE D 353 -20.48 -14.71 -52.74
CA ILE D 353 -19.47 -14.67 -53.81
C ILE D 353 -18.36 -15.68 -53.52
N GLN E 5 -1.73 40.85 -37.21
CA GLN E 5 -1.39 40.51 -35.83
C GLN E 5 -0.96 39.04 -35.73
N ILE E 6 -0.24 38.72 -34.66
CA ILE E 6 0.30 37.38 -34.44
C ILE E 6 -0.18 36.85 -33.10
N GLN E 7 -0.51 35.57 -33.06
CA GLN E 7 -0.81 34.86 -31.82
C GLN E 7 0.33 33.89 -31.52
N HIS E 8 0.66 33.77 -30.24
CA HIS E 8 1.75 32.92 -29.78
C HIS E 8 1.15 31.73 -29.05
N ILE E 9 1.32 30.54 -29.63
CA ILE E 9 0.75 29.31 -29.11
C ILE E 9 1.87 28.49 -28.49
N ALA E 10 1.72 28.15 -27.21
CA ALA E 10 2.68 27.31 -26.51
C ALA E 10 2.35 25.85 -26.78
N ILE E 11 3.30 25.12 -27.35
CA ILE E 11 3.15 23.69 -27.60
C ILE E 11 4.04 22.94 -26.62
N VAL E 12 3.49 21.93 -25.97
CA VAL E 12 4.15 21.22 -24.89
C VAL E 12 4.14 19.72 -25.20
N GLY E 13 5.24 19.04 -24.89
CA GLY E 13 5.31 17.61 -25.04
C GLY E 13 4.64 16.87 -23.90
N CYS E 14 5.38 15.98 -23.23
CA CYS E 14 4.84 15.22 -22.12
C CYS E 14 4.84 16.05 -20.84
N VAL E 15 3.73 16.01 -20.12
CA VAL E 15 3.60 16.71 -18.83
C VAL E 15 3.91 15.78 -17.67
N HIS E 16 3.33 14.58 -17.69
CA HIS E 16 3.57 13.56 -16.66
C HIS E 16 3.29 14.10 -15.26
N GLY E 17 2.19 14.84 -15.12
CA GLY E 17 1.76 15.31 -13.82
C GLY E 17 2.55 16.47 -13.25
N LYS E 18 3.49 17.04 -13.99
CA LYS E 18 4.26 18.19 -13.52
C LYS E 18 3.66 19.50 -14.05
N TYR E 19 2.41 19.74 -13.65
CA TYR E 19 1.67 20.90 -14.15
C TYR E 19 2.25 22.21 -13.62
N ARG E 20 2.50 22.27 -12.32
CA ARG E 20 3.00 23.52 -11.73
C ARG E 20 4.34 23.92 -12.33
N GLU E 21 5.19 22.94 -12.64
CA GLU E 21 6.45 23.27 -13.30
C GLU E 21 6.22 23.76 -14.72
N MET E 22 5.26 23.17 -15.43
CA MET E 22 4.97 23.61 -16.79
C MET E 22 4.49 25.04 -16.83
N TYR E 23 3.48 25.37 -16.02
CA TYR E 23 2.95 26.72 -16.00
C TYR E 23 3.96 27.72 -15.46
N ARG E 24 4.85 27.29 -14.57
CA ARG E 24 5.94 28.17 -14.14
C ARG E 24 6.82 28.55 -15.32
N GLN E 25 7.15 27.58 -16.17
CA GLN E 25 7.95 27.87 -17.36
C GLN E 25 7.16 28.72 -18.35
N LEU E 26 5.87 28.42 -18.53
CA LEU E 26 5.04 29.24 -19.41
C LEU E 26 4.90 30.65 -18.86
N SER E 27 4.72 30.79 -17.54
CA SER E 27 4.60 32.12 -16.95
C SER E 27 5.89 32.90 -17.07
N GLU E 28 7.03 32.24 -16.90
CA GLU E 28 8.30 32.96 -17.01
C GLU E 28 8.54 33.43 -18.44
N TYR E 29 8.13 32.62 -19.43
CA TYR E 29 8.28 33.02 -20.83
C TYR E 29 7.45 34.24 -21.17
N GLU E 30 6.22 34.30 -20.65
CA GLU E 30 5.30 35.37 -21.04
C GLU E 30 5.83 36.74 -20.64
N LYS E 31 6.25 36.89 -19.38
CA LYS E 31 6.85 38.13 -18.91
C LYS E 31 8.37 38.03 -18.83
N SER E 32 8.98 37.28 -19.77
CA SER E 32 10.38 37.42 -20.12
C SER E 32 10.53 38.16 -21.44
N THR E 33 9.92 37.62 -22.49
CA THR E 33 10.00 38.17 -23.83
C THR E 33 8.98 39.27 -24.06
N GLY E 34 8.01 39.42 -23.15
CA GLY E 34 6.93 40.37 -23.30
C GLY E 34 5.77 39.90 -24.15
N LYS E 35 5.92 38.81 -24.89
CA LYS E 35 4.81 38.28 -25.68
C LYS E 35 3.81 37.58 -24.77
N GLU E 36 2.58 37.47 -25.25
CA GLU E 36 1.49 36.85 -24.51
C GLU E 36 1.11 35.51 -25.13
N ILE E 37 0.92 34.50 -24.28
CA ILE E 37 0.51 33.18 -24.76
C ILE E 37 -1.01 33.17 -24.91
N SER E 38 -1.47 32.84 -26.11
CA SER E 38 -2.91 32.76 -26.36
C SER E 38 -3.50 31.52 -25.70
N PHE E 39 -2.96 30.34 -26.03
CA PHE E 39 -3.40 29.09 -25.42
C PHE E 39 -2.26 28.09 -25.52
N VAL E 40 -2.45 26.96 -24.84
CA VAL E 40 -1.41 25.93 -24.71
C VAL E 40 -1.88 24.65 -25.38
N ILE E 41 -0.94 23.95 -26.03
CA ILE E 41 -1.21 22.69 -26.68
C ILE E 41 -0.28 21.63 -26.08
N CYS E 42 -0.86 20.53 -25.60
CA CYS E 42 -0.11 19.45 -25.00
C CYS E 42 -0.33 18.15 -25.78
N THR E 43 0.72 17.33 -25.84
CA THR E 43 0.72 16.15 -26.69
C THR E 43 0.46 14.85 -25.94
N GLY E 44 -0.01 14.91 -24.70
CA GLY E 44 -0.42 13.72 -23.99
C GLY E 44 0.43 13.45 -22.76
N ASP E 45 0.17 12.28 -22.16
CA ASP E 45 0.79 11.88 -20.89
C ASP E 45 0.55 12.95 -19.82
N MET E 46 -0.74 13.23 -19.59
CA MET E 46 -1.15 14.30 -18.69
C MET E 46 -1.38 13.80 -17.27
N GLN E 47 -1.75 12.53 -17.10
CA GLN E 47 -1.99 11.93 -15.78
C GLN E 47 -3.04 12.73 -15.01
N THR E 48 -4.21 12.84 -15.62
CA THR E 48 -5.33 13.59 -15.03
C THR E 48 -6.07 12.71 -14.03
N LEU E 49 -5.37 12.38 -12.94
CA LEU E 49 -5.93 11.58 -11.86
C LEU E 49 -6.66 12.49 -10.88
N ARG E 50 -7.95 12.22 -10.65
CA ARG E 50 -8.75 13.04 -9.76
C ARG E 50 -8.45 12.73 -8.30
N TYR E 51 -8.46 11.45 -7.94
CA TYR E 51 -8.25 11.01 -6.57
C TYR E 51 -7.41 9.74 -6.57
N GLU E 52 -7.06 9.27 -5.37
CA GLU E 52 -6.18 8.13 -5.22
C GLU E 52 -6.70 6.89 -5.95
N ALA E 53 -8.03 6.73 -6.02
CA ALA E 53 -8.61 5.56 -6.66
C ALA E 53 -8.30 5.50 -8.15
N ASP E 54 -8.00 6.65 -8.78
CA ASP E 54 -7.69 6.66 -10.20
C ASP E 54 -6.33 6.05 -10.52
N LEU E 55 -5.47 5.84 -9.52
CA LEU E 55 -4.17 5.23 -9.74
C LEU E 55 -4.27 3.86 -10.39
N VAL E 56 -5.40 3.18 -10.23
CA VAL E 56 -5.59 1.85 -10.83
C VAL E 56 -5.45 1.93 -12.34
N TYR E 57 -5.88 3.03 -12.96
CA TYR E 57 -5.91 3.16 -14.41
C TYR E 57 -4.65 3.78 -14.99
N LEU E 58 -3.62 4.04 -14.18
CA LEU E 58 -2.38 4.64 -14.67
C LEU E 58 -1.39 3.52 -14.97
N LYS E 59 -1.21 3.23 -16.26
CA LYS E 59 -0.32 2.16 -16.72
C LYS E 59 1.12 2.66 -16.68
N VAL E 60 1.77 2.48 -15.54
CA VAL E 60 3.17 2.88 -15.33
C VAL E 60 3.86 1.84 -14.47
N PRO E 61 5.19 1.80 -14.50
CA PRO E 61 5.93 0.95 -13.56
C PRO E 61 5.69 1.42 -12.13
N PRO E 62 5.91 0.55 -11.14
CA PRO E 62 5.58 0.92 -9.75
C PRO E 62 6.25 2.19 -9.27
N LYS E 63 7.46 2.50 -9.72
CA LYS E 63 8.14 3.71 -9.27
C LYS E 63 7.46 4.98 -9.76
N TYR E 64 6.54 4.88 -10.73
CA TYR E 64 5.84 6.05 -11.26
C TYR E 64 4.37 6.07 -10.88
N LYS E 65 3.94 5.20 -9.96
CA LYS E 65 2.56 5.20 -9.46
C LYS E 65 2.39 6.39 -8.52
N GLN E 66 2.25 7.57 -9.12
CA GLN E 66 2.15 8.81 -8.38
C GLN E 66 0.98 9.64 -8.87
N MET E 67 0.47 10.50 -7.98
CA MET E 67 -0.69 11.32 -8.32
C MET E 67 -0.31 12.43 -9.29
N GLY E 68 0.75 13.15 -8.99
CA GLY E 68 1.12 14.30 -9.79
C GLY E 68 0.45 15.56 -9.26
N ASP E 69 0.49 16.60 -10.09
CA ASP E 69 -0.05 17.89 -9.72
C ASP E 69 -1.50 18.07 -10.10
N PHE E 70 -2.06 17.19 -10.93
CA PHE E 70 -3.39 17.45 -11.49
C PHE E 70 -4.46 17.56 -10.41
N HIS E 71 -4.39 16.70 -9.39
CA HIS E 71 -5.44 16.71 -8.37
C HIS E 71 -5.53 18.07 -7.69
N LEU E 72 -4.43 18.81 -7.64
CA LEU E 72 -4.46 20.15 -7.07
C LEU E 72 -5.33 21.07 -7.91
N TYR E 73 -5.27 20.94 -9.24
CA TYR E 73 -6.10 21.75 -10.12
C TYR E 73 -7.54 21.26 -10.12
N TYR E 74 -7.74 19.95 -10.06
CA TYR E 74 -9.08 19.38 -9.99
C TYR E 74 -9.79 19.76 -8.70
N GLU E 75 -9.04 20.10 -7.64
CA GLU E 75 -9.63 20.45 -6.36
C GLU E 75 -9.63 21.95 -6.08
N GLY E 76 -9.12 22.76 -7.01
CA GLY E 76 -9.16 24.20 -6.87
C GLY E 76 -7.99 24.82 -6.15
N LYS E 77 -7.12 24.01 -5.54
CA LYS E 77 -5.94 24.56 -4.88
C LYS E 77 -5.01 25.26 -5.86
N GLU E 78 -5.04 24.83 -7.12
CA GLU E 78 -4.30 25.49 -8.19
C GLU E 78 -5.26 25.76 -9.34
N LYS E 79 -4.99 26.83 -10.09
CA LYS E 79 -5.85 27.25 -11.18
C LYS E 79 -4.99 27.51 -12.41
N ALA E 80 -5.26 26.79 -13.49
CA ALA E 80 -4.48 26.91 -14.72
C ALA E 80 -4.55 28.32 -15.28
N PRO E 81 -3.43 29.01 -15.45
CA PRO E 81 -3.47 30.41 -15.93
C PRO E 81 -3.72 30.54 -17.42
N TYR E 82 -3.63 29.45 -18.19
CA TYR E 82 -3.85 29.50 -19.63
C TYR E 82 -4.80 28.39 -20.03
N LEU E 83 -5.58 28.65 -21.08
CA LEU E 83 -6.39 27.60 -21.68
C LEU E 83 -5.48 26.53 -22.27
N THR E 84 -5.62 25.30 -21.78
CA THR E 84 -4.72 24.22 -22.13
C THR E 84 -5.52 23.14 -22.87
N LEU E 85 -5.24 22.98 -24.16
CA LEU E 85 -5.81 21.91 -24.96
C LEU E 85 -4.82 20.75 -25.02
N PHE E 86 -5.31 19.53 -24.80
CA PHE E 86 -4.42 18.38 -24.73
C PHE E 86 -5.11 17.15 -25.29
N ILE E 87 -4.30 16.17 -25.67
CA ILE E 87 -4.76 14.87 -26.09
C ILE E 87 -4.28 13.84 -25.07
N GLY E 88 -4.61 12.57 -25.29
CA GLY E 88 -4.20 11.50 -24.39
C GLY E 88 -2.99 10.76 -24.93
N GLY E 89 -2.14 10.34 -24.01
CA GLY E 89 -0.97 9.55 -24.36
C GLY E 89 -1.07 8.12 -23.86
N ASN E 90 0.00 7.62 -23.24
CA ASN E 90 -0.01 6.30 -22.64
C ASN E 90 -0.01 6.33 -21.11
N ALA E 91 0.48 7.40 -20.50
CA ALA E 91 0.44 7.57 -19.05
C ALA E 91 -0.72 8.51 -18.73
N GLU E 92 -1.91 7.94 -18.60
CA GLU E 92 -3.13 8.71 -18.40
C GLU E 92 -4.01 8.02 -17.38
N SER E 93 -4.94 8.80 -16.81
CA SER E 93 -6.07 8.24 -16.07
C SER E 93 -7.08 7.79 -17.11
N SER E 94 -6.84 6.59 -17.65
CA SER E 94 -7.57 6.13 -18.82
C SER E 94 -9.07 6.02 -18.58
N ASN E 95 -9.48 5.80 -17.31
CA ASN E 95 -10.90 5.80 -17.00
C ASN E 95 -11.51 7.17 -17.24
N VAL E 96 -10.79 8.23 -16.86
CA VAL E 96 -11.28 9.59 -17.04
C VAL E 96 -11.45 9.90 -18.53
N LEU E 97 -10.44 9.56 -19.33
CA LEU E 97 -10.49 9.87 -20.75
C LEU E 97 -11.53 9.04 -21.49
N LEU E 98 -11.93 7.89 -20.95
CA LEU E 98 -12.99 7.13 -21.60
C LEU E 98 -14.35 7.76 -21.35
N HIS E 99 -14.60 8.25 -20.13
CA HIS E 99 -15.81 9.02 -19.87
C HIS E 99 -15.90 10.22 -20.81
N LEU E 100 -14.77 10.87 -21.07
CA LEU E 100 -14.72 12.07 -21.92
C LEU E 100 -14.21 11.74 -23.32
N TYR E 101 -14.58 10.59 -23.88
CA TYR E 101 -14.12 10.23 -25.21
C TYR E 101 -14.66 11.17 -26.27
N ASN E 102 -15.77 11.87 -25.99
CA ASN E 102 -16.27 12.93 -26.85
C ASN E 102 -15.73 14.29 -26.45
N GLY E 103 -14.64 14.34 -25.68
CA GLY E 103 -14.07 15.58 -25.22
C GLY E 103 -14.72 16.09 -23.95
N GLY E 104 -14.08 17.09 -23.37
CA GLY E 104 -14.61 17.72 -22.17
C GLY E 104 -13.51 18.36 -21.34
N PHE E 105 -13.91 19.30 -20.50
CA PHE E 105 -13.00 19.91 -19.54
C PHE E 105 -12.82 18.97 -18.36
N VAL E 106 -11.57 18.55 -18.11
CA VAL E 106 -11.28 17.79 -16.91
C VAL E 106 -11.22 18.70 -15.69
N CYS E 107 -10.96 19.99 -15.90
CA CYS E 107 -10.99 21.03 -14.87
C CYS E 107 -10.89 22.36 -15.59
N PHE E 108 -10.87 23.44 -14.81
CA PHE E 108 -10.83 24.78 -15.37
C PHE E 108 -9.60 24.97 -16.24
N ASN E 109 -9.82 25.43 -17.48
CA ASN E 109 -8.80 25.78 -18.47
C ASN E 109 -8.05 24.57 -19.00
N MET E 110 -8.54 23.36 -18.78
CA MET E 110 -7.91 22.15 -19.30
C MET E 110 -8.96 21.35 -20.07
N TYR E 111 -8.93 21.45 -21.40
CA TYR E 111 -9.91 20.79 -22.25
C TYR E 111 -9.27 19.58 -22.92
N TYR E 112 -9.89 18.42 -22.73
CA TYR E 112 -9.49 17.19 -23.41
C TYR E 112 -10.23 17.08 -24.73
N LEU E 113 -9.51 16.75 -25.80
CA LEU E 113 -10.10 16.69 -27.13
C LEU E 113 -10.80 15.37 -27.42
N GLY E 114 -10.76 14.41 -26.51
CA GLY E 114 -11.39 13.12 -26.75
C GLY E 114 -10.46 12.14 -27.42
N VAL E 115 -11.03 11.00 -27.80
CA VAL E 115 -10.29 10.01 -28.59
C VAL E 115 -9.74 10.67 -29.85
N CYS E 116 -10.55 11.50 -30.49
CA CYS E 116 -10.15 12.33 -31.61
C CYS E 116 -11.26 13.35 -31.84
N SER E 117 -10.88 14.52 -32.34
CA SER E 117 -11.85 15.57 -32.64
C SER E 117 -11.14 16.68 -33.39
N CYS E 118 -11.91 17.69 -33.76
CA CYS E 118 -11.40 18.93 -34.33
C CYS E 118 -12.08 20.08 -33.62
N ILE E 119 -11.29 21.11 -33.27
CA ILE E 119 -11.81 22.27 -32.57
C ILE E 119 -11.42 23.53 -33.33
N ASN E 120 -12.09 24.62 -33.00
CA ASN E 120 -11.79 25.93 -33.55
C ASN E 120 -11.40 26.89 -32.44
N ILE E 121 -10.35 27.66 -32.69
CA ILE E 121 -9.91 28.70 -31.78
C ILE E 121 -9.02 29.68 -32.55
N ASN E 122 -9.31 30.97 -32.41
CA ASN E 122 -8.55 32.03 -33.07
C ASN E 122 -8.45 31.80 -34.57
N GLY E 123 -9.54 31.30 -35.17
CA GLY E 123 -9.57 31.05 -36.59
C GLY E 123 -8.80 29.84 -37.05
N LEU E 124 -8.29 29.03 -36.13
CA LEU E 124 -7.52 27.83 -36.45
C LEU E 124 -8.38 26.59 -36.31
N ARG E 125 -8.02 25.55 -37.07
CA ARG E 125 -8.62 24.23 -36.94
C ARG E 125 -7.55 23.27 -36.43
N ILE E 126 -7.81 22.68 -35.27
CA ILE E 126 -6.83 21.84 -34.57
C ILE E 126 -7.42 20.45 -34.39
N VAL E 127 -6.70 19.44 -34.86
CA VAL E 127 -7.12 18.04 -34.78
C VAL E 127 -6.24 17.32 -33.77
N GLY E 128 -6.85 16.45 -32.98
CA GLY E 128 -6.11 15.67 -32.00
C GLY E 128 -6.37 14.18 -32.18
N VAL E 129 -5.32 13.39 -31.97
CA VAL E 129 -5.39 11.93 -32.02
C VAL E 129 -4.74 11.40 -30.75
N SER E 130 -5.53 10.76 -29.90
CA SER E 130 -5.07 10.32 -28.60
C SER E 130 -4.48 8.91 -28.66
N GLY E 131 -3.62 8.60 -27.71
CA GLY E 131 -3.10 7.26 -27.54
C GLY E 131 -1.81 7.01 -28.31
N ILE E 132 -1.31 5.78 -28.14
CA ILE E 132 -0.17 5.27 -28.89
C ILE E 132 -0.61 4.00 -29.60
N TYR E 133 0.13 3.64 -30.65
CA TYR E 133 -0.27 2.55 -31.53
C TYR E 133 0.25 1.21 -31.02
N LYS E 134 -0.64 0.22 -30.96
CA LYS E 134 -0.30 -1.18 -30.72
C LYS E 134 -1.16 -2.02 -31.65
N SER E 135 -0.50 -2.81 -32.51
CA SER E 135 -1.21 -3.47 -33.60
C SER E 135 -2.31 -4.39 -33.09
N PHE E 136 -2.05 -5.11 -32.00
CA PHE E 136 -3.00 -6.11 -31.54
C PHE E 136 -4.25 -5.51 -30.87
N ASP E 137 -4.32 -4.18 -30.72
CA ASP E 137 -5.49 -3.54 -30.14
C ASP E 137 -6.13 -2.50 -31.03
N GLU E 138 -5.65 -2.31 -32.26
CA GLU E 138 -6.15 -1.23 -33.10
C GLU E 138 -7.57 -1.48 -33.59
N LYS E 139 -8.00 -2.74 -33.65
CA LYS E 139 -9.36 -3.09 -34.08
C LYS E 139 -10.24 -3.51 -32.90
N LYS E 140 -9.79 -3.27 -31.67
CA LYS E 140 -10.49 -3.62 -30.44
C LYS E 140 -11.44 -2.50 -30.03
N PRO E 141 -12.69 -2.78 -29.73
CA PRO E 141 -13.62 -1.74 -29.31
C PRO E 141 -13.38 -1.31 -27.87
N TYR E 142 -14.02 -0.20 -27.51
CA TYR E 142 -14.01 0.27 -26.13
C TYR E 142 -15.16 -0.38 -25.37
N THR E 143 -14.91 -0.67 -24.09
CA THR E 143 -15.93 -1.23 -23.21
C THR E 143 -16.23 -0.23 -22.10
N TYR E 144 -17.52 0.02 -21.89
CA TYR E 144 -17.95 1.00 -20.90
C TYR E 144 -19.00 0.36 -19.98
N PRO E 145 -18.94 0.66 -18.67
CA PRO E 145 -18.00 1.54 -17.96
C PRO E 145 -16.58 0.99 -17.89
N PRO E 146 -15.59 1.87 -17.67
CA PRO E 146 -14.20 1.43 -17.66
C PRO E 146 -13.95 0.42 -16.54
N SER E 147 -13.17 -0.61 -16.87
CA SER E 147 -12.84 -1.68 -15.92
C SER E 147 -11.34 -1.69 -15.66
N PRO E 148 -10.93 -2.05 -14.44
CA PRO E 148 -9.49 -2.14 -14.16
C PRO E 148 -8.76 -3.15 -15.02
N ASN E 149 -9.48 -4.11 -15.63
CA ASN E 149 -8.82 -5.06 -16.52
C ASN E 149 -8.35 -4.40 -17.81
N ASP E 150 -8.94 -3.26 -18.19
CA ASP E 150 -8.63 -2.62 -19.45
C ASP E 150 -7.53 -1.56 -19.33
N VAL E 151 -6.81 -1.53 -18.20
CA VAL E 151 -5.76 -0.55 -18.00
C VAL E 151 -4.68 -0.67 -19.07
N VAL E 152 -4.43 -1.90 -19.54
CA VAL E 152 -3.36 -2.11 -20.50
C VAL E 152 -3.76 -1.75 -21.93
N SER E 153 -5.05 -1.64 -22.23
CA SER E 153 -5.50 -1.47 -23.60
C SER E 153 -6.28 -0.17 -23.86
N LEU E 154 -6.66 0.57 -22.82
CA LEU E 154 -7.51 1.75 -23.03
C LEU E 154 -6.79 2.86 -23.79
N PHE E 155 -5.49 3.01 -23.59
CA PHE E 155 -4.73 4.10 -24.21
C PHE E 155 -4.17 3.72 -25.58
N HIS E 156 -4.60 2.60 -26.16
CA HIS E 156 -4.13 2.18 -27.47
C HIS E 156 -5.01 2.77 -28.56
N THR E 157 -4.39 3.42 -29.54
CA THR E 157 -5.13 4.11 -30.60
C THR E 157 -5.89 3.10 -31.45
N ARG E 158 -7.17 3.37 -31.66
CA ARG E 158 -8.00 2.50 -32.47
C ARG E 158 -7.94 2.90 -33.94
N ASN E 159 -8.09 1.92 -34.83
CA ASN E 159 -7.96 2.16 -36.25
C ASN E 159 -9.08 3.03 -36.80
N TYR E 160 -10.26 3.01 -36.16
CA TYR E 160 -11.43 3.68 -36.73
C TYR E 160 -11.29 5.19 -36.74
N VAL E 161 -10.36 5.76 -35.97
CA VAL E 161 -10.22 7.22 -35.98
C VAL E 161 -9.74 7.73 -37.33
N ILE E 162 -9.14 6.87 -38.15
CA ILE E 162 -8.72 7.28 -39.49
C ILE E 162 -9.94 7.66 -40.33
N GLN E 163 -11.02 6.88 -40.23
CA GLN E 163 -12.21 7.16 -41.00
C GLN E 163 -13.07 8.26 -40.38
N MET E 164 -12.90 8.52 -39.09
CA MET E 164 -13.62 9.61 -38.42
C MET E 164 -13.05 10.99 -38.76
N LEU E 165 -11.81 11.05 -39.24
CA LEU E 165 -11.13 12.32 -39.46
C LEU E 165 -10.78 12.60 -40.91
N SER E 166 -10.98 11.63 -41.81
CA SER E 166 -10.42 11.74 -43.16
C SER E 166 -11.03 12.89 -43.96
N ASN E 167 -12.30 13.22 -43.72
CA ASN E 167 -13.00 14.20 -44.53
C ASN E 167 -12.89 15.62 -43.98
N LEU E 168 -12.17 15.83 -42.88
CA LEU E 168 -12.15 17.14 -42.24
C LEU E 168 -11.40 18.20 -43.05
N SER E 169 -10.55 17.80 -43.99
CA SER E 169 -9.75 18.74 -44.76
C SER E 169 -10.38 19.11 -46.11
N GLN E 170 -11.61 18.68 -46.37
CA GLN E 170 -12.20 18.95 -47.68
C GLN E 170 -12.73 20.38 -47.76
N SER E 171 -13.36 20.87 -46.69
CA SER E 171 -13.92 22.22 -46.71
C SER E 171 -12.85 23.28 -46.49
N SER E 172 -11.94 23.05 -45.54
CA SER E 172 -10.86 23.99 -45.28
C SER E 172 -9.69 23.22 -44.70
N GLN E 173 -8.51 23.82 -44.81
CA GLN E 173 -7.28 23.17 -44.36
C GLN E 173 -7.28 23.02 -42.84
N ILE E 174 -6.47 22.07 -42.37
CA ILE E 174 -6.22 21.88 -40.95
C ILE E 174 -4.94 22.61 -40.60
N ASP E 175 -5.00 23.48 -39.60
CA ASP E 175 -3.82 24.27 -39.23
C ASP E 175 -2.84 23.44 -38.39
N ILE E 176 -3.30 22.87 -37.29
CA ILE E 176 -2.46 22.14 -36.36
C ILE E 176 -3.09 20.78 -36.10
N SER E 177 -2.25 19.74 -36.04
CA SER E 177 -2.72 18.40 -35.71
C SER E 177 -1.84 17.82 -34.60
N LEU E 178 -2.47 17.08 -33.70
CA LEU E 178 -1.81 16.56 -32.50
C LEU E 178 -1.87 15.05 -32.46
N SER E 179 -0.74 14.42 -32.18
CA SER E 179 -0.67 13.01 -31.83
C SER E 179 0.37 12.86 -30.72
N HIS E 180 0.31 11.73 -30.03
CA HIS E 180 1.29 11.47 -28.96
C HIS E 180 2.56 10.84 -29.54
N ASP E 181 2.46 9.59 -29.98
CA ASP E 181 3.59 8.98 -30.67
C ASP E 181 3.71 9.56 -32.09
N TRP E 182 4.91 9.48 -32.64
CA TRP E 182 5.18 10.13 -33.91
C TRP E 182 4.45 9.40 -35.05
N PRO E 183 4.14 10.11 -36.13
CA PRO E 183 3.69 9.43 -37.34
C PRO E 183 4.78 8.52 -37.87
N GLN E 184 4.41 7.28 -38.16
CA GLN E 184 5.38 6.26 -38.56
C GLN E 184 6.13 6.72 -39.81
N GLY E 185 7.46 6.69 -39.73
CA GLY E 185 8.31 7.08 -40.84
C GLY E 185 8.74 8.53 -40.85
N ILE E 186 8.16 9.37 -40.00
CA ILE E 186 8.53 10.78 -39.99
C ILE E 186 9.97 10.99 -39.52
N VAL E 187 10.56 10.00 -38.84
CA VAL E 187 11.94 10.13 -38.40
C VAL E 187 12.90 10.23 -39.56
N MET E 188 12.57 9.60 -40.70
CA MET E 188 13.45 9.61 -41.85
C MET E 188 13.34 10.87 -42.69
N LYS E 189 12.47 11.80 -42.31
CA LYS E 189 12.32 13.06 -43.04
C LYS E 189 12.92 14.24 -42.30
N GLY E 190 13.85 14.00 -41.38
CA GLY E 190 14.59 15.09 -40.75
C GLY E 190 16.05 14.73 -40.53
N ASN E 191 16.73 15.46 -39.65
CA ASN E 191 18.12 15.18 -39.33
C ASN E 191 18.18 14.00 -38.35
N TYR E 192 18.11 12.79 -38.90
CA TYR E 192 18.07 11.61 -38.04
C TYR E 192 19.45 11.21 -37.52
N LYS E 193 20.51 11.50 -38.26
CA LYS E 193 21.85 11.19 -37.76
C LYS E 193 22.19 12.03 -36.54
N GLN E 194 21.67 13.24 -36.46
CA GLN E 194 21.81 14.03 -35.23
C GLN E 194 20.87 13.50 -34.15
N LEU E 195 19.67 13.05 -34.53
CA LEU E 195 18.75 12.48 -33.55
C LEU E 195 19.29 11.17 -32.98
N TYR E 196 20.02 10.39 -33.79
CA TYR E 196 20.61 9.16 -33.30
C TYR E 196 21.75 9.43 -32.33
N ARG E 197 22.37 10.61 -32.41
CA ARG E 197 23.35 10.99 -31.40
C ARG E 197 22.70 11.36 -30.07
N PHE E 198 21.44 11.84 -30.11
CA PHE E 198 20.69 12.01 -28.87
C PHE E 198 20.35 10.66 -28.26
N GLN E 199 19.79 9.75 -29.06
CA GLN E 199 19.40 8.42 -28.60
C GLN E 199 19.72 7.42 -29.69
N PRO E 200 20.80 6.63 -29.54
CA PRO E 200 21.07 5.56 -30.51
C PRO E 200 20.10 4.39 -30.40
N GLY E 201 19.12 4.47 -29.51
CA GLY E 201 18.10 3.43 -29.46
C GLY E 201 17.10 3.53 -30.58
N PHE E 202 16.82 4.76 -31.05
CA PHE E 202 15.86 4.96 -32.12
C PHE E 202 16.38 4.42 -33.44
N LYS E 203 17.68 4.15 -33.54
CA LYS E 203 18.24 3.62 -34.78
C LYS E 203 17.85 2.17 -35.00
N LYS E 204 17.52 1.45 -33.92
CA LYS E 204 17.03 0.08 -34.08
C LYS E 204 15.71 0.06 -34.85
N ASP E 205 14.76 0.89 -34.42
CA ASP E 205 13.45 0.93 -35.08
C ASP E 205 13.56 1.47 -36.50
N GLY E 206 14.42 2.47 -36.70
CA GLY E 206 14.66 2.97 -38.04
C GLY E 206 13.44 3.70 -38.59
N ALA E 207 13.05 3.35 -39.81
CA ALA E 207 11.91 3.98 -40.46
C ALA E 207 10.58 3.46 -39.95
N SER E 208 10.55 2.30 -39.29
CA SER E 208 9.28 1.75 -38.81
C SER E 208 8.85 2.33 -37.48
N LEU E 209 9.63 3.23 -36.90
CA LEU E 209 9.26 3.86 -35.64
C LEU E 209 8.08 4.79 -35.83
N GLY E 210 7.11 4.70 -34.92
CA GLY E 210 5.96 5.59 -34.92
C GLY E 210 4.66 4.86 -35.20
N SER E 211 3.58 5.64 -35.20
CA SER E 211 2.24 5.09 -35.38
C SER E 211 1.86 5.13 -36.85
N PRO E 212 1.50 4.00 -37.47
CA PRO E 212 0.98 4.06 -38.83
C PRO E 212 -0.37 4.76 -38.93
N ILE E 213 -1.15 4.76 -37.84
CA ILE E 213 -2.43 5.47 -37.84
C ILE E 213 -2.19 6.96 -38.00
N ASN E 214 -1.22 7.51 -37.26
CA ASN E 214 -0.88 8.92 -37.40
C ASN E 214 -0.24 9.19 -38.76
N LYS E 215 0.46 8.22 -39.32
CA LYS E 215 1.02 8.35 -40.66
C LYS E 215 -0.09 8.50 -41.69
N VAL E 216 -1.14 7.68 -41.59
CA VAL E 216 -2.25 7.77 -42.54
C VAL E 216 -3.01 9.08 -42.36
N ILE E 217 -3.24 9.48 -41.11
CA ILE E 217 -3.96 10.73 -40.86
C ILE E 217 -3.14 11.91 -41.37
N LEU E 218 -1.82 11.86 -41.19
CA LEU E 218 -0.97 12.92 -41.72
C LEU E 218 -1.06 13.00 -43.24
N ASN E 219 -1.06 11.84 -43.91
CA ASN E 219 -1.16 11.84 -45.36
C ASN E 219 -2.55 12.22 -45.85
N THR E 220 -3.59 11.97 -45.04
CA THR E 220 -4.95 12.28 -45.47
C THR E 220 -5.27 13.76 -45.29
N LEU E 221 -4.98 14.31 -44.10
CA LEU E 221 -5.35 15.68 -43.78
C LEU E 221 -4.31 16.69 -44.22
N LYS E 222 -3.04 16.30 -44.27
CA LYS E 222 -1.94 17.18 -44.64
C LYS E 222 -2.00 18.53 -43.92
N PRO E 223 -1.94 18.52 -42.58
CA PRO E 223 -2.05 19.78 -41.85
C PRO E 223 -0.79 20.62 -42.01
N LYS E 224 -0.93 21.91 -41.70
CA LYS E 224 0.24 22.80 -41.75
C LYS E 224 1.27 22.42 -40.69
N TYR E 225 0.81 21.95 -39.53
CA TYR E 225 1.69 21.53 -38.45
C TYR E 225 1.17 20.23 -37.86
N TRP E 226 2.29 19.37 -37.47
CA TRP E 226 2.00 18.16 -36.74
C TRP E 226 2.94 18.09 -35.54
N ILE E 227 2.37 18.15 -34.34
CA ILE E 227 3.14 18.18 -33.10
C ILE E 227 2.90 16.88 -32.35
N SER E 228 3.94 16.31 -32.06
CA SER E 228 3.91 15.06 -31.31
C SER E 228 4.91 15.13 -30.17
N GLY E 229 4.84 14.12 -29.30
CA GLY E 229 5.77 13.99 -28.19
C GLY E 229 6.18 12.56 -27.96
N HIS E 230 5.94 12.06 -26.75
CA HIS E 230 6.10 10.65 -26.38
C HIS E 230 7.56 10.21 -26.30
N MET E 231 8.41 10.69 -27.22
CA MET E 231 9.78 10.20 -27.31
C MET E 231 10.76 10.97 -26.43
N HIS E 232 10.31 12.03 -25.74
CA HIS E 232 11.13 12.75 -24.75
C HIS E 232 12.37 13.39 -25.37
N CYS E 233 12.23 13.93 -26.57
CA CYS E 233 13.34 14.57 -27.25
C CYS E 233 12.80 15.57 -28.25
N GLU E 234 13.69 16.47 -28.68
CA GLU E 234 13.42 17.47 -29.70
C GLU E 234 13.66 16.88 -31.09
N TYR E 235 12.81 17.24 -32.03
CA TYR E 235 13.01 16.78 -33.40
C TYR E 235 12.04 17.55 -34.28
N HIS E 236 12.51 17.93 -35.48
CA HIS E 236 11.66 18.53 -36.50
C HIS E 236 11.91 17.84 -37.83
N ALA E 237 10.89 17.83 -38.68
CA ALA E 237 10.94 17.12 -39.96
C ALA E 237 9.92 17.75 -40.90
N GLU E 238 10.05 17.41 -42.18
CA GLU E 238 9.17 17.94 -43.22
C GLU E 238 8.70 16.80 -44.10
N GLU E 239 7.39 16.59 -44.13
CA GLU E 239 6.75 15.61 -45.00
C GLU E 239 5.71 16.36 -45.84
N GLY E 240 6.05 16.62 -47.11
CA GLY E 240 5.21 17.40 -47.98
C GLY E 240 5.03 18.82 -47.47
N PRO E 241 3.77 19.28 -47.37
CA PRO E 241 3.51 20.62 -46.85
C PRO E 241 3.44 20.70 -45.33
N THR E 242 3.61 19.58 -44.63
CA THR E 242 3.38 19.51 -43.19
C THR E 242 4.68 19.73 -42.42
N HIS E 243 4.66 20.69 -41.50
CA HIS E 243 5.77 20.92 -40.59
C HIS E 243 5.63 20.00 -39.37
N PHE E 244 6.57 19.08 -39.20
CA PHE E 244 6.56 18.18 -38.05
C PHE E 244 7.44 18.73 -36.94
N ILE E 245 6.94 18.66 -35.71
CA ILE E 245 7.65 19.17 -34.53
C ILE E 245 7.45 18.18 -33.39
N ALA E 246 8.56 17.66 -32.86
CA ALA E 246 8.54 16.76 -31.70
C ALA E 246 9.06 17.47 -30.46
N LEU E 247 8.44 17.18 -29.32
CA LEU E 247 8.77 17.85 -28.06
C LEU E 247 9.08 16.81 -26.99
N GLY E 248 9.75 17.27 -25.93
CA GLY E 248 10.17 16.42 -24.84
C GLY E 248 9.23 16.48 -23.65
N LYS E 249 9.73 16.01 -22.51
CA LYS E 249 8.95 15.96 -21.28
C LYS E 249 9.25 17.16 -20.40
N ILE E 250 8.23 17.64 -19.69
CA ILE E 250 8.38 18.76 -18.79
C ILE E 250 9.43 18.42 -17.73
N GLY E 251 10.31 19.39 -17.45
CA GLY E 251 11.42 19.17 -16.55
C GLY E 251 12.75 19.29 -17.27
N TYR E 252 12.76 18.84 -18.52
CA TYR E 252 13.88 19.02 -19.43
C TYR E 252 13.49 20.14 -20.39
N LYS E 253 14.18 21.28 -20.31
CA LYS E 253 13.72 22.50 -20.95
C LYS E 253 13.83 22.45 -22.48
N ASN E 254 13.49 21.30 -23.06
CA ASN E 254 13.28 21.15 -24.50
C ASN E 254 11.84 20.73 -24.80
N ALA E 255 10.96 20.77 -23.81
CA ALA E 255 9.59 20.28 -23.92
C ALA E 255 8.63 21.33 -24.47
N ILE E 256 8.91 22.62 -24.23
CA ILE E 256 7.99 23.69 -24.57
C ILE E 256 8.62 24.53 -25.67
N SER E 257 7.96 24.58 -26.82
CA SER E 257 8.29 25.46 -27.93
C SER E 257 7.11 26.41 -28.15
N TYR E 258 7.25 27.28 -29.15
CA TYR E 258 6.23 28.30 -29.38
C TYR E 258 6.04 28.54 -30.87
N LEU E 259 4.79 28.53 -31.30
CA LEU E 259 4.41 28.84 -32.68
C LEU E 259 3.87 30.27 -32.73
N ASP E 260 4.34 31.03 -33.71
CA ASP E 260 3.92 32.42 -33.87
C ASP E 260 3.05 32.54 -35.13
N LEU E 261 1.86 31.95 -35.05
CA LEU E 261 0.95 31.91 -36.18
C LEU E 261 0.22 33.25 -36.33
N PRO E 262 -0.24 33.56 -37.54
CA PRO E 262 -0.98 34.82 -37.72
C PRO E 262 -2.32 34.80 -37.01
N LEU E 263 -2.68 35.93 -36.43
CA LEU E 263 -3.94 36.09 -35.69
C LEU E 263 -4.88 36.92 -36.54
N LYS E 264 -5.74 36.24 -37.30
CA LYS E 264 -6.74 36.90 -38.13
C LYS E 264 -8.05 37.15 -37.40
N GLN E 265 -8.19 36.64 -36.18
CA GLN E 265 -9.48 36.57 -35.52
C GLN E 265 -9.31 36.02 -34.11
N LYS E 266 -9.83 36.72 -33.10
CA LYS E 266 -9.80 36.22 -31.73
C LYS E 266 -11.19 35.64 -31.42
N THR E 267 -11.26 34.32 -31.34
CA THR E 267 -12.52 33.61 -31.16
C THR E 267 -12.37 32.57 -30.04
N ASP E 268 -13.42 32.41 -29.25
CA ASP E 268 -13.39 31.46 -28.16
C ASP E 268 -13.32 30.03 -28.70
N LEU E 269 -13.00 29.10 -27.80
CA LEU E 269 -12.93 27.69 -28.16
C LEU E 269 -14.32 27.19 -28.52
N GLU E 270 -14.47 26.71 -29.76
CA GLU E 270 -15.76 26.23 -30.25
C GLU E 270 -15.57 24.89 -30.97
N TYR E 271 -16.66 24.14 -31.06
CA TYR E 271 -16.65 22.89 -31.81
C TYR E 271 -16.53 23.15 -33.30
N ASP E 272 -15.79 22.27 -33.98
CA ASP E 272 -15.68 22.35 -35.43
C ASP E 272 -16.94 21.81 -36.08
N LYS E 273 -17.47 22.56 -37.05
CA LYS E 273 -18.73 22.17 -37.67
C LYS E 273 -18.60 20.86 -38.44
N ASP E 274 -17.52 20.70 -39.19
CA ASP E 274 -17.32 19.45 -39.93
C ASP E 274 -17.23 18.26 -38.99
N TRP E 275 -16.53 18.42 -37.86
CA TRP E 275 -16.44 17.33 -36.89
C TRP E 275 -17.78 17.05 -36.23
N VAL E 276 -18.54 18.09 -35.91
CA VAL E 276 -19.85 17.92 -35.29
C VAL E 276 -20.77 17.11 -36.21
N CYS E 277 -20.72 17.37 -37.52
CA CYS E 277 -21.54 16.61 -38.45
C CYS E 277 -21.06 15.16 -38.53
N ASN E 278 -19.75 14.94 -38.54
CA ASN E 278 -19.23 13.58 -38.48
C ASN E 278 -19.66 12.88 -37.19
N LEU E 279 -19.69 13.63 -36.08
CA LEU E 279 -20.05 13.05 -34.79
C LEU E 279 -21.51 12.59 -34.77
N ILE E 280 -22.40 13.36 -35.39
CA ILE E 280 -23.82 13.01 -35.37
C ILE E 280 -24.13 11.86 -36.32
N MET E 281 -23.59 11.92 -37.54
CA MET E 281 -23.92 10.92 -38.55
C MET E 281 -23.34 9.54 -38.25
N THR E 282 -22.40 9.43 -37.32
CA THR E 282 -21.83 8.14 -36.95
C THR E 282 -22.45 7.56 -35.71
N TRP E 283 -23.49 8.20 -35.16
CA TRP E 283 -24.11 7.72 -33.93
C TRP E 283 -24.57 6.26 -33.97
N PRO E 284 -25.11 5.72 -35.08
CA PRO E 284 -25.46 4.29 -35.08
C PRO E 284 -24.34 3.36 -34.63
N ALA E 285 -23.09 3.67 -34.99
CA ALA E 285 -21.97 2.83 -34.56
C ALA E 285 -21.66 2.99 -33.08
N PHE E 286 -22.13 4.06 -32.45
CA PHE E 286 -21.87 4.34 -31.05
C PHE E 286 -23.11 4.25 -30.18
N SER E 287 -24.20 3.68 -30.70
CA SER E 287 -25.45 3.67 -29.95
C SER E 287 -25.38 2.76 -28.73
N ASN E 288 -24.51 1.76 -28.76
CA ASN E 288 -24.37 0.83 -27.65
C ASN E 288 -23.37 1.40 -26.65
N LYS E 289 -23.88 1.85 -25.50
CA LYS E 289 -23.01 2.46 -24.50
C LYS E 289 -22.06 1.45 -23.86
N ALA E 290 -22.39 0.16 -23.91
CA ALA E 290 -21.55 -0.85 -23.28
C ALA E 290 -20.36 -1.25 -24.14
N GLN E 291 -20.44 -1.03 -25.45
CA GLN E 291 -19.35 -1.41 -26.35
C GLN E 291 -19.45 -0.56 -27.60
N PHE E 292 -18.45 0.27 -27.86
CA PHE E 292 -18.44 1.13 -29.03
C PHE E 292 -17.01 1.35 -29.51
N PRO E 293 -16.82 1.59 -30.83
CA PRO E 293 -17.87 1.60 -31.86
C PRO E 293 -18.21 0.21 -32.41
N ASP E 294 -19.47 0.02 -32.79
CA ASP E 294 -19.91 -1.20 -33.44
C ASP E 294 -19.40 -1.20 -34.88
N LEU E 295 -18.29 -1.91 -35.12
CA LEU E 295 -17.64 -1.88 -36.41
C LEU E 295 -18.33 -2.73 -37.46
N SER E 296 -19.48 -3.34 -37.15
CA SER E 296 -20.31 -3.90 -38.20
C SER E 296 -20.84 -2.79 -39.11
N TYR E 297 -20.99 -1.59 -38.57
CA TYR E 297 -21.22 -0.40 -39.38
C TYR E 297 -19.93 0.03 -40.04
N SER E 298 -20.06 0.66 -41.21
CA SER E 298 -18.94 1.25 -41.93
C SER E 298 -18.94 2.75 -41.64
N ILE E 299 -17.93 3.22 -40.91
CA ILE E 299 -17.86 4.63 -40.56
C ILE E 299 -17.81 5.49 -41.81
N SER E 300 -17.06 5.06 -42.82
CA SER E 300 -17.01 5.81 -44.07
C SER E 300 -18.36 5.84 -44.76
N GLU E 301 -19.11 4.73 -44.69
CA GLU E 301 -20.43 4.69 -45.29
C GLU E 301 -21.42 5.53 -44.49
N LEU E 302 -21.32 5.50 -43.16
CA LEU E 302 -22.14 6.37 -42.33
C LEU E 302 -21.86 7.83 -42.63
N LEU E 303 -20.61 8.16 -42.96
CA LEU E 303 -20.25 9.54 -43.27
C LEU E 303 -20.63 9.94 -44.69
N SER E 304 -20.73 8.96 -45.60
CA SER E 304 -21.11 9.27 -46.97
C SER E 304 -22.55 9.76 -47.08
N LYS E 305 -23.36 9.59 -46.04
CA LYS E 305 -24.73 10.06 -46.03
C LYS E 305 -24.84 11.54 -45.67
N ARG E 306 -23.71 12.24 -45.50
CA ARG E 306 -23.74 13.66 -45.22
C ARG E 306 -24.09 14.45 -46.47
N THR E 307 -24.98 15.42 -46.31
CA THR E 307 -25.31 16.36 -47.37
C THR E 307 -25.23 17.78 -46.81
N LYS E 308 -25.18 18.75 -47.72
CA LYS E 308 -25.07 20.15 -47.29
C LYS E 308 -26.30 20.58 -46.51
N GLU E 309 -27.49 20.21 -46.99
CA GLU E 309 -28.71 20.52 -46.27
C GLU E 309 -28.74 19.82 -44.92
N LEU E 310 -28.28 18.57 -44.86
CA LEU E 310 -28.29 17.83 -43.60
C LEU E 310 -27.23 18.36 -42.65
N ASP E 311 -26.09 18.83 -43.16
CA ASP E 311 -25.07 19.40 -42.31
C ASP E 311 -25.57 20.67 -41.63
N LYS E 312 -26.37 21.47 -42.33
CA LYS E 312 -26.85 22.73 -41.75
C LYS E 312 -27.92 22.50 -40.69
N LYS E 313 -28.73 21.44 -40.84
CA LYS E 313 -29.72 21.13 -39.82
C LYS E 313 -29.05 20.58 -38.56
N ILE E 314 -27.90 19.91 -38.71
CA ILE E 314 -27.17 19.42 -37.55
C ILE E 314 -26.59 20.56 -36.74
N ILE E 315 -26.01 21.56 -37.42
CA ILE E 315 -25.40 22.69 -36.71
C ILE E 315 -26.44 23.48 -35.94
N GLU E 316 -27.60 23.72 -36.54
CA GLU E 316 -28.64 24.49 -35.86
C GLU E 316 -29.23 23.72 -34.69
N LEU E 317 -29.27 22.38 -34.77
CA LEU E 317 -29.72 21.60 -33.63
C LEU E 317 -28.61 21.47 -32.58
N TRP E 318 -27.36 21.35 -33.02
CA TRP E 318 -26.24 21.32 -32.07
C TRP E 318 -26.13 22.63 -31.32
N GLU E 319 -26.28 23.76 -32.03
CA GLU E 319 -26.22 25.05 -31.37
C GLU E 319 -27.37 25.24 -30.40
N LYS E 320 -28.49 24.55 -30.63
CA LYS E 320 -29.65 24.65 -29.74
C LYS E 320 -29.44 23.87 -28.45
N TYR E 321 -29.04 22.60 -28.56
CA TYR E 321 -28.98 21.73 -27.40
C TYR E 321 -27.66 21.83 -26.64
N ILE E 322 -26.56 22.11 -27.34
CA ILE E 322 -25.23 22.12 -26.74
C ILE E 322 -24.60 23.50 -26.84
N GLY E 323 -24.71 24.16 -27.99
CA GLY E 323 -24.04 25.42 -28.18
C GLY E 323 -22.72 25.24 -28.91
N LEU E 324 -22.36 26.24 -29.71
CA LEU E 324 -21.12 26.12 -30.46
C LEU E 324 -19.90 26.36 -29.60
N LYS E 325 -20.00 27.20 -28.58
CA LYS E 325 -18.88 27.44 -27.68
C LYS E 325 -18.72 26.28 -26.70
N ILE E 326 -17.48 25.83 -26.54
CA ILE E 326 -17.15 24.79 -25.57
C ILE E 326 -17.03 25.43 -24.20
N ILE E 327 -17.97 25.12 -23.31
CA ILE E 327 -18.06 25.75 -22.00
C ILE E 327 -17.69 24.74 -20.93
N TYR E 328 -17.28 25.27 -19.77
CA TYR E 328 -16.87 24.41 -18.68
C TYR E 328 -18.08 23.77 -18.02
N ASP E 329 -17.97 22.46 -17.76
CA ASP E 329 -19.04 21.69 -17.15
C ASP E 329 -18.44 20.90 -15.99
N SER E 330 -18.95 21.13 -14.78
CA SER E 330 -18.41 20.52 -13.58
C SER E 330 -19.18 19.28 -13.14
N ASP E 331 -20.05 18.74 -13.98
CA ASP E 331 -20.67 17.46 -13.68
C ASP E 331 -19.60 16.37 -13.68
N THR E 332 -19.88 15.30 -12.95
CA THR E 332 -18.95 14.17 -12.94
C THR E 332 -18.82 13.60 -14.34
N PHE E 333 -17.66 13.01 -14.61
CA PHE E 333 -17.35 12.60 -15.98
C PHE E 333 -18.27 11.48 -16.46
N ASP E 334 -18.81 10.68 -15.54
CA ASP E 334 -19.79 9.69 -15.94
C ASP E 334 -21.12 10.34 -16.34
N ILE E 335 -21.46 11.46 -15.70
CA ILE E 335 -22.66 12.20 -16.08
C ILE E 335 -22.44 12.90 -17.44
N GLN E 336 -21.25 13.48 -17.64
CA GLN E 336 -20.96 14.12 -18.91
C GLN E 336 -20.94 13.13 -20.06
N PHE E 337 -20.54 11.88 -19.79
CA PHE E 337 -20.60 10.83 -20.80
C PHE E 337 -22.03 10.63 -21.28
N THR E 338 -22.97 10.50 -20.34
CA THR E 338 -24.36 10.25 -20.70
C THR E 338 -25.01 11.48 -21.33
N SER E 339 -24.69 12.67 -20.82
CA SER E 339 -25.34 13.88 -21.30
C SER E 339 -24.99 14.17 -22.75
N ARG E 340 -23.70 14.08 -23.09
CA ARG E 340 -23.27 14.39 -24.46
C ARG E 340 -23.83 13.37 -25.45
N ARG E 341 -23.81 12.09 -25.08
CA ARG E 341 -24.37 11.07 -25.96
C ARG E 341 -25.89 11.20 -26.11
N PHE E 342 -26.56 11.72 -25.07
CA PHE E 342 -28.00 11.93 -25.16
C PHE E 342 -28.36 12.91 -26.27
N TYR E 343 -27.58 14.00 -26.39
CA TYR E 343 -27.89 15.01 -27.39
C TYR E 343 -27.35 14.64 -28.77
N ILE E 344 -26.27 13.84 -28.81
CA ILE E 344 -25.82 13.30 -30.09
C ILE E 344 -26.90 12.42 -30.70
N GLU E 345 -27.54 11.59 -29.88
CA GLU E 345 -28.62 10.73 -30.38
C GLU E 345 -29.85 11.57 -30.75
N LYS E 346 -30.18 12.57 -29.94
CA LYS E 346 -31.37 13.38 -30.21
C LYS E 346 -31.25 14.14 -31.52
N ILE E 347 -30.06 14.69 -31.79
CA ILE E 347 -29.87 15.40 -33.06
C ILE E 347 -30.01 14.43 -34.22
N TYR E 348 -29.42 13.24 -34.09
CA TYR E 348 -29.54 12.23 -35.14
C TYR E 348 -30.98 11.80 -35.31
N ASN E 349 -31.68 11.55 -34.20
CA ASN E 349 -33.06 11.10 -34.26
C ASN E 349 -34.03 12.23 -34.60
N GLU E 350 -33.56 13.46 -34.76
CA GLU E 350 -34.39 14.54 -35.25
C GLU E 350 -34.22 14.74 -36.75
N LEU E 351 -33.25 14.05 -37.35
CA LEU E 351 -33.13 13.90 -38.80
C LEU E 351 -33.75 12.55 -39.14
N ASN E 352 -34.70 12.55 -40.07
CA ASN E 352 -35.55 11.38 -40.27
C ASN E 352 -34.92 10.42 -41.27
N ILE E 353 -34.55 9.24 -40.78
CA ILE E 353 -34.07 8.08 -41.54
C ILE E 353 -34.48 8.07 -43.02
#